data_2FZJ
# 
_entry.id   2FZJ 
# 
_audit_conform.dict_name       mmcif_pdbx.dic 
_audit_conform.dict_version    5.377 
_audit_conform.dict_location   http://mmcif.pdb.org/dictionaries/ascii/mmcif_pdbx.dic 
# 
loop_
_database_2.database_id 
_database_2.database_code 
_database_2.pdbx_database_accession 
_database_2.pdbx_DOI 
PDB   2FZJ         pdb_00002fzj 10.2210/pdb2fzj/pdb 
RCSB  RCSB036499   ?            ?                   
WWPDB D_1000036499 ?            ?                   
# 
_pdbx_database_related.db_name        PDB 
_pdbx_database_related.db_id          1u70 
_pdbx_database_related.details        'mouse DHFR' 
_pdbx_database_related.content_type   unspecified 
# 
_pdbx_database_status.status_code                     REL 
_pdbx_database_status.entry_id                        2FZJ 
_pdbx_database_status.recvd_initial_deposition_date   2006-02-09 
_pdbx_database_status.deposit_site                    RCSB 
_pdbx_database_status.process_site                    RCSB 
_pdbx_database_status.status_code_sf                  REL 
_pdbx_database_status.status_code_mr                  ? 
_pdbx_database_status.SG_entry                        ? 
_pdbx_database_status.status_code_cs                  ? 
_pdbx_database_status.pdb_format_compatible           Y 
_pdbx_database_status.status_code_nmr_data            ? 
_pdbx_database_status.methods_development_category    ? 
# 
loop_
_audit_author.name 
_audit_author.pdbx_ordinal 
'Cody, V.'     1 
'Pace, J.'     2 
'Chisum, K.'   3 
'Rosowsky, A.' 4 
# 
_citation.id                        primary 
_citation.title                     
;New insights into DHFR interactions: analysis of Pneumocystis carinii and mouse DHFR complexes with NADPH and two highly potent 5-(omega-carboxy(alkyloxy) trimethoprim derivatives reveals conformational correlations with activity and novel parallel ring stacking interactions.
;
_citation.journal_abbrev            Proteins 
_citation.journal_volume            65 
_citation.page_first                959 
_citation.page_last                 969 
_citation.year                      2006 
_citation.journal_id_ASTM           PSFGEY 
_citation.country                   US 
_citation.journal_id_ISSN           0887-3585 
_citation.journal_id_CSD            0867 
_citation.book_publisher            ? 
_citation.pdbx_database_id_PubMed   17019704 
_citation.pdbx_database_id_DOI      10.1002/prot.21131 
# 
loop_
_citation_author.citation_id 
_citation_author.name 
_citation_author.ordinal 
_citation_author.identifier_ORCID 
primary 'Cody, V.'     1 ? 
primary 'Pace, J.'     2 ? 
primary 'Chisum, K.'   3 ? 
primary 'Rosowsky, A.' 4 ? 
# 
_cell.entry_id           2FZJ 
_cell.length_a           41.806 
_cell.length_b           61.034 
_cell.length_c           43.080 
_cell.angle_alpha        90.00 
_cell.angle_beta         118.00 
_cell.angle_gamma        90.00 
_cell.Z_PDB              2 
_cell.pdbx_unique_axis   ? 
_cell.length_a_esd       ? 
_cell.length_b_esd       ? 
_cell.length_c_esd       ? 
_cell.angle_alpha_esd    ? 
_cell.angle_beta_esd     ? 
_cell.angle_gamma_esd    ? 
# 
_symmetry.entry_id                         2FZJ 
_symmetry.space_group_name_H-M             'P 1 21 1' 
_symmetry.pdbx_full_space_group_name_H-M   ? 
_symmetry.cell_setting                     ? 
_symmetry.Int_Tables_number                4 
_symmetry.space_group_name_Hall            ? 
# 
loop_
_entity.id 
_entity.type 
_entity.src_method 
_entity.pdbx_description 
_entity.formula_weight 
_entity.pdbx_number_of_molecules 
_entity.pdbx_ec 
_entity.pdbx_mutation 
_entity.pdbx_fragment 
_entity.details 
1 polymer     man 'Dihydrofolate reductase'                                                     21503.844 1   1.5.1.3 ? ? ? 
2 non-polymer syn 'NADPH DIHYDRO-NICOTINAMIDE-ADENINE-DINUCLEOTIDE PHOSPHATE'                   745.421   1   ?       ? ? ? 
3 non-polymer syn 
;2,4-DIAMINO-5-[3',4'-DIMETHOXY-5'-(5-CARBOXYL-1-PENTYNYL)]BENZYL PYRIMIDINE
;
370.402   1   ?       ? ? ? 
4 water       nat water                                                                         18.015    123 ?       ? ? ? 
# 
_entity_poly.entity_id                      1 
_entity_poly.type                           'polypeptide(L)' 
_entity_poly.nstd_linkage                   no 
_entity_poly.nstd_monomer                   no 
_entity_poly.pdbx_seq_one_letter_code       
;VRPLNCIVAVSQNMGIGKNGDLPWPPLRNEFKYFQRMTTTSSVEGKQNLVIMGRKTWFSIPEKNRPLKDRINIVLSRELK
EPPRGAHFLAKSLDDALRLIEQPELASKVDMVWIVGGSSVYQEAMNQPGHLRLFVTRIMQEFESDTFFPEIDLGKYKLLP
EYPGVLSEVQEEKGIKYKFEVYEKKD
;
_entity_poly.pdbx_seq_one_letter_code_can   
;VRPLNCIVAVSQNMGIGKNGDLPWPPLRNEFKYFQRMTTTSSVEGKQNLVIMGRKTWFSIPEKNRPLKDRINIVLSRELK
EPPRGAHFLAKSLDDALRLIEQPELASKVDMVWIVGGSSVYQEAMNQPGHLRLFVTRIMQEFESDTFFPEIDLGKYKLLP
EYPGVLSEVQEEKGIKYKFEVYEKKD
;
_entity_poly.pdbx_strand_id                 A 
_entity_poly.pdbx_target_identifier         ? 
# 
loop_
_entity_poly_seq.entity_id 
_entity_poly_seq.num 
_entity_poly_seq.mon_id 
_entity_poly_seq.hetero 
1 1   VAL n 
1 2   ARG n 
1 3   PRO n 
1 4   LEU n 
1 5   ASN n 
1 6   CYS n 
1 7   ILE n 
1 8   VAL n 
1 9   ALA n 
1 10  VAL n 
1 11  SER n 
1 12  GLN n 
1 13  ASN n 
1 14  MET n 
1 15  GLY n 
1 16  ILE n 
1 17  GLY n 
1 18  LYS n 
1 19  ASN n 
1 20  GLY n 
1 21  ASP n 
1 22  LEU n 
1 23  PRO n 
1 24  TRP n 
1 25  PRO n 
1 26  PRO n 
1 27  LEU n 
1 28  ARG n 
1 29  ASN n 
1 30  GLU n 
1 31  PHE n 
1 32  LYS n 
1 33  TYR n 
1 34  PHE n 
1 35  GLN n 
1 36  ARG n 
1 37  MET n 
1 38  THR n 
1 39  THR n 
1 40  THR n 
1 41  SER n 
1 42  SER n 
1 43  VAL n 
1 44  GLU n 
1 45  GLY n 
1 46  LYS n 
1 47  GLN n 
1 48  ASN n 
1 49  LEU n 
1 50  VAL n 
1 51  ILE n 
1 52  MET n 
1 53  GLY n 
1 54  ARG n 
1 55  LYS n 
1 56  THR n 
1 57  TRP n 
1 58  PHE n 
1 59  SER n 
1 60  ILE n 
1 61  PRO n 
1 62  GLU n 
1 63  LYS n 
1 64  ASN n 
1 65  ARG n 
1 66  PRO n 
1 67  LEU n 
1 68  LYS n 
1 69  ASP n 
1 70  ARG n 
1 71  ILE n 
1 72  ASN n 
1 73  ILE n 
1 74  VAL n 
1 75  LEU n 
1 76  SER n 
1 77  ARG n 
1 78  GLU n 
1 79  LEU n 
1 80  LYS n 
1 81  GLU n 
1 82  PRO n 
1 83  PRO n 
1 84  ARG n 
1 85  GLY n 
1 86  ALA n 
1 87  HIS n 
1 88  PHE n 
1 89  LEU n 
1 90  ALA n 
1 91  LYS n 
1 92  SER n 
1 93  LEU n 
1 94  ASP n 
1 95  ASP n 
1 96  ALA n 
1 97  LEU n 
1 98  ARG n 
1 99  LEU n 
1 100 ILE n 
1 101 GLU n 
1 102 GLN n 
1 103 PRO n 
1 104 GLU n 
1 105 LEU n 
1 106 ALA n 
1 107 SER n 
1 108 LYS n 
1 109 VAL n 
1 110 ASP n 
1 111 MET n 
1 112 VAL n 
1 113 TRP n 
1 114 ILE n 
1 115 VAL n 
1 116 GLY n 
1 117 GLY n 
1 118 SER n 
1 119 SER n 
1 120 VAL n 
1 121 TYR n 
1 122 GLN n 
1 123 GLU n 
1 124 ALA n 
1 125 MET n 
1 126 ASN n 
1 127 GLN n 
1 128 PRO n 
1 129 GLY n 
1 130 HIS n 
1 131 LEU n 
1 132 ARG n 
1 133 LEU n 
1 134 PHE n 
1 135 VAL n 
1 136 THR n 
1 137 ARG n 
1 138 ILE n 
1 139 MET n 
1 140 GLN n 
1 141 GLU n 
1 142 PHE n 
1 143 GLU n 
1 144 SER n 
1 145 ASP n 
1 146 THR n 
1 147 PHE n 
1 148 PHE n 
1 149 PRO n 
1 150 GLU n 
1 151 ILE n 
1 152 ASP n 
1 153 LEU n 
1 154 GLY n 
1 155 LYS n 
1 156 TYR n 
1 157 LYS n 
1 158 LEU n 
1 159 LEU n 
1 160 PRO n 
1 161 GLU n 
1 162 TYR n 
1 163 PRO n 
1 164 GLY n 
1 165 VAL n 
1 166 LEU n 
1 167 SER n 
1 168 GLU n 
1 169 VAL n 
1 170 GLN n 
1 171 GLU n 
1 172 GLU n 
1 173 LYS n 
1 174 GLY n 
1 175 ILE n 
1 176 LYS n 
1 177 TYR n 
1 178 LYS n 
1 179 PHE n 
1 180 GLU n 
1 181 VAL n 
1 182 TYR n 
1 183 GLU n 
1 184 LYS n 
1 185 LYS n 
1 186 ASP n 
# 
_entity_src_gen.entity_id                          1 
_entity_src_gen.pdbx_src_id                        1 
_entity_src_gen.pdbx_alt_source_flag               sample 
_entity_src_gen.pdbx_seq_type                      ? 
_entity_src_gen.pdbx_beg_seq_num                   ? 
_entity_src_gen.pdbx_end_seq_num                   ? 
_entity_src_gen.gene_src_common_name               'house mouse' 
_entity_src_gen.gene_src_genus                     Mus 
_entity_src_gen.pdbx_gene_src_gene                 Dhfr 
_entity_src_gen.gene_src_species                   ? 
_entity_src_gen.gene_src_strain                    ? 
_entity_src_gen.gene_src_tissue                    ? 
_entity_src_gen.gene_src_tissue_fraction           ? 
_entity_src_gen.gene_src_details                   ? 
_entity_src_gen.pdbx_gene_src_fragment             ? 
_entity_src_gen.pdbx_gene_src_scientific_name      'Mus musculus' 
_entity_src_gen.pdbx_gene_src_ncbi_taxonomy_id     10090 
_entity_src_gen.pdbx_gene_src_variant              ? 
_entity_src_gen.pdbx_gene_src_cell_line            ? 
_entity_src_gen.pdbx_gene_src_atcc                 ? 
_entity_src_gen.pdbx_gene_src_organ                ? 
_entity_src_gen.pdbx_gene_src_organelle            ? 
_entity_src_gen.pdbx_gene_src_cell                 ? 
_entity_src_gen.pdbx_gene_src_cellular_location    ? 
_entity_src_gen.host_org_common_name               ? 
_entity_src_gen.pdbx_host_org_scientific_name      'Escherichia coli' 
_entity_src_gen.pdbx_host_org_ncbi_taxonomy_id     562 
_entity_src_gen.host_org_genus                     Escherichia 
_entity_src_gen.pdbx_host_org_gene                 ? 
_entity_src_gen.pdbx_host_org_organ                ? 
_entity_src_gen.host_org_species                   ? 
_entity_src_gen.pdbx_host_org_tissue               ? 
_entity_src_gen.pdbx_host_org_tissue_fraction      ? 
_entity_src_gen.pdbx_host_org_strain               jm109 
_entity_src_gen.pdbx_host_org_variant              ? 
_entity_src_gen.pdbx_host_org_cell_line            ? 
_entity_src_gen.pdbx_host_org_atcc                 ? 
_entity_src_gen.pdbx_host_org_culture_collection   ? 
_entity_src_gen.pdbx_host_org_cell                 ? 
_entity_src_gen.pdbx_host_org_organelle            ? 
_entity_src_gen.pdbx_host_org_cellular_location    ? 
_entity_src_gen.pdbx_host_org_vector_type          PLASMID 
_entity_src_gen.pdbx_host_org_vector               ? 
_entity_src_gen.host_org_details                   ? 
_entity_src_gen.expression_system_id               ? 
_entity_src_gen.plasmid_name                       pPH70D 
_entity_src_gen.plasmid_details                    ? 
_entity_src_gen.pdbx_description                   ? 
# 
_struct_ref.id                         1 
_struct_ref.db_name                    UNP 
_struct_ref.db_code                    DYR_MOUSE 
_struct_ref.pdbx_db_accession          P00375 
_struct_ref.entity_id                  1 
_struct_ref.pdbx_seq_one_letter_code   
;VRPLNCIVAVSQNMGIGKNGDLPWPPLRNEFKYFQRMTTTSSVEGKQNLVIMGRKTWFSIPEKNRPLKDRINIVLSRELK
EPPRGAHFLAKSLDDALRLIEQPELASKVDMVWIVGGSSVYQEAMNQPGHLRLFVTRIMQEFESDTFFPEIDLGKYKLLP
EYPGVLSEVQEEKGIKYKFEVYEKKD
;
_struct_ref.pdbx_align_begin           1 
_struct_ref.pdbx_db_isoform            ? 
# 
_struct_ref_seq.align_id                      1 
_struct_ref_seq.ref_id                        1 
_struct_ref_seq.pdbx_PDB_id_code              2FZJ 
_struct_ref_seq.pdbx_strand_id                A 
_struct_ref_seq.seq_align_beg                 1 
_struct_ref_seq.pdbx_seq_align_beg_ins_code   ? 
_struct_ref_seq.seq_align_end                 186 
_struct_ref_seq.pdbx_seq_align_end_ins_code   ? 
_struct_ref_seq.pdbx_db_accession             P00375 
_struct_ref_seq.db_align_beg                  1 
_struct_ref_seq.pdbx_db_align_beg_ins_code    ? 
_struct_ref_seq.db_align_end                  186 
_struct_ref_seq.pdbx_db_align_end_ins_code    ? 
_struct_ref_seq.pdbx_auth_seq_align_beg       1 
_struct_ref_seq.pdbx_auth_seq_align_end       186 
# 
loop_
_chem_comp.id 
_chem_comp.type 
_chem_comp.mon_nstd_flag 
_chem_comp.name 
_chem_comp.pdbx_synonyms 
_chem_comp.formula 
_chem_comp.formula_weight 
ALA 'L-peptide linking' y ALANINE                                                                       ? 'C3 H7 N O2'        
89.093  
ARG 'L-peptide linking' y ARGININE                                                                      ? 'C6 H15 N4 O2 1'    
175.209 
ASN 'L-peptide linking' y ASPARAGINE                                                                    ? 'C4 H8 N2 O3'       
132.118 
ASP 'L-peptide linking' y 'ASPARTIC ACID'                                                               ? 'C4 H7 N O4'        
133.103 
CYS 'L-peptide linking' y CYSTEINE                                                                      ? 'C3 H7 N O2 S'      
121.158 
DH3 non-polymer         . 
;2,4-DIAMINO-5-[3',4'-DIMETHOXY-5'-(5-CARBOXYL-1-PENTYNYL)]BENZYL PYRIMIDINE
;
? 'C19 H22 N4 O4'     370.402 
GLN 'L-peptide linking' y GLUTAMINE                                                                     ? 'C5 H10 N2 O3'      
146.144 
GLU 'L-peptide linking' y 'GLUTAMIC ACID'                                                               ? 'C5 H9 N O4'        
147.129 
GLY 'peptide linking'   y GLYCINE                                                                       ? 'C2 H5 N O2'        
75.067  
HIS 'L-peptide linking' y HISTIDINE                                                                     ? 'C6 H10 N3 O2 1'    
156.162 
HOH non-polymer         . WATER                                                                         ? 'H2 O'              
18.015  
ILE 'L-peptide linking' y ISOLEUCINE                                                                    ? 'C6 H13 N O2'       
131.173 
LEU 'L-peptide linking' y LEUCINE                                                                       ? 'C6 H13 N O2'       
131.173 
LYS 'L-peptide linking' y LYSINE                                                                        ? 'C6 H15 N2 O2 1'    
147.195 
MET 'L-peptide linking' y METHIONINE                                                                    ? 'C5 H11 N O2 S'     
149.211 
NDP non-polymer         . 'NADPH DIHYDRO-NICOTINAMIDE-ADENINE-DINUCLEOTIDE PHOSPHATE'                   ? 'C21 H30 N7 O17 P3' 
745.421 
PHE 'L-peptide linking' y PHENYLALANINE                                                                 ? 'C9 H11 N O2'       
165.189 
PRO 'L-peptide linking' y PROLINE                                                                       ? 'C5 H9 N O2'        
115.130 
SER 'L-peptide linking' y SERINE                                                                        ? 'C3 H7 N O3'        
105.093 
THR 'L-peptide linking' y THREONINE                                                                     ? 'C4 H9 N O3'        
119.119 
TRP 'L-peptide linking' y TRYPTOPHAN                                                                    ? 'C11 H12 N2 O2'     
204.225 
TYR 'L-peptide linking' y TYROSINE                                                                      ? 'C9 H11 N O3'       
181.189 
VAL 'L-peptide linking' y VALINE                                                                        ? 'C5 H11 N O2'       
117.146 
# 
_exptl.entry_id          2FZJ 
_exptl.method            'X-RAY DIFFRACTION' 
_exptl.crystals_number   1 
# 
_exptl_crystal.id                    1 
_exptl_crystal.density_meas          ? 
_exptl_crystal.density_Matthews      2.26 
_exptl_crystal.density_percent_sol   45.46 
_exptl_crystal.description           ? 
_exptl_crystal.F_000                 ? 
_exptl_crystal.preparation           ? 
# 
_exptl_crystal_grow.crystal_id      1 
_exptl_crystal_grow.method          'VAPOR DIFFUSION, HANGING DROP' 
_exptl_crystal_grow.temp            298 
_exptl_crystal_grow.temp_details    ? 
_exptl_crystal_grow.pH              6.5 
_exptl_crystal_grow.pdbx_details    
'0.17 M Na Acetate, 0.085 mM Na cacodylate, 25.5% PEG 4K, pH 6.5, VAPOR DIFFUSION, HANGING DROP, temperature 298K' 
_exptl_crystal_grow.pdbx_pH_range   . 
# 
_diffrn.id                     1 
_diffrn.ambient_temp           200 
_diffrn.ambient_temp_details   ? 
_diffrn.crystal_id             1 
# 
_diffrn_detector.diffrn_id              1 
_diffrn_detector.detector               'IMAGE PLATE' 
_diffrn_detector.type                   'RIGAKU RAXIS IV' 
_diffrn_detector.pdbx_collection_date   2004-12-17 
_diffrn_detector.details                mirrors 
# 
_diffrn_radiation.diffrn_id                        1 
_diffrn_radiation.wavelength_id                    1 
_diffrn_radiation.pdbx_monochromatic_or_laue_m_l   M 
_diffrn_radiation.monochromator                    graphite 
_diffrn_radiation.pdbx_diffrn_protocol             'SINGLE WAVELENGTH' 
_diffrn_radiation.pdbx_scattering_type             x-ray 
# 
_diffrn_radiation_wavelength.id           1 
_diffrn_radiation_wavelength.wavelength   1.5418 
_diffrn_radiation_wavelength.wt           1.0 
# 
_diffrn_source.diffrn_id                   1 
_diffrn_source.source                      'ROTATING ANODE' 
_diffrn_source.type                        'RIGAKU RU200' 
_diffrn_source.pdbx_synchrotron_site       ? 
_diffrn_source.pdbx_synchrotron_beamline   ? 
_diffrn_source.pdbx_wavelength             ? 
_diffrn_source.pdbx_wavelength_list        1.5418 
# 
_reflns.entry_id                     2FZJ 
_reflns.observed_criterion_sigma_I   2.0 
_reflns.observed_criterion_sigma_F   2.0 
_reflns.d_resolution_low             27.86 
_reflns.d_resolution_high            2.0 
_reflns.number_obs                   12442 
_reflns.number_all                   13008 
_reflns.percent_possible_obs         97.9 
_reflns.pdbx_Rmerge_I_obs            0.037 
_reflns.pdbx_Rsym_value              ? 
_reflns.pdbx_netI_over_sigmaI        ? 
_reflns.B_iso_Wilson_estimate        15.0 
_reflns.pdbx_redundancy              6.0 
_reflns.R_free_details               ? 
_reflns.limit_h_max                  ? 
_reflns.limit_h_min                  ? 
_reflns.limit_k_max                  ? 
_reflns.limit_k_min                  ? 
_reflns.limit_l_max                  ? 
_reflns.limit_l_min                  ? 
_reflns.observed_criterion_F_max     ? 
_reflns.observed_criterion_F_min     ? 
_reflns.pdbx_chi_squared             ? 
_reflns.pdbx_scaling_rejects         ? 
_reflns.pdbx_ordinal                 1 
_reflns.pdbx_diffrn_id               1 
# 
_refine.entry_id                                 2FZJ 
_refine.ls_number_reflns_obs                     12441 
_refine.ls_number_reflns_all                     12444 
_refine.pdbx_ls_sigma_I                          2.0 
_refine.pdbx_ls_sigma_F                          2.0 
_refine.pdbx_data_cutoff_high_absF               ? 
_refine.pdbx_data_cutoff_low_absF                ? 
_refine.pdbx_data_cutoff_high_rms_absF           ? 
_refine.ls_d_res_low                             27.86 
_refine.ls_d_res_high                            2.0 
_refine.ls_percent_reflns_obs                    84.4 
_refine.ls_R_factor_obs                          0.234 
_refine.ls_R_factor_all                          0.234 
_refine.ls_R_factor_R_work                       0.234 
_refine.ls_R_factor_R_free                       0.294 
_refine.ls_R_factor_R_free_error                 ? 
_refine.ls_R_factor_R_free_error_details         ? 
_refine.ls_percent_reflns_R_free                 ? 
_refine.ls_number_reflns_R_free                  1276 
_refine.ls_number_parameters                     ? 
_refine.ls_number_restraints                     ? 
_refine.occupancy_min                            ? 
_refine.occupancy_max                            ? 
_refine.correlation_coeff_Fo_to_Fc               ? 
_refine.correlation_coeff_Fo_to_Fc_free          ? 
_refine.B_iso_mean                               54.6 
_refine.aniso_B[1][1]                            ? 
_refine.aniso_B[2][2]                            ? 
_refine.aniso_B[3][3]                            ? 
_refine.aniso_B[1][2]                            ? 
_refine.aniso_B[1][3]                            ? 
_refine.aniso_B[2][3]                            ? 
_refine.solvent_model_details                    ? 
_refine.solvent_model_param_ksol                 ? 
_refine.solvent_model_param_bsol                 ? 
_refine.pdbx_solvent_vdw_probe_radii             ? 
_refine.pdbx_solvent_ion_probe_radii             ? 
_refine.pdbx_solvent_shrinkage_radii             ? 
_refine.pdbx_ls_cross_valid_method               THROUGHOUT 
_refine.details                                  ? 
_refine.pdbx_starting_model                      'PDB ENTRY 1U70' 
_refine.pdbx_method_to_determine_struct          'MOLECULAR REPLACEMENT' 
_refine.pdbx_isotropic_thermal_model             isotropic 
_refine.pdbx_stereochemistry_target_values       'Engh & Huber' 
_refine.pdbx_stereochem_target_val_spec_case     ? 
_refine.pdbx_R_Free_selection_details            random 
_refine.pdbx_overall_ESU_R                       ? 
_refine.pdbx_overall_ESU_R_Free                  ? 
_refine.overall_SU_ML                            ? 
_refine.overall_SU_B                             ? 
_refine.ls_redundancy_reflns_obs                 ? 
_refine.B_iso_min                                ? 
_refine.B_iso_max                                ? 
_refine.overall_SU_R_Cruickshank_DPI             ? 
_refine.overall_SU_R_free                        ? 
_refine.ls_wR_factor_R_free                      ? 
_refine.ls_wR_factor_R_work                      ? 
_refine.overall_FOM_free_R_set                   ? 
_refine.overall_FOM_work_R_set                   ? 
_refine.pdbx_refine_id                           'X-RAY DIFFRACTION' 
_refine.pdbx_diffrn_id                           1 
_refine.pdbx_TLS_residual_ADP_flag               ? 
_refine.pdbx_overall_phase_error                 ? 
_refine.pdbx_overall_SU_R_free_Cruickshank_DPI   ? 
_refine.pdbx_overall_SU_R_Blow_DPI               ? 
_refine.pdbx_overall_SU_R_free_Blow_DPI          ? 
# 
_refine_hist.pdbx_refine_id                   'X-RAY DIFFRACTION' 
_refine_hist.cycle_id                         LAST 
_refine_hist.pdbx_number_atoms_protein        1513 
_refine_hist.pdbx_number_atoms_nucleic_acid   0 
_refine_hist.pdbx_number_atoms_ligand         75 
_refine_hist.number_atoms_solvent             123 
_refine_hist.number_atoms_total               1711 
_refine_hist.d_res_high                       2.0 
_refine_hist.d_res_low                        27.86 
# 
loop_
_refine_ls_restr.type 
_refine_ls_restr.dev_ideal 
_refine_ls_restr.dev_ideal_target 
_refine_ls_restr.weight 
_refine_ls_restr.number 
_refine_ls_restr.pdbx_refine_id 
_refine_ls_restr.pdbx_restraint_function 
c_bond_d     0.008 ? ? ? 'X-RAY DIFFRACTION' ? 
c_angle_deg  1.23  ? ? ? 'X-RAY DIFFRACTION' ? 
c_mcbond_it  1.46  ? ? ? 'X-RAY DIFFRACTION' ? 
c_mcangle_it 2.35  ? ? ? 'X-RAY DIFFRACTION' ? 
# 
loop_
_pdbx_xplor_file.serial_no 
_pdbx_xplor_file.param_file 
_pdbx_xplor_file.topol_file 
_pdbx_xplor_file.pdbx_refine_id 
1 protein_rep.param protein.top  'X-RAY DIFFRACTION' 
2 COE-m221.param    COE-m221.top 'X-RAY DIFFRACTION' 
3 water_rep.param   water.top    'X-RAY DIFFRACTION' 
4 ion.param         ion.top      'X-RAY DIFFRACTION' 
5 DHF-m221.param    DHF-m221.top 'X-RAY DIFFRACTION' 
# 
_struct.entry_id                  2FZJ 
_struct.title                     
;New Insights into DHFR Interactions: Analysis of Pneumocystis carinii and Mouse DHFR Complexes with NADPH and Two Highly Potent Trimethoprim Derivatives
;
_struct.pdbx_model_details        ? 
_struct.pdbx_CASP_flag            ? 
_struct.pdbx_model_type_details   ? 
# 
_struct_keywords.entry_id        2FZJ 
_struct_keywords.pdbx_keywords   OXIDOREDUCTASE 
_struct_keywords.text            'dihydrofolate reductase, trimethoprim derivatives, ring stacking interactions, OXIDOREDUCTASE' 
# 
loop_
_struct_asym.id 
_struct_asym.pdbx_blank_PDB_chainid_flag 
_struct_asym.pdbx_modified 
_struct_asym.entity_id 
_struct_asym.details 
A N N 1 ? 
B N N 2 ? 
C N N 3 ? 
D N N 4 ? 
# 
_struct_biol.id   1 
# 
loop_
_struct_conf.conf_type_id 
_struct_conf.id 
_struct_conf.pdbx_PDB_helix_id 
_struct_conf.beg_label_comp_id 
_struct_conf.beg_label_asym_id 
_struct_conf.beg_label_seq_id 
_struct_conf.pdbx_beg_PDB_ins_code 
_struct_conf.end_label_comp_id 
_struct_conf.end_label_asym_id 
_struct_conf.end_label_seq_id 
_struct_conf.pdbx_end_PDB_ins_code 
_struct_conf.beg_auth_comp_id 
_struct_conf.beg_auth_asym_id 
_struct_conf.beg_auth_seq_id 
_struct_conf.end_auth_comp_id 
_struct_conf.end_auth_asym_id 
_struct_conf.end_auth_seq_id 
_struct_conf.pdbx_PDB_helix_class 
_struct_conf.details 
_struct_conf.pdbx_PDB_helix_length 
HELX_P HELX_P1 1 LEU A 27  ? THR A 40  ? LEU A 27  THR A 40  1 ? 14 
HELX_P HELX_P2 2 ARG A 54  ? ILE A 60  ? ARG A 54  ILE A 60  1 ? 7  
HELX_P HELX_P3 3 PRO A 61  ? ARG A 65  ? PRO A 61  ARG A 65  5 ? 5  
HELX_P HELX_P4 4 SER A 92  ? GLU A 101 ? SER A 92  GLU A 101 1 ? 10 
HELX_P HELX_P5 5 GLN A 102 ? SER A 107 ? GLN A 102 SER A 107 1 ? 6  
HELX_P HELX_P6 6 GLY A 117 ? ASN A 126 ? GLY A 117 ASN A 126 1 ? 10 
# 
_struct_conf_type.id          HELX_P 
_struct_conf_type.criteria    ? 
_struct_conf_type.reference   ? 
# 
_struct_mon_prot_cis.pdbx_id                1 
_struct_mon_prot_cis.label_comp_id          ARG 
_struct_mon_prot_cis.label_seq_id           65 
_struct_mon_prot_cis.label_asym_id          A 
_struct_mon_prot_cis.label_alt_id           . 
_struct_mon_prot_cis.pdbx_PDB_ins_code      ? 
_struct_mon_prot_cis.auth_comp_id           ARG 
_struct_mon_prot_cis.auth_seq_id            65 
_struct_mon_prot_cis.auth_asym_id           A 
_struct_mon_prot_cis.pdbx_label_comp_id_2   PRO 
_struct_mon_prot_cis.pdbx_label_seq_id_2    66 
_struct_mon_prot_cis.pdbx_label_asym_id_2   A 
_struct_mon_prot_cis.pdbx_PDB_ins_code_2    ? 
_struct_mon_prot_cis.pdbx_auth_comp_id_2    PRO 
_struct_mon_prot_cis.pdbx_auth_seq_id_2     66 
_struct_mon_prot_cis.pdbx_auth_asym_id_2    A 
_struct_mon_prot_cis.pdbx_PDB_model_num     1 
_struct_mon_prot_cis.pdbx_omega_angle       0.32 
# 
loop_
_struct_sheet.id 
_struct_sheet.type 
_struct_sheet.number_strands 
_struct_sheet.details 
A ? 8 ? 
B ? 8 ? 
C ? 2 ? 
# 
loop_
_struct_sheet_order.sheet_id 
_struct_sheet_order.range_id_1 
_struct_sheet_order.range_id_2 
_struct_sheet_order.offset 
_struct_sheet_order.sense 
A 1 2 ? parallel      
A 2 3 ? parallel      
A 3 4 ? parallel      
A 4 5 ? parallel      
A 5 6 ? parallel      
A 6 7 ? anti-parallel 
A 7 8 ? anti-parallel 
B 1 2 ? parallel      
B 2 3 ? parallel      
B 3 4 ? parallel      
B 4 5 ? parallel      
B 5 6 ? parallel      
B 6 7 ? anti-parallel 
B 7 8 ? anti-parallel 
C 1 2 ? anti-parallel 
# 
loop_
_struct_sheet_range.sheet_id 
_struct_sheet_range.id 
_struct_sheet_range.beg_label_comp_id 
_struct_sheet_range.beg_label_asym_id 
_struct_sheet_range.beg_label_seq_id 
_struct_sheet_range.pdbx_beg_PDB_ins_code 
_struct_sheet_range.end_label_comp_id 
_struct_sheet_range.end_label_asym_id 
_struct_sheet_range.end_label_seq_id 
_struct_sheet_range.pdbx_end_PDB_ins_code 
_struct_sheet_range.beg_auth_comp_id 
_struct_sheet_range.beg_auth_asym_id 
_struct_sheet_range.beg_auth_seq_id 
_struct_sheet_range.end_auth_comp_id 
_struct_sheet_range.end_auth_asym_id 
_struct_sheet_range.end_auth_seq_id 
A 1 PHE A 88  ? ALA A 90  ? PHE A 88  ALA A 90  
A 2 ILE A 71  ? LEU A 75  ? ILE A 71  LEU A 75  
A 3 GLN A 47  ? GLY A 53  ? GLN A 47  GLY A 53  
A 4 VAL A 109 ? GLY A 116 ? VAL A 109 GLY A 116 
A 5 LEU A 4   ? SER A 11  ? LEU A 4   SER A 11  
A 6 LEU A 131 ? ILE A 138 ? LEU A 131 ILE A 138 
A 7 ILE A 175 ? LYS A 184 ? ILE A 175 LYS A 184 
A 8 LYS A 157 ? LEU A 158 ? LYS A 157 LEU A 158 
B 1 PHE A 88  ? ALA A 90  ? PHE A 88  ALA A 90  
B 2 ILE A 71  ? LEU A 75  ? ILE A 71  LEU A 75  
B 3 GLN A 47  ? GLY A 53  ? GLN A 47  GLY A 53  
B 4 VAL A 109 ? GLY A 116 ? VAL A 109 GLY A 116 
B 5 LEU A 4   ? SER A 11  ? LEU A 4   SER A 11  
B 6 LEU A 131 ? ILE A 138 ? LEU A 131 ILE A 138 
B 7 ILE A 175 ? LYS A 184 ? ILE A 175 LYS A 184 
B 8 GLN A 170 ? GLU A 172 ? GLN A 170 GLU A 172 
C 1 GLY A 15  ? ILE A 16  ? GLY A 15  ILE A 16  
C 2 THR A 146 ? PHE A 147 ? THR A 146 PHE A 147 
# 
loop_
_pdbx_struct_sheet_hbond.sheet_id 
_pdbx_struct_sheet_hbond.range_id_1 
_pdbx_struct_sheet_hbond.range_id_2 
_pdbx_struct_sheet_hbond.range_1_label_atom_id 
_pdbx_struct_sheet_hbond.range_1_label_comp_id 
_pdbx_struct_sheet_hbond.range_1_label_asym_id 
_pdbx_struct_sheet_hbond.range_1_label_seq_id 
_pdbx_struct_sheet_hbond.range_1_PDB_ins_code 
_pdbx_struct_sheet_hbond.range_1_auth_atom_id 
_pdbx_struct_sheet_hbond.range_1_auth_comp_id 
_pdbx_struct_sheet_hbond.range_1_auth_asym_id 
_pdbx_struct_sheet_hbond.range_1_auth_seq_id 
_pdbx_struct_sheet_hbond.range_2_label_atom_id 
_pdbx_struct_sheet_hbond.range_2_label_comp_id 
_pdbx_struct_sheet_hbond.range_2_label_asym_id 
_pdbx_struct_sheet_hbond.range_2_label_seq_id 
_pdbx_struct_sheet_hbond.range_2_PDB_ins_code 
_pdbx_struct_sheet_hbond.range_2_auth_atom_id 
_pdbx_struct_sheet_hbond.range_2_auth_comp_id 
_pdbx_struct_sheet_hbond.range_2_auth_asym_id 
_pdbx_struct_sheet_hbond.range_2_auth_seq_id 
A 1 2 O ALA A 90  ? O ALA A 90  N VAL A 74  ? N VAL A 74  
A 2 3 O ILE A 71  ? O ILE A 71  N VAL A 50  ? N VAL A 50  
A 3 4 N LEU A 49  ? N LEU A 49  O TRP A 113 ? O TRP A 113 
A 4 5 O ILE A 114 ? O ILE A 114 N ILE A 7   ? N ILE A 7   
A 5 6 N CYS A 6   ? N CYS A 6   O PHE A 134 ? O PHE A 134 
A 6 7 N LEU A 131 ? N LEU A 131 O LYS A 184 ? O LYS A 184 
A 7 8 O GLU A 183 ? O GLU A 183 N LYS A 157 ? N LYS A 157 
B 1 2 O ALA A 90  ? O ALA A 90  N VAL A 74  ? N VAL A 74  
B 2 3 O ILE A 71  ? O ILE A 71  N VAL A 50  ? N VAL A 50  
B 3 4 N LEU A 49  ? N LEU A 49  O TRP A 113 ? O TRP A 113 
B 4 5 O ILE A 114 ? O ILE A 114 N ILE A 7   ? N ILE A 7   
B 5 6 N CYS A 6   ? N CYS A 6   O PHE A 134 ? O PHE A 134 
B 6 7 N LEU A 131 ? N LEU A 131 O LYS A 184 ? O LYS A 184 
B 7 8 O TYR A 177 ? O TYR A 177 N GLN A 170 ? N GLN A 170 
C 1 2 N ILE A 16  ? N ILE A 16  O THR A 146 ? O THR A 146 
# 
loop_
_struct_site.id 
_struct_site.pdbx_evidence_code 
_struct_site.pdbx_auth_asym_id 
_struct_site.pdbx_auth_comp_id 
_struct_site.pdbx_auth_seq_id 
_struct_site.pdbx_auth_ins_code 
_struct_site.pdbx_num_residues 
_struct_site.details 
AC1 Software A NDP 187 ? 29 'BINDING SITE FOR RESIDUE NDP A 187' 
AC2 Software A DH3 188 ? 14 'BINDING SITE FOR RESIDUE DH3 A 188' 
# 
loop_
_struct_site_gen.id 
_struct_site_gen.site_id 
_struct_site_gen.pdbx_num_res 
_struct_site_gen.label_comp_id 
_struct_site_gen.label_asym_id 
_struct_site_gen.label_seq_id 
_struct_site_gen.pdbx_auth_ins_code 
_struct_site_gen.auth_comp_id 
_struct_site_gen.auth_asym_id 
_struct_site_gen.auth_seq_id 
_struct_site_gen.label_atom_id 
_struct_site_gen.label_alt_id 
_struct_site_gen.symmetry 
_struct_site_gen.details 
1  AC1 29 VAL A 8   ? VAL A 8   . ? 1_555 ? 
2  AC1 29 ALA A 9   ? ALA A 9   . ? 1_555 ? 
3  AC1 29 ILE A 16  ? ILE A 16  . ? 1_555 ? 
4  AC1 29 GLY A 17  ? GLY A 17  . ? 1_555 ? 
5  AC1 29 LYS A 18  ? LYS A 18  . ? 1_555 ? 
6  AC1 29 GLY A 20  ? GLY A 20  . ? 1_555 ? 
7  AC1 29 ASP A 21  ? ASP A 21  . ? 1_555 ? 
8  AC1 29 TRP A 24  ? TRP A 24  . ? 1_555 ? 
9  AC1 29 GLY A 53  ? GLY A 53  . ? 1_555 ? 
10 AC1 29 ARG A 54  ? ARG A 54  . ? 1_555 ? 
11 AC1 29 LYS A 55  ? LYS A 55  . ? 1_555 ? 
12 AC1 29 THR A 56  ? THR A 56  . ? 1_555 ? 
13 AC1 29 LEU A 75  ? LEU A 75  . ? 1_555 ? 
14 AC1 29 SER A 76  ? SER A 76  . ? 1_555 ? 
15 AC1 29 ARG A 77  ? ARG A 77  . ? 1_555 ? 
16 AC1 29 GLU A 78  ? GLU A 78  . ? 1_555 ? 
17 AC1 29 LYS A 91  ? LYS A 91  . ? 1_555 ? 
18 AC1 29 SER A 92  ? SER A 92  . ? 1_555 ? 
19 AC1 29 VAL A 115 ? VAL A 115 . ? 1_555 ? 
20 AC1 29 GLY A 116 ? GLY A 116 . ? 1_555 ? 
21 AC1 29 GLY A 117 ? GLY A 117 . ? 1_555 ? 
22 AC1 29 SER A 118 ? SER A 118 . ? 1_555 ? 
23 AC1 29 SER A 119 ? SER A 119 . ? 1_555 ? 
24 AC1 29 VAL A 120 ? VAL A 120 . ? 1_555 ? 
25 AC1 29 GLU A 123 ? GLU A 123 . ? 1_555 ? 
26 AC1 29 HOH D .   ? HOH A 240 . ? 1_555 ? 
27 AC1 29 HOH D .   ? HOH A 250 . ? 1_555 ? 
28 AC1 29 HOH D .   ? HOH A 274 . ? 1_555 ? 
29 AC1 29 HOH D .   ? HOH A 311 . ? 1_555 ? 
30 AC2 14 ILE A 7   ? ILE A 7   . ? 1_555 ? 
31 AC2 14 VAL A 8   ? VAL A 8   . ? 1_555 ? 
32 AC2 14 ALA A 9   ? ALA A 9   . ? 1_555 ? 
33 AC2 14 LEU A 22  ? LEU A 22  . ? 1_555 ? 
34 AC2 14 GLU A 30  ? GLU A 30  . ? 1_555 ? 
35 AC2 14 PHE A 31  ? PHE A 31  . ? 1_555 ? 
36 AC2 14 PHE A 34  ? PHE A 34  . ? 1_555 ? 
37 AC2 14 GLN A 35  ? GLN A 35  . ? 1_555 ? 
38 AC2 14 SER A 59  ? SER A 59  . ? 1_555 ? 
39 AC2 14 LYS A 68  ? LYS A 68  . ? 1_555 ? 
40 AC2 14 ARG A 70  ? ARG A 70  . ? 1_555 ? 
41 AC2 14 VAL A 115 ? VAL A 115 . ? 1_555 ? 
42 AC2 14 TYR A 121 ? TYR A 121 . ? 1_555 ? 
43 AC2 14 HOH D .   ? HOH A 255 . ? 1_555 ? 
# 
_atom_sites.entry_id                    2FZJ 
_atom_sites.fract_transf_matrix[1][1]   -0.02234170 
_atom_sites.fract_transf_matrix[1][2]   0.00437451 
_atom_sites.fract_transf_matrix[1][3]   0.01468422 
_atom_sites.fract_transf_matrix[2][1]   0.00066357 
_atom_sites.fract_transf_matrix[2][2]   -0.01538549 
_atom_sites.fract_transf_matrix[2][3]   0.00559303 
_atom_sites.fract_transf_matrix[3][1]   0.00291655 
_atom_sites.fract_transf_matrix[3][2]   0.00903759 
_atom_sites.fract_transf_matrix[3][3]   0.02451489 
_atom_sites.fract_transf_vector[1]      0.096606 
_atom_sites.fract_transf_vector[2]      0.004450 
_atom_sites.fract_transf_vector[3]      0.273394 
# 
loop_
_atom_type.symbol 
C 
N 
O 
P 
S 
# 
loop_
_atom_site.group_PDB 
_atom_site.id 
_atom_site.type_symbol 
_atom_site.label_atom_id 
_atom_site.label_alt_id 
_atom_site.label_comp_id 
_atom_site.label_asym_id 
_atom_site.label_entity_id 
_atom_site.label_seq_id 
_atom_site.pdbx_PDB_ins_code 
_atom_site.Cartn_x 
_atom_site.Cartn_y 
_atom_site.Cartn_z 
_atom_site.occupancy 
_atom_site.B_iso_or_equiv 
_atom_site.pdbx_formal_charge 
_atom_site.auth_seq_id 
_atom_site.auth_comp_id 
_atom_site.auth_asym_id 
_atom_site.auth_atom_id 
_atom_site.pdbx_PDB_model_num 
ATOM   1    N N     . VAL A 1 1   ? 4.669   -6.768  -12.197 1.00 53.32 ? 1   VAL A N     1 
ATOM   2    C CA    . VAL A 1 1   ? 4.144   -7.938  -11.434 1.00 52.87 ? 1   VAL A CA    1 
ATOM   3    C C     . VAL A 1 1   ? 5.239   -8.513  -10.540 1.00 51.95 ? 1   VAL A C     1 
ATOM   4    O O     . VAL A 1 1   ? 4.951   -9.230  -9.581  1.00 53.18 ? 1   VAL A O     1 
ATOM   5    C CB    . VAL A 1 1   ? 3.630   -9.046  -12.390 1.00 53.46 ? 1   VAL A CB    1 
ATOM   6    C CG1   . VAL A 1 1   ? 4.775   -9.590  -13.224 1.00 55.33 ? 1   VAL A CG1   1 
ATOM   7    C CG2   . VAL A 1 1   ? 2.973   -10.162 -11.599 1.00 54.11 ? 1   VAL A CG2   1 
ATOM   8    N N     . ARG A 1 2   ? 6.492   -8.194  -10.851 1.00 50.02 ? 2   ARG A N     1 
ATOM   9    C CA    . ARG A 1 2   ? 7.606   -8.686  -10.053 1.00 47.86 ? 2   ARG A CA    1 
ATOM   10   C C     . ARG A 1 2   ? 8.024   -7.634  -9.015  1.00 44.44 ? 2   ARG A C     1 
ATOM   11   O O     . ARG A 1 2   ? 8.319   -7.973  -7.870  1.00 45.01 ? 2   ARG A O     1 
ATOM   12   C CB    . ARG A 1 2   ? 8.793   -9.055  -10.950 1.00 49.07 ? 2   ARG A CB    1 
ATOM   13   C CG    . ARG A 1 2   ? 9.822   -9.940  -10.263 1.00 52.12 ? 2   ARG A CG    1 
ATOM   14   C CD    . ARG A 1 2   ? 11.059  -10.125 -11.125 1.00 54.92 ? 2   ARG A CD    1 
ATOM   15   N NE    . ARG A 1 2   ? 12.084  -10.909 -10.441 1.00 55.81 ? 2   ARG A NE    1 
ATOM   16   C CZ    . ARG A 1 2   ? 13.313  -11.101 -10.909 1.00 56.92 ? 2   ARG A CZ    1 
ATOM   17   N NH1   . ARG A 1 2   ? 14.180  -11.826 -10.217 1.00 56.45 ? 2   ARG A NH1   1 
ATOM   18   N NH2   . ARG A 1 2   ? 13.674  -10.567 -12.070 1.00 58.02 ? 2   ARG A NH2   1 
ATOM   19   N N     . PRO A 1 3   ? 8.063   -6.344  -9.407  1.00 40.58 ? 3   PRO A N     1 
ATOM   20   C CA    . PRO A 1 3   ? 8.445   -5.279  -8.470  1.00 37.92 ? 3   PRO A CA    1 
ATOM   21   C C     . PRO A 1 3   ? 7.342   -5.034  -7.438  1.00 34.39 ? 3   PRO A C     1 
ATOM   22   O O     . PRO A 1 3   ? 6.159   -5.001  -7.783  1.00 35.03 ? 3   PRO A O     1 
ATOM   23   C CB    . PRO A 1 3   ? 8.633   -4.063  -9.377  1.00 38.41 ? 3   PRO A CB    1 
ATOM   24   C CG    . PRO A 1 3   ? 8.990   -4.664  -10.694 1.00 38.42 ? 3   PRO A CG    1 
ATOM   25   C CD    . PRO A 1 3   ? 8.043   -5.824  -10.783 1.00 39.46 ? 3   PRO A CD    1 
ATOM   26   N N     . LEU A 1 4   ? 7.730   -4.877  -6.179  1.00 30.32 ? 4   LEU A N     1 
ATOM   27   C CA    . LEU A 1 4   ? 6.776   -4.624  -5.108  1.00 27.89 ? 4   LEU A CA    1 
ATOM   28   C C     . LEU A 1 4   ? 6.689   -3.135  -4.809  1.00 24.67 ? 4   LEU A C     1 
ATOM   29   O O     . LEU A 1 4   ? 7.703   -2.499  -4.525  1.00 24.16 ? 4   LEU A O     1 
ATOM   30   C CB    . LEU A 1 4   ? 7.192   -5.364  -3.838  1.00 28.66 ? 4   LEU A CB    1 
ATOM   31   C CG    . LEU A 1 4   ? 6.514   -6.700  -3.545  1.00 30.85 ? 4   LEU A CG    1 
ATOM   32   C CD1   . LEU A 1 4   ? 6.700   -7.651  -4.706  1.00 30.40 ? 4   LEU A CD1   1 
ATOM   33   C CD2   . LEU A 1 4   ? 7.100   -7.277  -2.268  1.00 31.64 ? 4   LEU A CD2   1 
ATOM   34   N N     . ASN A 1 5   ? 5.473   -2.593  -4.866  1.00 21.50 ? 5   ASN A N     1 
ATOM   35   C CA    . ASN A 1 5   ? 5.237   -1.174  -4.602  1.00 18.95 ? 5   ASN A CA    1 
ATOM   36   C C     . ASN A 1 5   ? 4.461   -0.940  -3.309  1.00 17.83 ? 5   ASN A C     1 
ATOM   37   O O     . ASN A 1 5   ? 3.236   -1.017  -3.301  1.00 17.82 ? 5   ASN A O     1 
ATOM   38   C CB    . ASN A 1 5   ? 4.427   -0.537  -5.731  1.00 18.46 ? 5   ASN A CB    1 
ATOM   39   C CG    . ASN A 1 5   ? 5.134   -0.578  -7.057  1.00 19.20 ? 5   ASN A CG    1 
ATOM   40   O OD1   . ASN A 1 5   ? 6.129   0.127   -7.269  1.00 16.91 ? 5   ASN A OD1   1 
ATOM   41   N ND2   . ASN A 1 5   ? 4.613   -1.403  -7.974  1.00 17.73 ? 5   ASN A ND2   1 
ATOM   42   N N     . CYS A 1 6   ? 5.157   -0.634  -2.223  1.00 16.97 ? 6   CYS A N     1 
ATOM   43   C CA    . CYS A 1 6   ? 4.477   -0.366  -0.957  1.00 15.86 ? 6   CYS A CA    1 
ATOM   44   C C     . CYS A 1 6   ? 3.935   1.054   -0.995  1.00 16.73 ? 6   CYS A C     1 
ATOM   45   O O     . CYS A 1 6   ? 4.618   1.966   -1.477  1.00 16.20 ? 6   CYS A O     1 
ATOM   46   C CB    . CYS A 1 6   ? 5.447   -0.467  0.217   1.00 17.33 ? 6   CYS A CB    1 
ATOM   47   S SG    . CYS A 1 6   ? 6.219   -2.066  0.421   1.00 21.70 ? 6   CYS A SG    1 
ATOM   48   N N     . ILE A 1 7   ? 2.710   1.252   -0.510  1.00 14.29 ? 7   ILE A N     1 
ATOM   49   C CA    . ILE A 1 7   ? 2.138   2.591   -0.462  1.00 13.33 ? 7   ILE A CA    1 
ATOM   50   C C     . ILE A 1 7   ? 1.548   2.855   0.916   1.00 13.99 ? 7   ILE A C     1 
ATOM   51   O O     . ILE A 1 7   ? 0.764   2.057   1.445   1.00 15.08 ? 7   ILE A O     1 
ATOM   52   C CB    . ILE A 1 7   ? 1.061   2.823   -1.540  1.00 11.26 ? 7   ILE A CB    1 
ATOM   53   C CG1   . ILE A 1 7   ? 0.570   4.270   -1.441  1.00 12.31 ? 7   ILE A CG1   1 
ATOM   54   C CG2   . ILE A 1 7   ? -0.099  1.870   -1.355  1.00 12.50 ? 7   ILE A CG2   1 
ATOM   55   C CD1   . ILE A 1 7   ? 0.016   4.810   -2.739  1.00 14.24 ? 7   ILE A CD1   1 
ATOM   56   N N     . VAL A 1 8   ? 1.932   3.982   1.500   1.00 14.93 ? 8   VAL A N     1 
ATOM   57   C CA    . VAL A 1 8   ? 1.469   4.314   2.834   1.00 14.43 ? 8   VAL A CA    1 
ATOM   58   C C     . VAL A 1 8   ? 1.466   5.819   3.087   1.00 16.09 ? 8   VAL A C     1 
ATOM   59   O O     . VAL A 1 8   ? 2.002   6.607   2.295   1.00 13.96 ? 8   VAL A O     1 
ATOM   60   C CB    . VAL A 1 8   ? 2.373   3.609   3.883   1.00 15.01 ? 8   VAL A CB    1 
ATOM   61   C CG1   . VAL A 1 8   ? 3.789   4.152   3.786   1.00 15.02 ? 8   VAL A CG1   1 
ATOM   62   C CG2   . VAL A 1 8   ? 1.826   3.790   5.277   1.00 14.59 ? 8   VAL A CG2   1 
ATOM   63   N N     . ALA A 1 9   ? 0.830   6.201   4.190   1.00 15.74 ? 9   ALA A N     1 
ATOM   64   C CA    . ALA A 1 9   ? 0.756   7.590   4.628   1.00 17.38 ? 9   ALA A CA    1 
ATOM   65   C C     . ALA A 1 9   ? 1.165   7.529   6.091   1.00 19.12 ? 9   ALA A C     1 
ATOM   66   O O     . ALA A 1 9   ? 0.567   6.776   6.854   1.00 20.77 ? 9   ALA A O     1 
ATOM   67   C CB    . ALA A 1 9   ? -0.668  8.124   4.502   1.00 16.63 ? 9   ALA A CB    1 
ATOM   68   N N     . VAL A 1 10  ? 2.190   8.282   6.478   1.00 19.29 ? 10  VAL A N     1 
ATOM   69   C CA    . VAL A 1 10  ? 2.637   8.268   7.868   1.00 21.66 ? 10  VAL A CA    1 
ATOM   70   C C     . VAL A 1 10  ? 2.873   9.664   8.427   1.00 20.94 ? 10  VAL A C     1 
ATOM   71   O O     . VAL A 1 10  ? 3.226   10.584  7.701   1.00 21.03 ? 10  VAL A O     1 
ATOM   72   C CB    . VAL A 1 10  ? 3.956   7.467   8.035   1.00 23.48 ? 10  VAL A CB    1 
ATOM   73   C CG1   . VAL A 1 10  ? 3.763   6.032   7.562   1.00 25.02 ? 10  VAL A CG1   1 
ATOM   74   C CG2   . VAL A 1 10  ? 5.078   8.140   7.270   1.00 24.86 ? 10  VAL A CG2   1 
ATOM   75   N N     . SER A 1 11  ? 2.681   9.812   9.729   1.00 22.17 ? 11  SER A N     1 
ATOM   76   C CA    . SER A 1 11  ? 2.896   11.098  10.381  1.00 23.86 ? 11  SER A CA    1 
ATOM   77   C C     . SER A 1 11  ? 4.379   11.238  10.690  1.00 25.03 ? 11  SER A C     1 
ATOM   78   O O     . SER A 1 11  ? 5.155   10.302  10.473  1.00 24.77 ? 11  SER A O     1 
ATOM   79   C CB    . SER A 1 11  ? 2.098   11.179  11.682  1.00 23.77 ? 11  SER A CB    1 
ATOM   80   O OG    . SER A 1 11  ? 2.522   10.174  12.584  1.00 23.67 ? 11  SER A OG    1 
ATOM   81   N N     . GLN A 1 12  ? 4.764   12.404  11.200  1.00 26.17 ? 12  GLN A N     1 
ATOM   82   C CA    . GLN A 1 12  ? 6.151   12.677  11.545  1.00 28.41 ? 12  GLN A CA    1 
ATOM   83   C C     . GLN A 1 12  ? 6.732   11.577  12.418  1.00 28.15 ? 12  GLN A C     1 
ATOM   84   O O     . GLN A 1 12  ? 7.861   11.136  12.206  1.00 28.68 ? 12  GLN A O     1 
ATOM   85   C CB    . GLN A 1 12  ? 6.254   14.019  12.270  1.00 30.37 ? 12  GLN A CB    1 
ATOM   86   C CG    . GLN A 1 12  ? 5.816   15.201  11.422  1.00 34.96 ? 12  GLN A CG    1 
ATOM   87   C CD    . GLN A 1 12  ? 6.089   16.536  12.085  1.00 36.34 ? 12  GLN A CD    1 
ATOM   88   O OE1   . GLN A 1 12  ? 6.030   17.583  11.441  1.00 39.12 ? 12  GLN A OE1   1 
ATOM   89   N NE2   . GLN A 1 12  ? 6.386   16.509  13.376  1.00 38.73 ? 12  GLN A NE2   1 
ATOM   90   N N     . ASN A 1 13  ? 5.955   11.137  13.400  1.00 28.68 ? 13  ASN A N     1 
ATOM   91   C CA    . ASN A 1 13  ? 6.391   10.082  14.309  1.00 30.13 ? 13  ASN A CA    1 
ATOM   92   C C     . ASN A 1 13  ? 6.123   8.686   13.735  1.00 30.52 ? 13  ASN A C     1 
ATOM   93   O O     . ASN A 1 13  ? 5.875   7.732   14.477  1.00 30.42 ? 13  ASN A O     1 
ATOM   94   C CB    . ASN A 1 13  ? 5.701   10.252  15.674  1.00 30.06 ? 13  ASN A CB    1 
ATOM   95   C CG    . ASN A 1 13  ? 4.192   10.383  15.560  1.00 31.58 ? 13  ASN A CG    1 
ATOM   96   O OD1   . ASN A 1 13  ? 3.678   11.268  14.866  1.00 31.66 ? 13  ASN A OD1   1 
ATOM   97   N ND2   . ASN A 1 13  ? 3.472   9.498   16.240  1.00 30.84 ? 13  ASN A ND2   1 
ATOM   98   N N     . MET A 1 14  ? 6.184   8.576   12.409  1.00 31.09 ? 14  MET A N     1 
ATOM   99   C CA    . MET A 1 14  ? 5.952   7.311   11.715  1.00 31.78 ? 14  MET A CA    1 
ATOM   100  C C     . MET A 1 14  ? 4.625   6.679   12.098  1.00 31.47 ? 14  MET A C     1 
ATOM   101  O O     . MET A 1 14  ? 4.455   5.461   11.992  1.00 29.55 ? 14  MET A O     1 
ATOM   102  C CB    . MET A 1 14  ? 7.083   6.327   12.004  1.00 34.23 ? 14  MET A CB    1 
ATOM   103  C CG    . MET A 1 14  ? 7.907   5.995   10.780  1.00 38.84 ? 14  MET A CG    1 
ATOM   104  S SD    . MET A 1 14  ? 8.547   7.498   10.024  1.00 40.76 ? 14  MET A SD    1 
ATOM   105  C CE    . MET A 1 14  ? 10.138  7.657   10.858  1.00 43.32 ? 14  MET A CE    1 
ATOM   106  N N     . GLY A 1 15  ? 3.690   7.519   12.526  1.00 30.92 ? 15  GLY A N     1 
ATOM   107  C CA    . GLY A 1 15  ? 2.381   7.042   12.926  1.00 30.78 ? 15  GLY A CA    1 
ATOM   108  C C     . GLY A 1 15  ? 1.600   6.415   11.790  1.00 30.93 ? 15  GLY A C     1 
ATOM   109  O O     . GLY A 1 15  ? 1.607   6.899   10.665  1.00 28.86 ? 15  GLY A O     1 
ATOM   110  N N     . ILE A 1 16  ? 0.909   5.333   12.112  1.00 32.31 ? 16  ILE A N     1 
ATOM   111  C CA    . ILE A 1 16  ? 0.100   4.588   11.165  1.00 33.10 ? 16  ILE A CA    1 
ATOM   112  C C     . ILE A 1 16  ? -1.042  3.933   11.948  1.00 33.85 ? 16  ILE A C     1 
ATOM   113  O O     . ILE A 1 16  ? -0.804  3.140   12.858  1.00 37.22 ? 16  ILE A O     1 
ATOM   114  C CB    . ILE A 1 16  ? 0.978   3.503   10.471  1.00 33.52 ? 16  ILE A CB    1 
ATOM   115  C CG1   . ILE A 1 16  ? 1.470   4.024   9.124   1.00 32.88 ? 16  ILE A CG1   1 
ATOM   116  C CG2   . ILE A 1 16  ? 0.227   2.198   10.318  1.00 33.07 ? 16  ILE A CG2   1 
ATOM   117  C CD1   . ILE A 1 16  ? 2.393   3.067   8.418   1.00 34.38 ? 16  ILE A CD1   1 
ATOM   118  N N     . GLY A 1 17  ? -2.278  4.270   11.611  1.00 33.53 ? 17  GLY A N     1 
ATOM   119  C CA    . GLY A 1 17  ? -3.406  3.670   12.302  1.00 32.30 ? 17  GLY A CA    1 
ATOM   120  C C     . GLY A 1 17  ? -3.530  3.915   13.798  1.00 32.76 ? 17  GLY A C     1 
ATOM   121  O O     . GLY A 1 17  ? -2.542  4.065   14.524  1.00 30.79 ? 17  GLY A O     1 
ATOM   122  N N     . LYS A 1 18  ? -4.777  3.943   14.258  1.00 32.86 ? 18  LYS A N     1 
ATOM   123  C CA    . LYS A 1 18  ? -5.101  4.165   15.657  1.00 32.88 ? 18  LYS A CA    1 
ATOM   124  C C     . LYS A 1 18  ? -6.475  3.566   15.968  1.00 32.42 ? 18  LYS A C     1 
ATOM   125  O O     . LYS A 1 18  ? -7.469  3.881   15.309  1.00 29.89 ? 18  LYS A O     1 
ATOM   126  C CB    . LYS A 1 18  ? -5.119  5.666   15.953  1.00 33.73 ? 18  LYS A CB    1 
ATOM   127  C CG    . LYS A 1 18  ? -5.510  6.018   17.371  1.00 35.08 ? 18  LYS A CG    1 
ATOM   128  C CD    . LYS A 1 18  ? -4.460  5.574   18.378  1.00 36.62 ? 18  LYS A CD    1 
ATOM   129  C CE    . LYS A 1 18  ? -4.921  5.871   19.795  1.00 38.03 ? 18  LYS A CE    1 
ATOM   130  N NZ    . LYS A 1 18  ? -3.909  5.536   20.838  1.00 37.25 ? 18  LYS A NZ    1 
ATOM   131  N N     . ASN A 1 19  ? -6.512  2.691   16.968  1.00 32.85 ? 19  ASN A N     1 
ATOM   132  C CA    . ASN A 1 19  ? -7.748  2.042   17.393  1.00 34.15 ? 19  ASN A CA    1 
ATOM   133  C C     . ASN A 1 19  ? -8.597  1.432   16.273  1.00 33.85 ? 19  ASN A C     1 
ATOM   134  O O     . ASN A 1 19  ? -9.820  1.328   16.397  1.00 34.71 ? 19  ASN A O     1 
ATOM   135  C CB    . ASN A 1 19  ? -8.594  3.027   18.208  1.00 34.55 ? 19  ASN A CB    1 
ATOM   136  C CG    . ASN A 1 19  ? -7.965  3.354   19.552  1.00 34.77 ? 19  ASN A CG    1 
ATOM   137  O OD1   . ASN A 1 19  ? -7.584  2.460   20.297  1.00 36.65 ? 19  ASN A OD1   1 
ATOM   138  N ND2   . ASN A 1 19  ? -7.855  4.635   19.864  1.00 37.56 ? 19  ASN A ND2   1 
ATOM   139  N N     . GLY A 1 20  ? -7.949  1.020   15.190  1.00 32.85 ? 20  GLY A N     1 
ATOM   140  C CA    . GLY A 1 20  ? -8.684  0.409   14.096  1.00 32.43 ? 20  GLY A CA    1 
ATOM   141  C C     . GLY A 1 20  ? -8.918  1.308   12.898  1.00 31.56 ? 20  GLY A C     1 
ATOM   142  O O     . GLY A 1 20  ? -9.449  0.866   11.875  1.00 31.13 ? 20  GLY A O     1 
ATOM   143  N N     . ASP A 1 21  ? -8.534  2.573   13.021  1.00 30.81 ? 21  ASP A N     1 
ATOM   144  C CA    . ASP A 1 21  ? -8.698  3.521   11.929  1.00 29.95 ? 21  ASP A CA    1 
ATOM   145  C C     . ASP A 1 21  ? -7.445  4.376   11.799  1.00 27.36 ? 21  ASP A C     1 
ATOM   146  O O     . ASP A 1 21  ? -6.426  4.092   12.416  1.00 24.92 ? 21  ASP A O     1 
ATOM   147  C CB    . ASP A 1 21  ? -9.909  4.425   12.176  1.00 34.55 ? 21  ASP A CB    1 
ATOM   148  C CG    . ASP A 1 21  ? -11.176 3.638   12.455  1.00 38.75 ? 21  ASP A CG    1 
ATOM   149  O OD1   . ASP A 1 21  ? -11.523 2.753   11.643  1.00 42.79 ? 21  ASP A OD1   1 
ATOM   150  O OD2   . ASP A 1 21  ? -11.827 3.906   13.489  1.00 41.81 ? 21  ASP A OD2   1 
ATOM   151  N N     . LEU A 1 22  ? -7.533  5.422   10.989  1.00 26.53 ? 22  LEU A N     1 
ATOM   152  C CA    . LEU A 1 22  ? -6.413  6.334   10.777  1.00 25.28 ? 22  LEU A CA    1 
ATOM   153  C C     . LEU A 1 22  ? -6.310  7.231   12.013  1.00 24.47 ? 22  LEU A C     1 
ATOM   154  O O     . LEU A 1 22  ? -7.317  7.527   12.651  1.00 23.94 ? 22  LEU A O     1 
ATOM   155  C CB    . LEU A 1 22  ? -6.658  7.164   9.505   1.00 24.48 ? 22  LEU A CB    1 
ATOM   156  C CG    . LEU A 1 22  ? -6.883  6.352   8.217   1.00 25.59 ? 22  LEU A CG    1 
ATOM   157  C CD1   . LEU A 1 22  ? -7.084  7.282   7.032   1.00 26.19 ? 22  LEU A CD1   1 
ATOM   158  C CD2   . LEU A 1 22  ? -5.688  5.446   7.964   1.00 25.37 ? 22  LEU A CD2   1 
ATOM   159  N N     . PRO A 1 23  ? -5.090  7.645   12.385  1.00 23.35 ? 23  PRO A N     1 
ATOM   160  C CA    . PRO A 1 23  ? -4.888  8.506   13.560  1.00 22.06 ? 23  PRO A CA    1 
ATOM   161  C C     . PRO A 1 23  ? -5.291  9.957   13.341  1.00 22.34 ? 23  PRO A C     1 
ATOM   162  O O     . PRO A 1 23  ? -5.481  10.719  14.294  1.00 19.34 ? 23  PRO A O     1 
ATOM   163  C CB    . PRO A 1 23  ? -3.396  8.359   13.846  1.00 22.22 ? 23  PRO A CB    1 
ATOM   164  C CG    . PRO A 1 23  ? -2.818  8.154   12.490  1.00 24.37 ? 23  PRO A CG    1 
ATOM   165  C CD    . PRO A 1 23  ? -3.799  7.217   11.814  1.00 24.15 ? 23  PRO A CD    1 
ATOM   166  N N     . TRP A 1 24  ? -5.421  10.329  12.073  1.00 20.40 ? 24  TRP A N     1 
ATOM   167  C CA    . TRP A 1 24  ? -5.798  11.682  11.711  1.00 18.67 ? 24  TRP A CA    1 
ATOM   168  C C     . TRP A 1 24  ? -7.196  11.684  11.111  1.00 18.68 ? 24  TRP A C     1 
ATOM   169  O O     . TRP A 1 24  ? -7.724  10.634  10.741  1.00 18.34 ? 24  TRP A O     1 
ATOM   170  C CB    . TRP A 1 24  ? -4.777  12.256  10.714  1.00 19.99 ? 24  TRP A CB    1 
ATOM   171  C CG    . TRP A 1 24  ? -4.457  11.326  9.571   1.00 21.55 ? 24  TRP A CG    1 
ATOM   172  C CD1   . TRP A 1 24  ? -5.265  11.023  8.515   1.00 21.77 ? 24  TRP A CD1   1 
ATOM   173  C CD2   . TRP A 1 24  ? -3.285  10.507  9.428   1.00 21.75 ? 24  TRP A CD2   1 
ATOM   174  N NE1   . TRP A 1 24  ? -4.673  10.065  7.723   1.00 23.81 ? 24  TRP A NE1   1 
ATOM   175  C CE2   . TRP A 1 24  ? -3.460  9.730   8.259   1.00 22.48 ? 24  TRP A CE2   1 
ATOM   176  C CE3   . TRP A 1 24  ? -2.110  10.352  10.174  1.00 21.50 ? 24  TRP A CE3   1 
ATOM   177  C CZ2   . TRP A 1 24  ? -2.501  8.802   7.819   1.00 22.49 ? 24  TRP A CZ2   1 
ATOM   178  C CZ3   . TRP A 1 24  ? -1.155  9.429   9.738   1.00 23.45 ? 24  TRP A CZ3   1 
ATOM   179  C CH2   . TRP A 1 24  ? -1.360  8.667   8.568   1.00 22.41 ? 24  TRP A CH2   1 
ATOM   180  N N     . PRO A 1 25  ? -7.830  12.865  11.034  1.00 18.21 ? 25  PRO A N     1 
ATOM   181  C CA    . PRO A 1 25  ? -9.175  12.991  10.471  1.00 17.48 ? 25  PRO A CA    1 
ATOM   182  C C     . PRO A 1 25  ? -9.106  12.661  8.985   1.00 18.12 ? 25  PRO A C     1 
ATOM   183  O O     . PRO A 1 25  ? -8.058  12.807  8.362   1.00 17.83 ? 25  PRO A O     1 
ATOM   184  C CB    . PRO A 1 25  ? -9.517  14.461  10.709  1.00 17.71 ? 25  PRO A CB    1 
ATOM   185  C CG    . PRO A 1 25  ? -8.702  14.815  11.912  1.00 19.05 ? 25  PRO A CG    1 
ATOM   186  C CD    . PRO A 1 25  ? -7.389  14.141  11.621  1.00 18.70 ? 25  PRO A CD    1 
ATOM   187  N N     . PRO A 1 26  ? -10.229 12.240  8.396   1.00 17.79 ? 26  PRO A N     1 
ATOM   188  C CA    . PRO A 1 26  ? -10.280 11.889  6.974   1.00 18.34 ? 26  PRO A CA    1 
ATOM   189  C C     . PRO A 1 26  ? -9.676  12.956  6.055   1.00 19.69 ? 26  PRO A C     1 
ATOM   190  O O     . PRO A 1 26  ? -10.122 14.107  6.044   1.00 18.64 ? 26  PRO A O     1 
ATOM   191  C CB    . PRO A 1 26  ? -11.773 11.700  6.722   1.00 19.52 ? 26  PRO A CB    1 
ATOM   192  C CG    . PRO A 1 26  ? -12.295 11.255  8.064   1.00 20.26 ? 26  PRO A CG    1 
ATOM   193  C CD    . PRO A 1 26  ? -11.570 12.177  9.001   1.00 18.84 ? 26  PRO A CD    1 
ATOM   194  N N     . LEU A 1 27  ? -8.657  12.567  5.294   1.00 18.21 ? 27  LEU A N     1 
ATOM   195  C CA    . LEU A 1 27  ? -7.997  13.468  4.345   1.00 18.11 ? 27  LEU A CA    1 
ATOM   196  C C     . LEU A 1 27  ? -8.393  12.965  2.966   1.00 19.53 ? 27  LEU A C     1 
ATOM   197  O O     . LEU A 1 27  ? -7.663  12.199  2.331   1.00 18.11 ? 27  LEU A O     1 
ATOM   198  C CB    . LEU A 1 27  ? -6.474  13.418  4.520   1.00 19.70 ? 27  LEU A CB    1 
ATOM   199  C CG    . LEU A 1 27  ? -5.984  14.040  5.834   1.00 20.43 ? 27  LEU A CG    1 
ATOM   200  C CD1   . LEU A 1 27  ? -4.480  13.884  5.990   1.00 19.31 ? 27  LEU A CD1   1 
ATOM   201  C CD2   . LEU A 1 27  ? -6.373  15.519  5.850   1.00 21.15 ? 27  LEU A CD2   1 
ATOM   202  N N     . ARG A 1 28  ? -9.568  13.390  2.514   1.00 19.04 ? 28  ARG A N     1 
ATOM   203  C CA    . ARG A 1 28  ? -10.096 12.940  1.242   1.00 19.96 ? 28  ARG A CA    1 
ATOM   204  C C     . ARG A 1 28  ? -9.188  13.170  0.040   1.00 20.02 ? 28  ARG A C     1 
ATOM   205  O O     . ARG A 1 28  ? -9.178  12.367  -0.885  1.00 20.97 ? 28  ARG A O     1 
ATOM   206  C CB    . ARG A 1 28  ? -11.486 13.547  1.038   1.00 24.30 ? 28  ARG A CB    1 
ATOM   207  C CG    . ARG A 1 28  ? -12.394 13.204  2.224   1.00 28.48 ? 28  ARG A CG    1 
ATOM   208  C CD    . ARG A 1 28  ? -13.867 13.173  1.881   1.00 31.61 ? 28  ARG A CD    1 
ATOM   209  N NE    . ARG A 1 28  ? -14.665 12.471  2.891   1.00 33.57 ? 28  ARG A NE    1 
ATOM   210  C CZ    . ARG A 1 28  ? -14.889 12.909  4.127   1.00 33.98 ? 28  ARG A CZ    1 
ATOM   211  N NH1   . ARG A 1 28  ? -15.631 12.188  4.961   1.00 34.96 ? 28  ARG A NH1   1 
ATOM   212  N NH2   . ARG A 1 28  ? -14.384 14.067  4.530   1.00 30.95 ? 28  ARG A NH2   1 
ATOM   213  N N     . ASN A 1 29  ? -8.406  14.239  0.043   1.00 19.36 ? 29  ASN A N     1 
ATOM   214  C CA    . ASN A 1 29  ? -7.518  14.460  -1.088  1.00 19.36 ? 29  ASN A CA    1 
ATOM   215  C C     . ASN A 1 29  ? -6.381  13.446  -1.084  1.00 20.83 ? 29  ASN A C     1 
ATOM   216  O O     . ASN A 1 29  ? -5.872  13.069  -2.138  1.00 21.16 ? 29  ASN A O     1 
ATOM   217  C CB    . ASN A 1 29  ? -6.989  15.897  -1.079  1.00 17.91 ? 29  ASN A CB    1 
ATOM   218  C CG    . ASN A 1 29  ? -8.076  16.898  -1.398  1.00 14.35 ? 29  ASN A CG    1 
ATOM   219  O OD1   . ASN A 1 29  ? -9.134  16.527  -1.912  1.00 15.10 ? 29  ASN A OD1   1 
ATOM   220  N ND2   . ASN A 1 29  ? -7.828  18.162  -1.114  1.00 15.91 ? 29  ASN A ND2   1 
ATOM   221  N N     . GLU A 1 30  ? -6.007  12.977  0.104   1.00 21.11 ? 30  GLU A N     1 
ATOM   222  C CA    . GLU A 1 30  ? -4.943  11.988  0.239   1.00 21.02 ? 30  GLU A CA    1 
ATOM   223  C C     . GLU A 1 30  ? -5.447  10.627  -0.251  1.00 21.04 ? 30  GLU A C     1 
ATOM   224  O O     . GLU A 1 30  ? -4.669  9.845   -0.818  1.00 20.38 ? 30  GLU A O     1 
ATOM   225  C CB    . GLU A 1 30  ? -4.480  11.892  1.702   1.00 22.62 ? 30  GLU A CB    1 
ATOM   226  C CG    . GLU A 1 30  ? -3.033  11.402  1.864   1.00 22.56 ? 30  GLU A CG    1 
ATOM   227  C CD    . GLU A 1 30  ? -2.882  9.906   1.653   1.00 22.56 ? 30  GLU A CD    1 
ATOM   228  O OE1   . GLU A 1 30  ? -1.866  9.491   1.048   1.00 22.39 ? 30  GLU A OE1   1 
ATOM   229  O OE2   . GLU A 1 30  ? -3.763  9.148   2.104   1.00 21.89 ? 30  GLU A OE2   1 
ATOM   230  N N     . PHE A 1 31  ? -6.736  10.346  -0.027  1.00 20.08 ? 31  PHE A N     1 
ATOM   231  C CA    . PHE A 1 31  ? -7.348  9.092   -0.476  1.00 19.48 ? 31  PHE A CA    1 
ATOM   232  C C     . PHE A 1 31  ? -7.389  9.081   -2.006  1.00 18.48 ? 31  PHE A C     1 
ATOM   233  O O     . PHE A 1 31  ? -7.314  8.024   -2.634  1.00 16.27 ? 31  PHE A O     1 
ATOM   234  C CB    . PHE A 1 31  ? -8.795  8.944   0.028   1.00 23.36 ? 31  PHE A CB    1 
ATOM   235  C CG    . PHE A 1 31  ? -8.917  8.669   1.503   1.00 28.40 ? 31  PHE A CG    1 
ATOM   236  C CD1   . PHE A 1 31  ? -8.049  7.788   2.144   1.00 30.42 ? 31  PHE A CD1   1 
ATOM   237  C CD2   . PHE A 1 31  ? -9.937  9.262   2.250   1.00 29.67 ? 31  PHE A CD2   1 
ATOM   238  C CE1   . PHE A 1 31  ? -8.199  7.503   3.508   1.00 32.43 ? 31  PHE A CE1   1 
ATOM   239  C CE2   . PHE A 1 31  ? -10.089 8.983   3.596   1.00 29.33 ? 31  PHE A CE2   1 
ATOM   240  C CZ    . PHE A 1 31  ? -9.224  8.107   4.228   1.00 32.41 ? 31  PHE A CZ    1 
ATOM   241  N N     . LYS A 1 32  ? -7.540  10.265  -2.595  1.00 16.54 ? 32  LYS A N     1 
ATOM   242  C CA    . LYS A 1 32  ? -7.583  10.405  -4.051  1.00 16.70 ? 32  LYS A CA    1 
ATOM   243  C C     . LYS A 1 32  ? -6.276  9.902   -4.661  1.00 14.34 ? 32  LYS A C     1 
ATOM   244  O O     . LYS A 1 32  ? -6.287  9.185   -5.664  1.00 14.39 ? 32  LYS A O     1 
ATOM   245  C CB    . LYS A 1 32  ? -7.773  11.870  -4.454  1.00 17.63 ? 32  LYS A CB    1 
ATOM   246  C CG    . LYS A 1 32  ? -9.071  12.513  -3.997  1.00 22.91 ? 32  LYS A CG    1 
ATOM   247  C CD    . LYS A 1 32  ? -10.241 12.033  -4.805  1.00 26.34 ? 32  LYS A CD    1 
ATOM   248  C CE    . LYS A 1 32  ? -11.517 12.748  -4.371  1.00 28.32 ? 32  LYS A CE    1 
ATOM   249  N NZ    . LYS A 1 32  ? -11.410 14.226  -4.495  1.00 29.43 ? 32  LYS A NZ    1 
ATOM   250  N N     . TYR A 1 33  ? -5.161  10.304  -4.053  1.00 13.00 ? 33  TYR A N     1 
ATOM   251  C CA    . TYR A 1 33  ? -3.818  9.912   -4.514  1.00 13.75 ? 33  TYR A CA    1 
ATOM   252  C C     . TYR A 1 33  ? -3.616  8.413   -4.332  1.00 14.95 ? 33  TYR A C     1 
ATOM   253  O O     . TYR A 1 33  ? -3.144  7.727   -5.244  1.00 16.25 ? 33  TYR A O     1 
ATOM   254  C CB    . TYR A 1 33  ? -2.736  10.691  -3.744  1.00 13.41 ? 33  TYR A CB    1 
ATOM   255  C CG    . TYR A 1 33  ? -1.305  10.254  -4.016  1.00 13.58 ? 33  TYR A CG    1 
ATOM   256  C CD1   . TYR A 1 33  ? -0.661  9.321   -3.193  1.00 13.85 ? 33  TYR A CD1   1 
ATOM   257  C CD2   . TYR A 1 33  ? -0.601  10.755  -5.110  1.00 14.97 ? 33  TYR A CD2   1 
ATOM   258  C CE1   . TYR A 1 33  ? 0.654   8.901   -3.461  1.00 12.52 ? 33  TYR A CE1   1 
ATOM   259  C CE2   . TYR A 1 33  ? 0.716   10.341  -5.383  1.00 14.94 ? 33  TYR A CE2   1 
ATOM   260  C CZ    . TYR A 1 33  ? 1.327   9.421   -4.559  1.00 14.81 ? 33  TYR A CZ    1 
ATOM   261  O OH    . TYR A 1 33  ? 2.613   9.040   -4.856  1.00 14.67 ? 33  TYR A OH    1 
ATOM   262  N N     . PHE A 1 34  ? -3.970  7.899   -3.157  1.00 13.37 ? 34  PHE A N     1 
ATOM   263  C CA    . PHE A 1 34  ? -3.849  6.463   -2.914  1.00 13.85 ? 34  PHE A CA    1 
ATOM   264  C C     . PHE A 1 34  ? -4.633  5.707   -3.975  1.00 14.35 ? 34  PHE A C     1 
ATOM   265  O O     . PHE A 1 34  ? -4.145  4.730   -4.553  1.00 13.98 ? 34  PHE A O     1 
ATOM   266  C CB    . PHE A 1 34  ? -4.407  6.113   -1.532  1.00 14.38 ? 34  PHE A CB    1 
ATOM   267  C CG    . PHE A 1 34  ? -4.757  4.666   -1.364  1.00 15.51 ? 34  PHE A CG    1 
ATOM   268  C CD1   . PHE A 1 34  ? -3.768  3.711   -1.153  1.00 14.98 ? 34  PHE A CD1   1 
ATOM   269  C CD2   . PHE A 1 34  ? -6.087  4.256   -1.402  1.00 14.36 ? 34  PHE A CD2   1 
ATOM   270  C CE1   . PHE A 1 34  ? -4.102  2.363   -0.974  1.00 15.20 ? 34  PHE A CE1   1 
ATOM   271  C CE2   . PHE A 1 34  ? -6.429  2.916   -1.226  1.00 17.32 ? 34  PHE A CE2   1 
ATOM   272  C CZ    . PHE A 1 34  ? -5.436  1.970   -1.010  1.00 13.61 ? 34  PHE A CZ    1 
ATOM   273  N N     . GLN A 1 35  ? -5.859  6.163   -4.216  1.00 13.99 ? 35  GLN A N     1 
ATOM   274  C CA    . GLN A 1 35  ? -6.761  5.564   -5.187  1.00 16.41 ? 35  GLN A CA    1 
ATOM   275  C C     . GLN A 1 35  ? -6.217  5.598   -6.623  1.00 16.20 ? 35  GLN A C     1 
ATOM   276  O O     . GLN A 1 35  ? -6.250  4.588   -7.327  1.00 16.58 ? 35  GLN A O     1 
ATOM   277  C CB    . GLN A 1 35  ? -8.123  6.269   -5.110  1.00 19.13 ? 35  GLN A CB    1 
ATOM   278  C CG    . GLN A 1 35  ? -9.150  5.837   -6.138  1.00 24.76 ? 35  GLN A CG    1 
ATOM   279  C CD    . GLN A 1 35  ? -10.526 6.442   -5.868  1.00 30.68 ? 35  GLN A CD    1 
ATOM   280  O OE1   . GLN A 1 35  ? -11.211 6.061   -4.912  1.00 34.51 ? 35  GLN A OE1   1 
ATOM   281  N NE2   . GLN A 1 35  ? -10.933 7.393   -6.703  1.00 32.76 ? 35  GLN A NE2   1 
ATOM   282  N N     . ARG A 1 36  ? -5.718  6.752   -7.050  1.00 15.46 ? 36  ARG A N     1 
ATOM   283  C CA    . ARG A 1 36  ? -5.172  6.886   -8.396  1.00 15.17 ? 36  ARG A CA    1 
ATOM   284  C C     . ARG A 1 36  ? -3.929  6.030   -8.605  1.00 15.96 ? 36  ARG A C     1 
ATOM   285  O O     . ARG A 1 36  ? -3.817  5.339   -9.615  1.00 16.30 ? 36  ARG A O     1 
ATOM   286  C CB    . ARG A 1 36  ? -4.836  8.355   -8.712  1.00 15.10 ? 36  ARG A CB    1 
ATOM   287  C CG    . ARG A 1 36  ? -4.184  8.563   -10.098 1.00 17.26 ? 36  ARG A CG    1 
ATOM   288  C CD    . ARG A 1 36  ? -4.118  10.031  -10.484 1.00 18.69 ? 36  ARG A CD    1 
ATOM   289  N NE    . ARG A 1 36  ? -3.227  10.785  -9.617  1.00 17.71 ? 36  ARG A NE    1 
ATOM   290  C CZ    . ARG A 1 36  ? -1.905  10.812  -9.754  1.00 16.88 ? 36  ARG A CZ    1 
ATOM   291  N NH1   . ARG A 1 36  ? -1.311  10.133  -10.734 1.00 17.99 ? 36  ARG A NH1   1 
ATOM   292  N NH2   . ARG A 1 36  ? -1.167  11.495  -8.904  1.00 12.49 ? 36  ARG A NH2   1 
ATOM   293  N N     . MET A 1 37  ? -3.000  6.055   -7.653  1.00 14.32 ? 37  MET A N     1 
ATOM   294  C CA    . MET A 1 37  ? -1.766  5.285   -7.817  1.00 14.90 ? 37  MET A CA    1 
ATOM   295  C C     . MET A 1 37  ? -1.990  3.750   -7.816  1.00 14.31 ? 37  MET A C     1 
ATOM   296  O O     . MET A 1 37  ? -1.483  3.040   -8.687  1.00 12.32 ? 37  MET A O     1 
ATOM   297  C CB    . MET A 1 37  ? -0.731  5.654   -6.736  1.00 15.10 ? 37  MET A CB    1 
ATOM   298  C CG    . MET A 1 37  ? -0.185  7.080   -6.692  1.00 18.04 ? 37  MET A CG    1 
ATOM   299  S SD    . MET A 1 37  ? 0.527   7.679   -8.254  1.00 19.26 ? 37  MET A SD    1 
ATOM   300  C CE    . MET A 1 37  ? 2.083   6.768   -8.427  1.00 15.76 ? 37  MET A CE    1 
ATOM   301  N N     . THR A 1 38  ? -2.744  3.240   -6.847  1.00 12.99 ? 38  THR A N     1 
ATOM   302  C CA    . THR A 1 38  ? -2.993  1.801   -6.773  1.00 12.23 ? 38  THR A CA    1 
ATOM   303  C C     . THR A 1 38  ? -3.937  1.293   -7.869  1.00 13.01 ? 38  THR A C     1 
ATOM   304  O O     . THR A 1 38  ? -3.852  0.142   -8.291  1.00 12.24 ? 38  THR A O     1 
ATOM   305  C CB    . THR A 1 38  ? -3.540  1.413   -5.376  1.00 13.49 ? 38  THR A CB    1 
ATOM   306  O OG1   . THR A 1 38  ? -4.808  2.049   -5.146  1.00 14.72 ? 38  THR A OG1   1 
ATOM   307  C CG2   . THR A 1 38  ? -2.542  1.821   -4.303  1.00 11.12 ? 38  THR A CG2   1 
ATOM   308  N N     . THR A 1 39  ? -4.812  2.166   -8.353  1.00 12.90 ? 39  THR A N     1 
ATOM   309  C CA    . THR A 1 39  ? -5.769  1.792   -9.376  1.00 12.73 ? 39  THR A CA    1 
ATOM   310  C C     . THR A 1 39  ? -5.282  1.938   -10.827 1.00 13.93 ? 39  THR A C     1 
ATOM   311  O O     . THR A 1 39  ? -5.662  1.142   -11.674 1.00 14.41 ? 39  THR A O     1 
ATOM   312  C CB    . THR A 1 39  ? -7.089  2.586   -9.217  1.00 13.76 ? 39  THR A CB    1 
ATOM   313  O OG1   . THR A 1 39  ? -7.604  2.401   -7.886  1.00 15.75 ? 39  THR A OG1   1 
ATOM   314  C CG2   . THR A 1 39  ? -8.133  2.094   -10.210 1.00 13.80 ? 39  THR A CG2   1 
ATOM   315  N N     . THR A 1 40  ? -4.417  2.906   -11.114 1.00 14.57 ? 40  THR A N     1 
ATOM   316  C CA    . THR A 1 40  ? -3.967  3.124   -12.488 1.00 14.75 ? 40  THR A CA    1 
ATOM   317  C C     . THR A 1 40  ? -2.927  2.148   -13.045 1.00 14.27 ? 40  THR A C     1 
ATOM   318  O O     . THR A 1 40  ? -1.740  2.258   -12.741 1.00 12.40 ? 40  THR A O     1 
ATOM   319  C CB    . THR A 1 40  ? -3.430  4.571   -12.649 1.00 15.07 ? 40  THR A CB    1 
ATOM   320  O OG1   . THR A 1 40  ? -4.433  5.495   -12.218 1.00 14.81 ? 40  THR A OG1   1 
ATOM   321  C CG2   . THR A 1 40  ? -3.103  4.874   -14.107 1.00 13.69 ? 40  THR A CG2   1 
ATOM   322  N N     . SER A 1 41  ? -3.363  1.199   -13.874 1.00 16.49 ? 41  SER A N     1 
ATOM   323  C CA    . SER A 1 41  ? -2.411  0.263   -14.458 1.00 19.17 ? 41  SER A CA    1 
ATOM   324  C C     . SER A 1 41  ? -1.770  0.943   -15.670 1.00 20.02 ? 41  SER A C     1 
ATOM   325  O O     . SER A 1 41  ? -2.308  1.912   -16.204 1.00 17.01 ? 41  SER A O     1 
ATOM   326  C CB    . SER A 1 41  ? -3.091  -1.053  -14.858 1.00 20.22 ? 41  SER A CB    1 
ATOM   327  O OG    . SER A 1 41  ? -3.729  -0.963  -16.118 1.00 21.32 ? 41  SER A OG    1 
ATOM   328  N N     . SER A 1 42  ? -0.605  0.451   -16.070 1.00 22.48 ? 42  SER A N     1 
ATOM   329  C CA    . SER A 1 42  ? 0.100   1.050   -17.192 1.00 24.56 ? 42  SER A CA    1 
ATOM   330  C C     . SER A 1 42  ? -0.288  0.390   -18.496 1.00 27.19 ? 42  SER A C     1 
ATOM   331  O O     . SER A 1 42  ? 0.273   0.706   -19.550 1.00 28.98 ? 42  SER A O     1 
ATOM   332  C CB    . SER A 1 42  ? 1.605   0.930   -16.980 1.00 23.61 ? 42  SER A CB    1 
ATOM   333  O OG    . SER A 1 42  ? 2.004   -0.431  -17.018 1.00 27.20 ? 42  SER A OG    1 
ATOM   334  N N     . VAL A 1 43  ? -1.250  -0.527  -18.422 1.00 27.96 ? 43  VAL A N     1 
ATOM   335  C CA    . VAL A 1 43  ? -1.712  -1.248  -19.596 1.00 27.06 ? 43  VAL A CA    1 
ATOM   336  C C     . VAL A 1 43  ? -3.214  -1.528  -19.533 1.00 27.35 ? 43  VAL A C     1 
ATOM   337  O O     . VAL A 1 43  ? -3.737  -2.007  -18.525 1.00 25.88 ? 43  VAL A O     1 
ATOM   338  C CB    . VAL A 1 43  ? -0.965  -2.597  -19.744 1.00 28.04 ? 43  VAL A CB    1 
ATOM   339  C CG1   . VAL A 1 43  ? -1.344  -3.257  -21.059 1.00 27.83 ? 43  VAL A CG1   1 
ATOM   340  C CG2   . VAL A 1 43  ? 0.539   -2.379  -19.673 1.00 28.94 ? 43  VAL A CG2   1 
ATOM   341  N N     . GLU A 1 44  ? -3.906  -1.221  -20.620 1.00 27.38 ? 44  GLU A N     1 
ATOM   342  C CA    . GLU A 1 44  ? -5.336  -1.451  -20.699 1.00 28.48 ? 44  GLU A CA    1 
ATOM   343  C C     . GLU A 1 44  ? -5.570  -2.959  -20.665 1.00 28.23 ? 44  GLU A C     1 
ATOM   344  O O     . GLU A 1 44  ? -4.762  -3.720  -21.189 1.00 28.18 ? 44  GLU A O     1 
ATOM   345  C CB    . GLU A 1 44  ? -5.872  -0.889  -22.009 1.00 32.56 ? 44  GLU A CB    1 
ATOM   346  C CG    . GLU A 1 44  ? -7.378  -0.828  -22.060 1.00 36.22 ? 44  GLU A CG    1 
ATOM   347  C CD    . GLU A 1 44  ? -7.912  0.330   -21.258 1.00 38.35 ? 44  GLU A CD    1 
ATOM   348  O OE1   . GLU A 1 44  ? -7.663  1.485   -21.665 1.00 40.10 ? 44  GLU A OE1   1 
ATOM   349  O OE2   . GLU A 1 44  ? -8.574  0.089   -20.228 1.00 40.59 ? 44  GLU A OE2   1 
ATOM   350  N N     . GLY A 1 45  ? -6.672  -3.393  -20.061 1.00 27.21 ? 45  GLY A N     1 
ATOM   351  C CA    . GLY A 1 45  ? -6.944  -4.817  -19.999 1.00 27.17 ? 45  GLY A CA    1 
ATOM   352  C C     . GLY A 1 45  ? -6.404  -5.447  -18.732 1.00 26.26 ? 45  GLY A C     1 
ATOM   353  O O     . GLY A 1 45  ? -6.898  -6.480  -18.280 1.00 28.29 ? 45  GLY A O     1 
ATOM   354  N N     . LYS A 1 46  ? -5.377  -4.832  -18.163 1.00 24.12 ? 46  LYS A N     1 
ATOM   355  C CA    . LYS A 1 46  ? -4.777  -5.322  -16.933 1.00 22.19 ? 46  LYS A CA    1 
ATOM   356  C C     . LYS A 1 46  ? -5.214  -4.455  -15.759 1.00 21.46 ? 46  LYS A C     1 
ATOM   357  O O     . LYS A 1 46  ? -5.386  -3.246  -15.903 1.00 19.07 ? 46  LYS A O     1 
ATOM   358  C CB    . LYS A 1 46  ? -3.248  -5.290  -17.014 1.00 23.59 ? 46  LYS A CB    1 
ATOM   359  C CG    . LYS A 1 46  ? -2.610  -6.316  -17.951 1.00 27.82 ? 46  LYS A CG    1 
ATOM   360  C CD    . LYS A 1 46  ? -1.103  -6.378  -17.723 1.00 28.31 ? 46  LYS A CD    1 
ATOM   361  C CE    . LYS A 1 46  ? -0.459  -7.492  -18.523 1.00 31.78 ? 46  LYS A CE    1 
ATOM   362  N NZ    . LYS A 1 46  ? 1.011   -7.577  -18.264 1.00 33.98 ? 46  LYS A NZ    1 
ATOM   363  N N     . GLN A 1 47  ? -5.404  -5.097  -14.611 1.00 18.48 ? 47  GLN A N     1 
ATOM   364  C CA    . GLN A 1 47  ? -5.768  -4.414  -13.379 1.00 17.97 ? 47  GLN A CA    1 
ATOM   365  C C     . GLN A 1 47  ? -4.578  -4.509  -12.440 1.00 16.54 ? 47  GLN A C     1 
ATOM   366  O O     . GLN A 1 47  ? -3.817  -5.485  -12.492 1.00 17.11 ? 47  GLN A O     1 
ATOM   367  C CB    . GLN A 1 47  ? -6.964  -5.087  -12.694 1.00 18.24 ? 47  GLN A CB    1 
ATOM   368  C CG    . GLN A 1 47  ? -8.319  -4.748  -13.269 1.00 22.00 ? 47  GLN A CG    1 
ATOM   369  C CD    . GLN A 1 47  ? -9.432  -5.487  -12.552 1.00 23.80 ? 47  GLN A CD    1 
ATOM   370  O OE1   . GLN A 1 47  ? -9.477  -6.715  -12.554 1.00 25.31 ? 47  GLN A OE1   1 
ATOM   371  N NE2   . GLN A 1 47  ? -10.322 -4.743  -11.917 1.00 24.59 ? 47  GLN A NE2   1 
ATOM   372  N N     . ASN A 1 48  ? -4.419  -3.492  -11.596 1.00 13.94 ? 48  ASN A N     1 
ATOM   373  C CA    . ASN A 1 48  ? -3.362  -3.484  -10.607 1.00 12.97 ? 48  ASN A CA    1 
ATOM   374  C C     . ASN A 1 48  ? -3.880  -4.382  -9.500  1.00 13.65 ? 48  ASN A C     1 
ATOM   375  O O     . ASN A 1 48  ? -5.081  -4.620  -9.382  1.00 12.37 ? 48  ASN A O     1 
ATOM   376  C CB    . ASN A 1 48  ? -3.099  -2.075  -10.056 1.00 12.82 ? 48  ASN A CB    1 
ATOM   377  C CG    . ASN A 1 48  ? -2.200  -1.253  -10.962 1.00 12.53 ? 48  ASN A CG    1 
ATOM   378  O OD1   . ASN A 1 48  ? -1.625  -1.772  -11.914 1.00 13.36 ? 48  ASN A OD1   1 
ATOM   379  N ND2   . ASN A 1 48  ? -2.067  0.039   -10.660 1.00 11.45 ? 48  ASN A ND2   1 
ATOM   380  N N     . LEU A 1 49  ? -2.958  -4.866  -8.692  1.00 12.88 ? 49  LEU A N     1 
ATOM   381  C CA    . LEU A 1 49  ? -3.287  -5.777  -7.619  1.00 13.75 ? 49  LEU A CA    1 
ATOM   382  C C     . LEU A 1 49  ? -2.872  -5.153  -6.288  1.00 12.63 ? 49  LEU A C     1 
ATOM   383  O O     . LEU A 1 49  ? -1.818  -4.539  -6.200  1.00 13.42 ? 49  LEU A O     1 
ATOM   384  C CB    . LEU A 1 49  ? -2.525  -7.078  -7.867  1.00 15.86 ? 49  LEU A CB    1 
ATOM   385  C CG    . LEU A 1 49  ? -2.609  -8.251  -6.892  1.00 16.72 ? 49  LEU A CG    1 
ATOM   386  C CD1   . LEU A 1 49  ? -1.774  -8.025  -5.645  1.00 15.49 ? 49  LEU A CD1   1 
ATOM   387  C CD2   . LEU A 1 49  ? -4.044  -8.459  -6.570  1.00 20.89 ? 49  LEU A CD2   1 
ATOM   388  N N     . VAL A 1 50  ? -3.716  -5.294  -5.266  1.00 12.94 ? 50  VAL A N     1 
ATOM   389  C CA    . VAL A 1 50  ? -3.395  -4.783  -3.935  1.00 12.07 ? 50  VAL A CA    1 
ATOM   390  C C     . VAL A 1 50  ? -3.378  -5.987  -2.997  1.00 13.60 ? 50  VAL A C     1 
ATOM   391  O O     . VAL A 1 50  ? -4.190  -6.902  -3.140  1.00 14.57 ? 50  VAL A O     1 
ATOM   392  C CB    . VAL A 1 50  ? -4.437  -3.739  -3.388  1.00 12.48 ? 50  VAL A CB    1 
ATOM   393  C CG1   . VAL A 1 50  ? -4.395  -2.446  -4.208  1.00 11.22 ? 50  VAL A CG1   1 
ATOM   394  C CG2   . VAL A 1 50  ? -5.837  -4.327  -3.384  1.00 13.66 ? 50  VAL A CG2   1 
ATOM   395  N N     . ILE A 1 51  ? -2.436  -5.989  -2.058  1.00 13.33 ? 51  ILE A N     1 
ATOM   396  C CA    . ILE A 1 51  ? -2.283  -7.052  -1.069  1.00 13.93 ? 51  ILE A CA    1 
ATOM   397  C C     . ILE A 1 51  ? -2.387  -6.353  0.305   1.00 12.65 ? 51  ILE A C     1 
ATOM   398  O O     . ILE A 1 51  ? -1.757  -5.336  0.502   1.00 12.31 ? 51  ILE A O     1 
ATOM   399  C CB    . ILE A 1 51  ? -0.873  -7.731  -1.199  1.00 14.44 ? 51  ILE A CB    1 
ATOM   400  C CG1   . ILE A 1 51  ? -0.714  -8.373  -2.590  1.00 16.70 ? 51  ILE A CG1   1 
ATOM   401  C CG2   . ILE A 1 51  ? -0.679  -8.759  -0.110  1.00 13.52 ? 51  ILE A CG2   1 
ATOM   402  C CD1   . ILE A 1 51  ? 0.659   -9.006  -2.837  1.00 17.95 ? 51  ILE A CD1   1 
ATOM   403  N N     . MET A 1 52  ? -3.165  -6.896  1.247   1.00 12.08 ? 52  MET A N     1 
ATOM   404  C CA    . MET A 1 52  ? -3.314  -6.252  2.568   1.00 10.63 ? 52  MET A CA    1 
ATOM   405  C C     . MET A 1 52  ? -3.613  -7.249  3.683   1.00 11.22 ? 52  MET A C     1 
ATOM   406  O O     . MET A 1 52  ? -4.132  -8.334  3.416   1.00 10.49 ? 52  MET A O     1 
ATOM   407  C CB    . MET A 1 52  ? -4.462  -5.227  2.552   1.00 10.49 ? 52  MET A CB    1 
ATOM   408  C CG    . MET A 1 52  ? -5.839  -5.860  2.427   1.00 11.83 ? 52  MET A CG    1 
ATOM   409  S SD    . MET A 1 52  ? -7.232  -4.691  2.219   1.00 17.13 ? 52  MET A SD    1 
ATOM   410  C CE    . MET A 1 52  ? -7.201  -4.445  0.315   1.00 8.67  ? 52  MET A CE    1 
ATOM   411  N N     . GLY A 1 53  ? -3.303  -6.848  4.917   1.00 9.70  ? 53  GLY A N     1 
ATOM   412  C CA    . GLY A 1 53  ? -3.552  -7.669  6.101   1.00 13.08 ? 53  GLY A CA    1 
ATOM   413  C C     . GLY A 1 53  ? -5.027  -7.667  6.466   1.00 12.18 ? 53  GLY A C     1 
ATOM   414  O O     . GLY A 1 53  ? -5.748  -6.715  6.130   1.00 13.43 ? 53  GLY A O     1 
ATOM   415  N N     . ARG A 1 54  ? -5.472  -8.729  7.139   1.00 13.64 ? 54  ARG A N     1 
ATOM   416  C CA    . ARG A 1 54  ? -6.868  -8.884  7.531   1.00 13.85 ? 54  ARG A CA    1 
ATOM   417  C C     . ARG A 1 54  ? -7.424  -7.684  8.289   1.00 13.27 ? 54  ARG A C     1 
ATOM   418  O O     . ARG A 1 54  ? -8.593  -7.339  8.115   1.00 11.83 ? 54  ARG A O     1 
ATOM   419  C CB    . ARG A 1 54  ? -7.028  -10.140 8.395   1.00 16.01 ? 54  ARG A CB    1 
ATOM   420  C CG    . ARG A 1 54  ? -8.463  -10.395 8.904   1.00 18.44 ? 54  ARG A CG    1 
ATOM   421  C CD    . ARG A 1 54  ? -8.422  -10.852 10.358  1.00 22.86 ? 54  ARG A CD    1 
ATOM   422  N NE    . ARG A 1 54  ? -8.597  -9.755  11.301  1.00 24.86 ? 54  ARG A NE    1 
ATOM   423  C CZ    . ARG A 1 54  ? -8.273  -9.820  12.591  1.00 25.66 ? 54  ARG A CZ    1 
ATOM   424  N NH1   . ARG A 1 54  ? -7.740  -10.925 13.091  1.00 22.52 ? 54  ARG A NH1   1 
ATOM   425  N NH2   . ARG A 1 54  ? -8.514  -8.790  13.389  1.00 27.58 ? 54  ARG A NH2   1 
ATOM   426  N N     . LYS A 1 55  ? -6.623  -7.046  9.132   1.00 13.92 ? 55  LYS A N     1 
ATOM   427  C CA    . LYS A 1 55  ? -7.154  -5.903  9.874   1.00 15.72 ? 55  LYS A CA    1 
ATOM   428  C C     . LYS A 1 55  ? -7.389  -4.716  8.948   1.00 16.71 ? 55  LYS A C     1 
ATOM   429  O O     . LYS A 1 55  ? -8.432  -4.070  9.013   1.00 19.12 ? 55  LYS A O     1 
ATOM   430  C CB    . LYS A 1 55  ? -6.217  -5.505  11.010  1.00 17.98 ? 55  LYS A CB    1 
ATOM   431  C CG    . LYS A 1 55  ? -6.032  -6.571  12.091  1.00 19.75 ? 55  LYS A CG    1 
ATOM   432  C CD    . LYS A 1 55  ? -5.119  -6.010  13.166  1.00 22.34 ? 55  LYS A CD    1 
ATOM   433  C CE    . LYS A 1 55  ? -4.782  -7.024  14.240  1.00 24.07 ? 55  LYS A CE    1 
ATOM   434  N NZ    . LYS A 1 55  ? -6.004  -7.596  14.844  1.00 28.68 ? 55  LYS A NZ    1 
ATOM   435  N N     . THR A 1 56  ? -6.441  -4.441  8.058   1.00 16.74 ? 56  THR A N     1 
ATOM   436  C CA    . THR A 1 56  ? -6.623  -3.311  7.139   1.00 15.61 ? 56  THR A CA    1 
ATOM   437  C C     . THR A 1 56  ? -7.929  -3.467  6.357   1.00 15.84 ? 56  THR A C     1 
ATOM   438  O O     . THR A 1 56  ? -8.710  -2.516  6.235   1.00 15.02 ? 56  THR A O     1 
ATOM   439  C CB    . THR A 1 56  ? -5.409  -3.175  6.182   1.00 13.65 ? 56  THR A CB    1 
ATOM   440  O OG1   . THR A 1 56  ? -4.264  -2.750  6.939   1.00 16.40 ? 56  THR A OG1   1 
ATOM   441  C CG2   . THR A 1 56  ? -5.694  -2.171  5.066   1.00 13.26 ? 56  THR A CG2   1 
ATOM   442  N N     . TRP A 1 57  ? -8.192  -4.677  5.866   1.00 15.30 ? 57  TRP A N     1 
ATOM   443  C CA    . TRP A 1 57  ? -9.409  -4.943  5.112   1.00 14.15 ? 57  TRP A CA    1 
ATOM   444  C C     . TRP A 1 57  ? -10.684 -4.598  5.894   1.00 15.41 ? 57  TRP A C     1 
ATOM   445  O O     . TRP A 1 57  ? -11.533 -3.881  5.389   1.00 16.92 ? 57  TRP A O     1 
ATOM   446  C CB    . TRP A 1 57  ? -9.446  -6.412  4.668   1.00 13.68 ? 57  TRP A CB    1 
ATOM   447  C CG    . TRP A 1 57  ? -10.779 -6.886  4.164   1.00 13.07 ? 57  TRP A CG    1 
ATOM   448  C CD1   . TRP A 1 57  ? -11.808 -7.390  4.912   1.00 14.54 ? 57  TRP A CD1   1 
ATOM   449  C CD2   . TRP A 1 57  ? -11.228 -6.898  2.805   1.00 15.15 ? 57  TRP A CD2   1 
ATOM   450  N NE1   . TRP A 1 57  ? -12.868 -7.719  4.104   1.00 13.54 ? 57  TRP A NE1   1 
ATOM   451  C CE2   . TRP A 1 57  ? -12.541 -7.430  2.805   1.00 15.48 ? 57  TRP A CE2   1 
ATOM   452  C CE3   . TRP A 1 57  ? -10.650 -6.518  1.583   1.00 15.04 ? 57  TRP A CE3   1 
ATOM   453  C CZ2   . TRP A 1 57  ? -13.287 -7.584  1.633   1.00 16.40 ? 57  TRP A CZ2   1 
ATOM   454  C CZ3   . TRP A 1 57  ? -11.392 -6.672  0.417   1.00 15.38 ? 57  TRP A CZ3   1 
ATOM   455  C CH2   . TRP A 1 57  ? -12.698 -7.205  0.452   1.00 17.29 ? 57  TRP A CH2   1 
ATOM   456  N N     . PHE A 1 58  ? -10.830 -5.108  7.114   1.00 17.34 ? 58  PHE A N     1 
ATOM   457  C CA    . PHE A 1 58  ? -12.041 -4.818  7.881   1.00 17.48 ? 58  PHE A CA    1 
ATOM   458  C C     . PHE A 1 58  ? -12.081 -3.407  8.453   1.00 19.76 ? 58  PHE A C     1 
ATOM   459  O O     . PHE A 1 58  ? -13.128 -2.954  8.918   1.00 20.57 ? 58  PHE A O     1 
ATOM   460  C CB    . PHE A 1 58  ? -12.250 -5.865  8.991   1.00 15.96 ? 58  PHE A CB    1 
ATOM   461  C CG    . PHE A 1 58  ? -12.660 -7.218  8.471   1.00 17.89 ? 58  PHE A CG    1 
ATOM   462  C CD1   . PHE A 1 58  ? -11.793 -8.309  8.539   1.00 16.97 ? 58  PHE A CD1   1 
ATOM   463  C CD2   . PHE A 1 58  ? -13.918 -7.405  7.901   1.00 16.73 ? 58  PHE A CD2   1 
ATOM   464  C CE1   . PHE A 1 58  ? -12.169 -9.557  8.047   1.00 15.88 ? 58  PHE A CE1   1 
ATOM   465  C CE2   . PHE A 1 58  ? -14.308 -8.653  7.405   1.00 17.36 ? 58  PHE A CE2   1 
ATOM   466  C CZ    . PHE A 1 58  ? -13.430 -9.729  7.479   1.00 17.25 ? 58  PHE A CZ    1 
ATOM   467  N N     . SER A 1 59  ? -10.953 -2.704  8.407   1.00 20.60 ? 59  SER A N     1 
ATOM   468  C CA    . SER A 1 59  ? -10.901 -1.335  8.906   1.00 23.53 ? 59  SER A CA    1 
ATOM   469  C C     . SER A 1 59  ? -11.394 -0.404  7.806   1.00 24.10 ? 59  SER A C     1 
ATOM   470  O O     . SER A 1 59  ? -11.779 0.734   8.057   1.00 22.19 ? 59  SER A O     1 
ATOM   471  C CB    . SER A 1 59  ? -9.476  -0.954  9.308   1.00 25.35 ? 59  SER A CB    1 
ATOM   472  O OG    . SER A 1 59  ? -8.600  -1.019  8.198   1.00 33.05 ? 59  SER A OG    1 
ATOM   473  N N     . ILE A 1 60  ? -11.377 -0.889  6.574   1.00 24.55 ? 60  ILE A N     1 
ATOM   474  C CA    . ILE A 1 60  ? -11.857 -0.076  5.471   1.00 24.73 ? 60  ILE A CA    1 
ATOM   475  C C     . ILE A 1 60  ? -13.385 -0.125  5.453   1.00 24.13 ? 60  ILE A C     1 
ATOM   476  O O     . ILE A 1 60  ? -13.976 -1.207  5.503   1.00 23.29 ? 60  ILE A O     1 
ATOM   477  C CB    . ILE A 1 60  ? -11.307 -0.583  4.134   1.00 24.59 ? 60  ILE A CB    1 
ATOM   478  C CG1   . ILE A 1 60  ? -9.793  -0.383  4.086   1.00 24.07 ? 60  ILE A CG1   1 
ATOM   479  C CG2   . ILE A 1 60  ? -11.965 0.156   2.989   1.00 24.94 ? 60  ILE A CG2   1 
ATOM   480  C CD1   . ILE A 1 60  ? -9.161  -0.881  2.813   1.00 27.40 ? 60  ILE A CD1   1 
ATOM   481  N N     . PRO A 1 61  ? -14.044 1.050   5.403   1.00 23.77 ? 61  PRO A N     1 
ATOM   482  C CA    . PRO A 1 61  ? -15.510 1.117   5.379   1.00 22.58 ? 61  PRO A CA    1 
ATOM   483  C C     . PRO A 1 61  ? -16.082 0.092   4.407   1.00 21.79 ? 61  PRO A C     1 
ATOM   484  O O     . PRO A 1 61  ? -15.598 -0.042  3.290   1.00 20.54 ? 61  PRO A O     1 
ATOM   485  C CB    . PRO A 1 61  ? -15.782 2.546   4.920   1.00 23.75 ? 61  PRO A CB    1 
ATOM   486  C CG    . PRO A 1 61  ? -14.655 3.296   5.516   1.00 23.99 ? 61  PRO A CG    1 
ATOM   487  C CD    . PRO A 1 61  ? -13.461 2.400   5.273   1.00 24.05 ? 61  PRO A CD    1 
ATOM   488  N N     . GLU A 1 62  ? -17.117 -0.621  4.838   1.00 21.99 ? 62  GLU A N     1 
ATOM   489  C CA    . GLU A 1 62  ? -17.755 -1.640  4.014   1.00 23.65 ? 62  GLU A CA    1 
ATOM   490  C C     . GLU A 1 62  ? -18.248 -1.083  2.686   1.00 24.66 ? 62  GLU A C     1 
ATOM   491  O O     . GLU A 1 62  ? -18.263 -1.786  1.676   1.00 23.76 ? 62  GLU A O     1 
ATOM   492  C CB    . GLU A 1 62  ? -18.936 -2.260  4.765   1.00 25.48 ? 62  GLU A CB    1 
ATOM   493  C CG    . GLU A 1 62  ? -19.433 -3.555  4.145   1.00 26.92 ? 62  GLU A CG    1 
ATOM   494  C CD    . GLU A 1 62  ? -20.652 -4.111  4.858   1.00 28.98 ? 62  GLU A CD    1 
ATOM   495  O OE1   . GLU A 1 62  ? -20.620 -4.218  6.106   1.00 28.28 ? 62  GLU A OE1   1 
ATOM   496  O OE2   . GLU A 1 62  ? -21.644 -4.439  4.170   1.00 28.57 ? 62  GLU A OE2   1 
ATOM   497  N N     . LYS A 1 63  ? -18.653 0.183   2.696   1.00 26.04 ? 63  LYS A N     1 
ATOM   498  C CA    . LYS A 1 63  ? -19.144 0.819   1.484   1.00 27.70 ? 63  LYS A CA    1 
ATOM   499  C C     . LYS A 1 63  ? -18.019 1.018   0.469   1.00 27.80 ? 63  LYS A C     1 
ATOM   500  O O     . LYS A 1 63  ? -18.278 1.246   -0.714  1.00 29.19 ? 63  LYS A O     1 
ATOM   501  C CB    . LYS A 1 63  ? -19.809 2.157   1.822   1.00 27.71 ? 63  LYS A CB    1 
ATOM   502  C CG    . LYS A 1 63  ? -18.949 3.096   2.656   1.00 30.29 ? 63  LYS A CG    1 
ATOM   503  C CD    . LYS A 1 63  ? -19.698 4.380   3.013   1.00 32.36 ? 63  LYS A CD    1 
ATOM   504  C CE    . LYS A 1 63  ? -18.838 5.302   3.864   1.00 33.77 ? 63  LYS A CE    1 
ATOM   505  N NZ    . LYS A 1 63  ? -19.569 6.536   4.258   1.00 36.57 ? 63  LYS A NZ    1 
ATOM   506  N N     . ASN A 1 64  ? -16.774 0.927   0.931   1.00 27.72 ? 64  ASN A N     1 
ATOM   507  C CA    . ASN A 1 64  ? -15.617 1.088   0.051   1.00 28.01 ? 64  ASN A CA    1 
ATOM   508  C C     . ASN A 1 64  ? -14.898 -0.241  -0.172  1.00 27.84 ? 64  ASN A C     1 
ATOM   509  O O     . ASN A 1 64  ? -13.797 -0.280  -0.728  1.00 27.77 ? 64  ASN A O     1 
ATOM   510  C CB    . ASN A 1 64  ? -14.636 2.117   0.629   1.00 28.64 ? 64  ASN A CB    1 
ATOM   511  C CG    . ASN A 1 64  ? -15.229 3.519   0.694   1.00 28.97 ? 64  ASN A CG    1 
ATOM   512  O OD1   . ASN A 1 64  ? -15.555 4.118   -0.330  1.00 31.01 ? 64  ASN A OD1   1 
ATOM   513  N ND2   . ASN A 1 64  ? -15.372 4.045   1.902   1.00 29.64 ? 64  ASN A ND2   1 
ATOM   514  N N     . ARG A 1 65  ? -15.526 -1.326  0.273   1.00 27.50 ? 65  ARG A N     1 
ATOM   515  C CA    . ARG A 1 65  ? -14.969 -2.665  0.109   1.00 27.05 ? 65  ARG A CA    1 
ATOM   516  C C     . ARG A 1 65  ? -15.750 -3.439  -0.940  1.00 26.54 ? 65  ARG A C     1 
ATOM   517  O O     . ARG A 1 65  ? -16.979 -3.432  -0.933  1.00 25.13 ? 65  ARG A O     1 
ATOM   518  C CB    . ARG A 1 65  ? -15.033 -3.448  1.422   1.00 27.94 ? 65  ARG A CB    1 
ATOM   519  C CG    . ARG A 1 65  ? -13.878 -3.206  2.362   1.00 29.71 ? 65  ARG A CG    1 
ATOM   520  C CD    . ARG A 1 65  ? -13.908 -4.223  3.493   1.00 32.05 ? 65  ARG A CD    1 
ATOM   521  N NE    . ARG A 1 65  ? -14.392 -3.659  4.749   1.00 33.68 ? 65  ARG A NE    1 
ATOM   522  C CZ    . ARG A 1 65  ? -15.329 -4.217  5.506   1.00 32.30 ? 65  ARG A CZ    1 
ATOM   523  N NH1   . ARG A 1 65  ? -15.701 -3.638  6.637   1.00 33.58 ? 65  ARG A NH1   1 
ATOM   524  N NH2   . ARG A 1 65  ? -15.909 -5.344  5.124   1.00 32.85 ? 65  ARG A NH2   1 
ATOM   525  N N     . PRO A 1 66  ? -15.047 -4.101  -1.873  1.00 26.68 ? 66  PRO A N     1 
ATOM   526  C CA    . PRO A 1 66  ? -13.584 -4.160  -1.980  1.00 26.05 ? 66  PRO A CA    1 
ATOM   527  C C     . PRO A 1 66  ? -13.097 -2.899  -2.677  1.00 24.77 ? 66  PRO A C     1 
ATOM   528  O O     . PRO A 1 66  ? -13.906 -2.088  -3.116  1.00 26.08 ? 66  PRO A O     1 
ATOM   529  C CB    . PRO A 1 66  ? -13.341 -5.385  -2.858  1.00 26.05 ? 66  PRO A CB    1 
ATOM   530  C CG    . PRO A 1 66  ? -14.586 -6.189  -2.697  1.00 29.99 ? 66  PRO A CG    1 
ATOM   531  C CD    . PRO A 1 66  ? -15.663 -5.160  -2.687  1.00 26.73 ? 66  PRO A CD    1 
ATOM   532  N N     . LEU A 1 67  ? -11.783 -2.738  -2.781  1.00 23.24 ? 67  LEU A N     1 
ATOM   533  C CA    . LEU A 1 67  ? -11.228 -1.580  -3.478  1.00 21.74 ? 67  LEU A CA    1 
ATOM   534  C C     . LEU A 1 67  ? -11.493 -1.830  -4.960  1.00 21.39 ? 67  LEU A C     1 
ATOM   535  O O     . LEU A 1 67  ? -10.809 -2.625  -5.613  1.00 20.22 ? 67  LEU A O     1 
ATOM   536  C CB    . LEU A 1 67  ? -9.727  -1.449  -3.209  1.00 20.51 ? 67  LEU A CB    1 
ATOM   537  C CG    . LEU A 1 67  ? -9.361  -1.340  -1.724  1.00 19.23 ? 67  LEU A CG    1 
ATOM   538  C CD1   . LEU A 1 67  ? -7.843  -1.206  -1.539  1.00 17.58 ? 67  LEU A CD1   1 
ATOM   539  C CD2   . LEU A 1 67  ? -10.073 -0.148  -1.126  1.00 19.11 ? 67  LEU A CD2   1 
ATOM   540  N N     . LYS A 1 68  ? -12.525 -1.158  -5.458  1.00 21.48 ? 68  LYS A N     1 
ATOM   541  C CA    . LYS A 1 68  ? -12.976 -1.268  -6.836  1.00 22.54 ? 68  LYS A CA    1 
ATOM   542  C C     . LYS A 1 68  ? -11.911 -1.146  -7.907  1.00 20.62 ? 68  LYS A C     1 
ATOM   543  O O     . LYS A 1 68  ? -10.927 -0.432  -7.750  1.00 20.90 ? 68  LYS A O     1 
ATOM   544  C CB    . LYS A 1 68  ? -14.049 -0.218  -7.100  1.00 23.60 ? 68  LYS A CB    1 
ATOM   545  C CG    . LYS A 1 68  ? -13.928 0.976   -6.177  1.00 28.15 ? 68  LYS A CG    1 
ATOM   546  C CD    . LYS A 1 68  ? -14.659 0.664   -4.867  1.00 31.63 ? 68  LYS A CD    1 
ATOM   547  C CE    . LYS A 1 68  ? -14.235 1.558   -3.710  1.00 30.39 ? 68  LYS A CE    1 
ATOM   548  N NZ    . LYS A 1 68  ? -12.934 1.160   -3.122  1.00 29.35 ? 68  LYS A NZ    1 
ATOM   549  N N     . ASP A 1 69  ? -12.139 -1.847  -9.007  1.00 20.54 ? 69  ASP A N     1 
ATOM   550  C CA    . ASP A 1 69  ? -11.233 -1.814  -10.144 1.00 21.51 ? 69  ASP A CA    1 
ATOM   551  C C     . ASP A 1 69  ? -9.840  -2.323  -9.826  1.00 19.23 ? 69  ASP A C     1 
ATOM   552  O O     . ASP A 1 69  ? -8.899  -2.078  -10.582 1.00 18.36 ? 69  ASP A O     1 
ATOM   553  C CB    . ASP A 1 69  ? -11.145 -0.388  -10.692 1.00 23.91 ? 69  ASP A CB    1 
ATOM   554  C CG    . ASP A 1 69  ? -12.506 0.220   -10.923 1.00 29.58 ? 69  ASP A CG    1 
ATOM   555  O OD1   . ASP A 1 69  ? -13.355 -0.445  -11.550 1.00 31.25 ? 69  ASP A OD1   1 
ATOM   556  O OD2   . ASP A 1 69  ? -12.724 1.366   -10.477 1.00 34.30 ? 69  ASP A OD2   1 
ATOM   557  N N     . ARG A 1 70  ? -9.704  -3.014  -8.701  1.00 16.69 ? 70  ARG A N     1 
ATOM   558  C CA    . ARG A 1 70  ? -8.427  -3.586  -8.300  1.00 16.04 ? 70  ARG A CA    1 
ATOM   559  C C     . ARG A 1 70  ? -8.668  -5.005  -7.815  1.00 15.68 ? 70  ARG A C     1 
ATOM   560  O O     . ARG A 1 70  ? -9.711  -5.294  -7.242  1.00 15.41 ? 70  ARG A O     1 
ATOM   561  C CB    . ARG A 1 70  ? -7.797  -2.765  -7.167  1.00 16.10 ? 70  ARG A CB    1 
ATOM   562  C CG    . ARG A 1 70  ? -6.957  -1.576  -7.628  1.00 11.62 ? 70  ARG A CG    1 
ATOM   563  C CD    . ARG A 1 70  ? -6.983  -0.455  -6.602  1.00 12.32 ? 70  ARG A CD    1 
ATOM   564  N NE    . ARG A 1 70  ? -8.332  0.084   -6.427  1.00 11.70 ? 70  ARG A NE    1 
ATOM   565  C CZ    . ARG A 1 70  ? -8.645  1.047   -5.563  1.00 13.36 ? 70  ARG A CZ    1 
ATOM   566  N NH1   . ARG A 1 70  ? -7.716  1.581   -4.787  1.00 14.81 ? 70  ARG A NH1   1 
ATOM   567  N NH2   . ARG A 1 70  ? -9.896  1.485   -5.483  1.00 13.64 ? 70  ARG A NH2   1 
ATOM   568  N N     . ILE A 1 71  ? -7.717  -5.890  -8.083  1.00 13.83 ? 71  ILE A N     1 
ATOM   569  C CA    . ILE A 1 71  ? -7.811  -7.270  -7.629  1.00 13.56 ? 71  ILE A CA    1 
ATOM   570  C C     . ILE A 1 71  ? -7.376  -7.246  -6.165  1.00 12.89 ? 71  ILE A C     1 
ATOM   571  O O     . ILE A 1 71  ? -6.242  -6.864  -5.874  1.00 14.59 ? 71  ILE A O     1 
ATOM   572  C CB    . ILE A 1 71  ? -6.854  -8.176  -8.411  1.00 12.49 ? 71  ILE A CB    1 
ATOM   573  C CG1   . ILE A 1 71  ? -7.191  -8.129  -9.901  1.00 14.47 ? 71  ILE A CG1   1 
ATOM   574  C CG2   . ILE A 1 71  ? -6.961  -9.603  -7.880  1.00 11.45 ? 71  ILE A CG2   1 
ATOM   575  C CD1   . ILE A 1 71  ? -6.063  -8.609  -10.763 1.00 18.04 ? 71  ILE A CD1   1 
ATOM   576  N N     . ASN A 1 72  ? -8.279  -7.638  -5.266  1.00 12.49 ? 72  ASN A N     1 
ATOM   577  C CA    . ASN A 1 72  ? -8.007  -7.636  -3.821  1.00 14.60 ? 72  ASN A CA    1 
ATOM   578  C C     . ASN A 1 72  ? -7.595  -8.963  -3.173  1.00 13.95 ? 72  ASN A C     1 
ATOM   579  O O     . ASN A 1 72  ? -8.360  -9.930  -3.163  1.00 14.81 ? 72  ASN A O     1 
ATOM   580  C CB    . ASN A 1 72  ? -9.224  -7.135  -3.041  1.00 15.31 ? 72  ASN A CB    1 
ATOM   581  C CG    . ASN A 1 72  ? -9.523  -5.664  -3.264  1.00 18.15 ? 72  ASN A CG    1 
ATOM   582  O OD1   . ASN A 1 72  ? -9.828  -4.938  -2.313  1.00 16.02 ? 72  ASN A OD1   1 
ATOM   583  N ND2   . ASN A 1 72  ? -9.477  -5.225  -4.517  1.00 18.36 ? 72  ASN A ND2   1 
ATOM   584  N N     . ILE A 1 73  ? -6.395  -8.981  -2.596  1.00 13.81 ? 73  ILE A N     1 
ATOM   585  C CA    . ILE A 1 73  ? -5.874  -10.155 -1.904  1.00 13.39 ? 73  ILE A CA    1 
ATOM   586  C C     . ILE A 1 73  ? -5.736  -9.832  -0.416  1.00 13.31 ? 73  ILE A C     1 
ATOM   587  O O     . ILE A 1 73  ? -5.129  -8.828  -0.039  1.00 13.12 ? 73  ILE A O     1 
ATOM   588  C CB    . ILE A 1 73  ? -4.494  -10.565 -2.445  1.00 15.06 ? 73  ILE A CB    1 
ATOM   589  C CG1   . ILE A 1 73  ? -4.633  -10.984 -3.917  1.00 15.92 ? 73  ILE A CG1   1 
ATOM   590  C CG2   . ILE A 1 73  ? -3.893  -11.679 -1.577  1.00 12.40 ? 73  ILE A CG2   1 
ATOM   591  C CD1   . ILE A 1 73  ? -3.389  -11.623 -4.505  1.00 17.97 ? 73  ILE A CD1   1 
ATOM   592  N N     . VAL A 1 74  ? -6.297  -10.690 0.424   1.00 11.44 ? 74  VAL A N     1 
ATOM   593  C CA    . VAL A 1 74  ? -6.230  -10.483 1.862   1.00 10.73 ? 74  VAL A CA    1 
ATOM   594  C C     . VAL A 1 74  ? -5.351  -11.580 2.473   1.00 11.77 ? 74  VAL A C     1 
ATOM   595  O O     . VAL A 1 74  ? -5.434  -12.745 2.071   1.00 12.09 ? 74  VAL A O     1 
ATOM   596  C CB    . VAL A 1 74  ? -7.648  -10.546 2.495   1.00 10.49 ? 74  VAL A CB    1 
ATOM   597  C CG1   . VAL A 1 74  ? -7.551  -10.361 4.005   1.00 12.63 ? 74  VAL A CG1   1 
ATOM   598  C CG2   . VAL A 1 74  ? -8.548  -9.462  1.901   1.00 7.77  ? 74  VAL A CG2   1 
ATOM   599  N N     . LEU A 1 75  ? -4.495  -11.208 3.428   1.00 11.66 ? 75  LEU A N     1 
ATOM   600  C CA    . LEU A 1 75  ? -3.628  -12.179 4.084   1.00 12.46 ? 75  LEU A CA    1 
ATOM   601  C C     . LEU A 1 75  ? -4.194  -12.460 5.476   1.00 15.00 ? 75  LEU A C     1 
ATOM   602  O O     . LEU A 1 75  ? -4.469  -11.529 6.238   1.00 14.43 ? 75  LEU A O     1 
ATOM   603  C CB    . LEU A 1 75  ? -2.204  -11.632 4.211   1.00 12.51 ? 75  LEU A CB    1 
ATOM   604  C CG    . LEU A 1 75  ? -1.542  -11.114 2.933   1.00 15.64 ? 75  LEU A CG    1 
ATOM   605  C CD1   . LEU A 1 75  ? -0.132  -10.628 3.271   1.00 16.26 ? 75  LEU A CD1   1 
ATOM   606  C CD2   . LEU A 1 75  ? -1.502  -12.209 1.879   1.00 13.70 ? 75  LEU A CD2   1 
ATOM   607  N N     . SER A 1 76  ? -4.364  -13.742 5.794   1.00 15.75 ? 76  SER A N     1 
ATOM   608  C CA    . SER A 1 76  ? -4.881  -14.157 7.094   1.00 16.65 ? 76  SER A CA    1 
ATOM   609  C C     . SER A 1 76  ? -4.493  -15.610 7.367   1.00 18.91 ? 76  SER A C     1 
ATOM   610  O O     . SER A 1 76  ? -4.555  -16.461 6.465   1.00 20.33 ? 76  SER A O     1 
ATOM   611  C CB    . SER A 1 76  ? -6.402  -14.019 7.125   1.00 16.34 ? 76  SER A CB    1 
ATOM   612  O OG    . SER A 1 76  ? -6.923  -14.418 8.378   1.00 17.05 ? 76  SER A OG    1 
ATOM   613  N N     . ARG A 1 77  ? -4.088  -15.893 8.602   1.00 19.40 ? 77  ARG A N     1 
ATOM   614  C CA    . ARG A 1 77  ? -3.713  -17.255 8.981   1.00 19.65 ? 77  ARG A CA    1 
ATOM   615  C C     . ARG A 1 77  ? -4.859  -17.967 9.690   1.00 20.10 ? 77  ARG A C     1 
ATOM   616  O O     . ARG A 1 77  ? -4.712  -19.119 10.099  1.00 21.15 ? 77  ARG A O     1 
ATOM   617  C CB    . ARG A 1 77  ? -2.498  -17.250 9.912   1.00 21.07 ? 77  ARG A CB    1 
ATOM   618  C CG    . ARG A 1 77  ? -1.273  -16.513 9.389   1.00 21.92 ? 77  ARG A CG    1 
ATOM   619  C CD    . ARG A 1 77  ? -0.068  -16.728 10.297  1.00 21.21 ? 77  ARG A CD    1 
ATOM   620  N NE    . ARG A 1 77  ? 1.053   -15.854 9.967   1.00 23.11 ? 77  ARG A NE    1 
ATOM   621  C CZ    . ARG A 1 77  ? 1.058   -14.534 10.151  1.00 23.31 ? 77  ARG A CZ    1 
ATOM   622  N NH1   . ARG A 1 77  ? 2.125   -13.821 9.816   1.00 23.41 ? 77  ARG A NH1   1 
ATOM   623  N NH2   . ARG A 1 77  ? 0.004   -13.927 10.674  1.00 22.44 ? 77  ARG A NH2   1 
ATOM   624  N N     . GLU A 1 78  ? -5.998  -17.289 9.834   1.00 20.25 ? 78  GLU A N     1 
ATOM   625  C CA    . GLU A 1 78  ? -7.156  -17.853 10.537  1.00 20.18 ? 78  GLU A CA    1 
ATOM   626  C C     . GLU A 1 78  ? -8.426  -17.989 9.711   1.00 20.23 ? 78  GLU A C     1 
ATOM   627  O O     . GLU A 1 78  ? -9.216  -18.910 9.922   1.00 20.86 ? 78  GLU A O     1 
ATOM   628  C CB    . GLU A 1 78  ? -7.474  -17.009 11.777  1.00 22.03 ? 78  GLU A CB    1 
ATOM   629  C CG    . GLU A 1 78  ? -6.347  -16.972 12.784  1.00 23.69 ? 78  GLU A CG    1 
ATOM   630  C CD    . GLU A 1 78  ? -6.656  -16.101 13.983  1.00 23.83 ? 78  GLU A CD    1 
ATOM   631  O OE1   . GLU A 1 78  ? -5.778  -15.985 14.859  1.00 26.50 ? 78  GLU A OE1   1 
ATOM   632  O OE2   . GLU A 1 78  ? -7.766  -15.532 14.058  1.00 22.50 ? 78  GLU A OE2   1 
ATOM   633  N N     . LEU A 1 79  ? -8.660  -17.056 8.799   1.00 19.10 ? 79  LEU A N     1 
ATOM   634  C CA    . LEU A 1 79  ? -9.843  -17.152 7.962   1.00 20.96 ? 79  LEU A CA    1 
ATOM   635  C C     . LEU A 1 79  ? -9.568  -18.331 7.038   1.00 22.08 ? 79  LEU A C     1 
ATOM   636  O O     . LEU A 1 79  ? -8.412  -18.595 6.708   1.00 22.06 ? 79  LEU A O     1 
ATOM   637  C CB    . LEU A 1 79  ? -10.046 -15.873 7.145   1.00 20.71 ? 79  LEU A CB    1 
ATOM   638  C CG    . LEU A 1 79  ? -10.415 -14.597 7.906   1.00 21.68 ? 79  LEU A CG    1 
ATOM   639  C CD1   . LEU A 1 79  ? -10.503 -13.444 6.925   1.00 20.08 ? 79  LEU A CD1   1 
ATOM   640  C CD2   . LEU A 1 79  ? -11.749 -14.789 8.634   1.00 20.17 ? 79  LEU A CD2   1 
ATOM   641  N N     . LYS A 1 80  ? -10.615 -19.053 6.652   1.00 23.74 ? 80  LYS A N     1 
ATOM   642  C CA    . LYS A 1 80  ? -10.458 -20.204 5.766   1.00 27.73 ? 80  LYS A CA    1 
ATOM   643  C C     . LYS A 1 80  ? -11.028 -19.913 4.388   1.00 27.53 ? 80  LYS A C     1 
ATOM   644  O O     . LYS A 1 80  ? -10.715 -20.590 3.413   1.00 26.94 ? 80  LYS A O     1 
ATOM   645  C CB    . LYS A 1 80  ? -11.161 -21.434 6.353   1.00 29.29 ? 80  LYS A CB    1 
ATOM   646  C CG    . LYS A 1 80  ? -10.230 -22.406 7.048   1.00 34.32 ? 80  LYS A CG    1 
ATOM   647  C CD    . LYS A 1 80  ? -9.405  -21.713 8.118   1.00 36.43 ? 80  LYS A CD    1 
ATOM   648  C CE    . LYS A 1 80  ? -8.318  -22.631 8.650   1.00 39.05 ? 80  LYS A CE    1 
ATOM   649  N NZ    . LYS A 1 80  ? -7.390  -21.912 9.578   1.00 39.54 ? 80  LYS A NZ    1 
ATOM   650  N N     . GLU A 1 81  ? -11.895 -18.912 4.330   1.00 28.66 ? 81  GLU A N     1 
ATOM   651  C CA    . GLU A 1 81  ? -12.544 -18.517 3.093   1.00 29.50 ? 81  GLU A CA    1 
ATOM   652  C C     . GLU A 1 81  ? -12.317 -17.023 2.942   1.00 28.05 ? 81  GLU A C     1 
ATOM   653  O O     . GLU A 1 81  ? -12.289 -16.297 3.933   1.00 27.13 ? 81  GLU A O     1 
ATOM   654  C CB    . GLU A 1 81  ? -14.050 -18.796 3.175   1.00 33.74 ? 81  GLU A CB    1 
ATOM   655  C CG    . GLU A 1 81  ? -14.840 -18.380 1.931   1.00 40.37 ? 81  GLU A CG    1 
ATOM   656  C CD    . GLU A 1 81  ? -16.303 -18.047 2.232   1.00 44.54 ? 81  GLU A CD    1 
ATOM   657  O OE1   . GLU A 1 81  ? -16.564 -16.920 2.715   1.00 47.09 ? 81  GLU A OE1   1 
ATOM   658  O OE2   . GLU A 1 81  ? -17.188 -18.901 1.990   1.00 46.35 ? 81  GLU A OE2   1 
ATOM   659  N N     . PRO A 1 82  ? -12.134 -16.548 1.701   1.00 26.68 ? 82  PRO A N     1 
ATOM   660  C CA    . PRO A 1 82  ? -11.919 -15.116 1.485   1.00 25.52 ? 82  PRO A CA    1 
ATOM   661  C C     . PRO A 1 82  ? -13.126 -14.343 2.023   1.00 23.84 ? 82  PRO A C     1 
ATOM   662  O O     . PRO A 1 82  ? -14.267 -14.741 1.807   1.00 23.93 ? 82  PRO A O     1 
ATOM   663  C CB    . PRO A 1 82  ? -11.823 -15.009 -0.038  1.00 26.64 ? 82  PRO A CB    1 
ATOM   664  C CG    . PRO A 1 82  ? -11.245 -16.330 -0.436  1.00 26.53 ? 82  PRO A CG    1 
ATOM   665  C CD    . PRO A 1 82  ? -11.988 -17.307 0.445   1.00 27.09 ? 82  PRO A CD    1 
ATOM   666  N N     . PRO A 1 83  ? -12.888 -13.247 2.758   1.00 23.53 ? 83  PRO A N     1 
ATOM   667  C CA    . PRO A 1 83  ? -14.029 -12.484 3.278   1.00 23.17 ? 83  PRO A CA    1 
ATOM   668  C C     . PRO A 1 83  ? -14.878 -11.964 2.120   1.00 22.94 ? 83  PRO A C     1 
ATOM   669  O O     . PRO A 1 83  ? -14.370 -11.753 1.019   1.00 21.32 ? 83  PRO A O     1 
ATOM   670  C CB    . PRO A 1 83  ? -13.366 -11.362 4.077   1.00 23.37 ? 83  PRO A CB    1 
ATOM   671  C CG    . PRO A 1 83  ? -12.007 -11.212 3.423   1.00 23.68 ? 83  PRO A CG    1 
ATOM   672  C CD    . PRO A 1 83  ? -11.612 -12.654 3.188   1.00 22.83 ? 83  PRO A CD    1 
ATOM   673  N N     . ARG A 1 84  ? -16.171 -11.784 2.366   1.00 22.95 ? 84  ARG A N     1 
ATOM   674  C CA    . ARG A 1 84  ? -17.077 -11.303 1.334   1.00 24.73 ? 84  ARG A CA    1 
ATOM   675  C C     . ARG A 1 84  ? -16.495 -10.083 0.616   1.00 23.69 ? 84  ARG A C     1 
ATOM   676  O O     . ARG A 1 84  ? -16.157 -9.079  1.249   1.00 23.21 ? 84  ARG A O     1 
ATOM   677  C CB    . ARG A 1 84  ? -18.444 -10.973 1.957   1.00 27.66 ? 84  ARG A CB    1 
ATOM   678  C CG    . ARG A 1 84  ? -19.387 -10.201 1.055   1.00 32.47 ? 84  ARG A CG    1 
ATOM   679  C CD    . ARG A 1 84  ? -19.664 -10.946 -0.234  1.00 38.66 ? 84  ARG A CD    1 
ATOM   680  N NE    . ARG A 1 84  ? -20.285 -10.083 -1.233  1.00 41.56 ? 84  ARG A NE    1 
ATOM   681  C CZ    . ARG A 1 84  ? -20.402 -10.403 -2.514  1.00 42.58 ? 84  ARG A CZ    1 
ATOM   682  N NH1   . ARG A 1 84  ? -20.980 -9.561  -3.358  1.00 44.59 ? 84  ARG A NH1   1 
ATOM   683  N NH2   . ARG A 1 84  ? -19.943 -11.566 -2.954  1.00 45.46 ? 84  ARG A NH2   1 
ATOM   684  N N     . GLY A 1 85  ? -16.368 -10.188 -0.705  1.00 23.34 ? 85  GLY A N     1 
ATOM   685  C CA    . GLY A 1 85  ? -15.831 -9.102  -1.508  1.00 21.73 ? 85  GLY A CA    1 
ATOM   686  C C     . GLY A 1 85  ? -14.381 -9.260  -1.942  1.00 21.76 ? 85  GLY A C     1 
ATOM   687  O O     . GLY A 1 85  ? -13.987 -8.747  -2.996  1.00 21.45 ? 85  GLY A O     1 
ATOM   688  N N     . ALA A 1 86  ? -13.581 -9.955  -1.141  1.00 18.46 ? 86  ALA A N     1 
ATOM   689  C CA    . ALA A 1 86  ? -12.176 -10.160 -1.473  1.00 18.74 ? 86  ALA A CA    1 
ATOM   690  C C     . ALA A 1 86  ? -12.052 -11.165 -2.619  1.00 19.34 ? 86  ALA A C     1 
ATOM   691  O O     . ALA A 1 86  ? -12.834 -12.115 -2.695  1.00 18.61 ? 86  ALA A O     1 
ATOM   692  C CB    . ALA A 1 86  ? -11.422 -10.674 -0.258  1.00 18.52 ? 86  ALA A CB    1 
ATOM   693  N N     . HIS A 1 87  ? -11.059 -10.969 -3.490  1.00 17.78 ? 87  HIS A N     1 
ATOM   694  C CA    . HIS A 1 87  ? -10.856 -11.869 -4.626  1.00 18.94 ? 87  HIS A CA    1 
ATOM   695  C C     . HIS A 1 87  ? -10.084 -13.133 -4.257  1.00 17.98 ? 87  HIS A C     1 
ATOM   696  O O     . HIS A 1 87  ? -10.440 -14.233 -4.691  1.00 17.96 ? 87  HIS A O     1 
ATOM   697  C CB    . HIS A 1 87  ? -10.118 -11.135 -5.756  1.00 20.60 ? 87  HIS A CB    1 
ATOM   698  C CG    . HIS A 1 87  ? -10.941 -10.079 -6.419  1.00 23.08 ? 87  HIS A CG    1 
ATOM   699  N ND1   . HIS A 1 87  ? -11.885 -10.372 -7.380  1.00 26.29 ? 87  HIS A ND1   1 
ATOM   700  C CD2   . HIS A 1 87  ? -11.013 -8.740  -6.222  1.00 24.93 ? 87  HIS A CD2   1 
ATOM   701  C CE1   . HIS A 1 87  ? -12.502 -9.264  -7.747  1.00 26.71 ? 87  HIS A CE1   1 
ATOM   702  N NE2   . HIS A 1 87  ? -11.991 -8.257  -7.056  1.00 28.07 ? 87  HIS A NE2   1 
ATOM   703  N N     . PHE A 1 88  ? -9.020  -12.958 -3.476  1.00 16.66 ? 88  PHE A N     1 
ATOM   704  C CA    . PHE A 1 88  ? -8.187  -14.073 -3.049  1.00 16.50 ? 88  PHE A CA    1 
ATOM   705  C C     . PHE A 1 88  ? -7.820  -13.968 -1.577  1.00 16.69 ? 88  PHE A C     1 
ATOM   706  O O     . PHE A 1 88  ? -7.797  -12.881 -1.007  1.00 13.70 ? 88  PHE A O     1 
ATOM   707  C CB    . PHE A 1 88  ? -6.880  -14.105 -3.839  1.00 16.74 ? 88  PHE A CB    1 
ATOM   708  C CG    . PHE A 1 88  ? -7.055  -14.409 -5.290  1.00 15.47 ? 88  PHE A CG    1 
ATOM   709  C CD1   . PHE A 1 88  ? -7.388  -15.691 -5.712  1.00 16.35 ? 88  PHE A CD1   1 
ATOM   710  C CD2   . PHE A 1 88  ? -6.875  -13.417 -6.234  1.00 16.41 ? 88  PHE A CD2   1 
ATOM   711  C CE1   . PHE A 1 88  ? -7.544  -15.975 -7.070  1.00 17.99 ? 88  PHE A CE1   1 
ATOM   712  C CE2   . PHE A 1 88  ? -7.025  -13.679 -7.589  1.00 19.64 ? 88  PHE A CE2   1 
ATOM   713  C CZ    . PHE A 1 88  ? -7.360  -14.963 -8.014  1.00 18.07 ? 88  PHE A CZ    1 
ATOM   714  N N     . LEU A 1 89  ? -7.490  -15.113 -0.995  1.00 15.97 ? 89  LEU A N     1 
ATOM   715  C CA    . LEU A 1 89  ? -7.069  -15.210 0.394   1.00 15.74 ? 89  LEU A CA    1 
ATOM   716  C C     . LEU A 1 89  ? -5.747  -15.986 0.391   1.00 15.69 ? 89  LEU A C     1 
ATOM   717  O O     . LEU A 1 89  ? -5.655  -17.046 -0.236  1.00 16.51 ? 89  LEU A O     1 
ATOM   718  C CB    . LEU A 1 89  ? -8.152  -15.960 1.199   1.00 16.78 ? 89  LEU A CB    1 
ATOM   719  C CG    . LEU A 1 89  ? -7.983  -16.380 2.666   1.00 19.98 ? 89  LEU A CG    1 
ATOM   720  C CD1   . LEU A 1 89  ? -7.149  -17.640 2.748   1.00 24.21 ? 89  LEU A CD1   1 
ATOM   721  C CD2   . LEU A 1 89  ? -7.365  -15.259 3.490   1.00 18.12 ? 89  LEU A CD2   1 
ATOM   722  N N     . ALA A 1 90  ? -4.718  -15.452 1.048   1.00 14.92 ? 90  ALA A N     1 
ATOM   723  C CA    . ALA A 1 90  ? -3.411  -16.114 1.127   1.00 14.41 ? 90  ALA A CA    1 
ATOM   724  C C     . ALA A 1 90  ? -3.026  -16.259 2.604   1.00 15.53 ? 90  ALA A C     1 
ATOM   725  O O     . ALA A 1 90  ? -3.310  -15.369 3.407   1.00 14.97 ? 90  ALA A O     1 
ATOM   726  C CB    . ALA A 1 90  ? -2.343  -15.295 0.372   1.00 13.59 ? 90  ALA A CB    1 
ATOM   727  N N     . LYS A 1 91  ? -2.370  -17.368 2.954   1.00 15.06 ? 91  LYS A N     1 
ATOM   728  C CA    . LYS A 1 91  ? -1.988  -17.603 4.345   1.00 14.53 ? 91  LYS A CA    1 
ATOM   729  C C     . LYS A 1 91  ? -0.618  -17.046 4.699   1.00 15.03 ? 91  LYS A C     1 
ATOM   730  O O     . LYS A 1 91  ? -0.187  -17.112 5.858   1.00 14.92 ? 91  LYS A O     1 
ATOM   731  C CB    . LYS A 1 91  ? -2.033  -19.105 4.668   1.00 16.29 ? 91  LYS A CB    1 
ATOM   732  C CG    . LYS A 1 91  ? -0.890  -19.943 4.084   1.00 14.32 ? 91  LYS A CG    1 
ATOM   733  C CD    . LYS A 1 91  ? -0.905  -21.350 4.689   1.00 15.40 ? 91  LYS A CD    1 
ATOM   734  C CE    . LYS A 1 91  ? 0.272   -22.185 4.222   1.00 15.43 ? 91  LYS A CE    1 
ATOM   735  N NZ    . LYS A 1 91  ? 0.223   -22.471 2.759   1.00 18.12 ? 91  LYS A NZ    1 
ATOM   736  N N     . SER A 1 92  ? 0.057   -16.479 3.701   1.00 15.21 ? 92  SER A N     1 
ATOM   737  C CA    . SER A 1 92  ? 1.381   -15.890 3.880   1.00 16.84 ? 92  SER A CA    1 
ATOM   738  C C     . SER A 1 92  ? 1.682   -15.020 2.676   1.00 17.85 ? 92  SER A C     1 
ATOM   739  O O     . SER A 1 92  ? 1.130   -15.234 1.592   1.00 17.47 ? 92  SER A O     1 
ATOM   740  C CB    . SER A 1 92  ? 2.452   -16.973 3.978   1.00 18.74 ? 92  SER A CB    1 
ATOM   741  O OG    . SER A 1 92  ? 2.656   -17.584 2.715   1.00 19.48 ? 92  SER A OG    1 
ATOM   742  N N     . LEU A 1 93  ? 2.558   -14.039 2.866   1.00 17.06 ? 93  LEU A N     1 
ATOM   743  C CA    . LEU A 1 93  ? 2.921   -13.155 1.771   1.00 18.64 ? 93  LEU A CA    1 
ATOM   744  C C     . LEU A 1 93  ? 3.621   -13.954 0.675   1.00 19.15 ? 93  LEU A C     1 
ATOM   745  O O     . LEU A 1 93  ? 3.432   -13.683 -0.513  1.00 19.42 ? 93  LEU A O     1 
ATOM   746  C CB    . LEU A 1 93  ? 3.836   -12.036 2.259   1.00 16.48 ? 93  LEU A CB    1 
ATOM   747  C CG    . LEU A 1 93  ? 4.386   -11.112 1.170   1.00 19.87 ? 93  LEU A CG    1 
ATOM   748  C CD1   . LEU A 1 93  ? 3.242   -10.314 0.554   1.00 20.51 ? 93  LEU A CD1   1 
ATOM   749  C CD2   . LEU A 1 93  ? 5.431   -10.176 1.765   1.00 19.79 ? 93  LEU A CD2   1 
ATOM   750  N N     . ASP A 1 94  ? 4.430   -14.931 1.072   1.00 20.22 ? 94  ASP A N     1 
ATOM   751  C CA    . ASP A 1 94  ? 5.129   -15.753 0.086   1.00 21.65 ? 94  ASP A CA    1 
ATOM   752  C C     . ASP A 1 94  ? 4.131   -16.420 -0.843  1.00 21.01 ? 94  ASP A C     1 
ATOM   753  O O     . ASP A 1 94  ? 4.313   -16.416 -2.062  1.00 20.85 ? 94  ASP A O     1 
ATOM   754  C CB    . ASP A 1 94  ? 6.003   -16.811 0.764   1.00 25.67 ? 94  ASP A CB    1 
ATOM   755  C CG    . ASP A 1 94  ? 7.451   -16.380 0.872   1.00 30.28 ? 94  ASP A CG    1 
ATOM   756  O OD1   . ASP A 1 94  ? 8.012   -15.950 -0.154  1.00 35.55 ? 94  ASP A OD1   1 
ATOM   757  O OD2   . ASP A 1 94  ? 8.031   -16.478 1.975   1.00 34.05 ? 94  ASP A OD2   1 
ATOM   758  N N     . ASP A 1 95  ? 3.067   -16.983 -0.276  1.00 19.51 ? 95  ASP A N     1 
ATOM   759  C CA    . ASP A 1 95  ? 2.041   -17.625 -1.086  1.00 18.29 ? 95  ASP A CA    1 
ATOM   760  C C     . ASP A 1 95  ? 1.395   -16.598 -2.017  1.00 17.91 ? 95  ASP A C     1 
ATOM   761  O O     . ASP A 1 95  ? 1.113   -16.898 -3.178  1.00 16.40 ? 95  ASP A O     1 
ATOM   762  C CB    . ASP A 1 95  ? 0.976   -18.266 -0.192  1.00 19.31 ? 95  ASP A CB    1 
ATOM   763  C CG    . ASP A 1 95  ? 1.459   -19.550 0.449   1.00 19.82 ? 95  ASP A CG    1 
ATOM   764  O OD1   . ASP A 1 95  ? 2.664   -19.865 0.324   1.00 18.99 ? 95  ASP A OD1   1 
ATOM   765  O OD2   . ASP A 1 95  ? 0.631   -20.235 1.086   1.00 18.98 ? 95  ASP A OD2   1 
ATOM   766  N N     . ALA A 1 96  ? 1.165   -15.390 -1.513  1.00 17.40 ? 96  ALA A N     1 
ATOM   767  C CA    . ALA A 1 96  ? 0.564   -14.349 -2.337  1.00 17.37 ? 96  ALA A CA    1 
ATOM   768  C C     . ALA A 1 96  ? 1.502   -14.003 -3.487  1.00 17.07 ? 96  ALA A C     1 
ATOM   769  O O     . ALA A 1 96  ? 1.086   -13.964 -4.644  1.00 17.33 ? 96  ALA A O     1 
ATOM   770  C CB    . ALA A 1 96  ? 0.285   -13.097 -1.504  1.00 16.62 ? 96  ALA A CB    1 
ATOM   771  N N     . LEU A 1 97  ? 2.767   -13.762 -3.167  1.00 17.99 ? 97  LEU A N     1 
ATOM   772  C CA    . LEU A 1 97  ? 3.757   -13.409 -4.182  1.00 20.59 ? 97  LEU A CA    1 
ATOM   773  C C     . LEU A 1 97  ? 3.907   -14.495 -5.251  1.00 22.63 ? 97  LEU A C     1 
ATOM   774  O O     . LEU A 1 97  ? 4.058   -14.189 -6.431  1.00 23.03 ? 97  LEU A O     1 
ATOM   775  C CB    . LEU A 1 97  ? 5.113   -13.120 -3.524  1.00 20.82 ? 97  LEU A CB    1 
ATOM   776  C CG    . LEU A 1 97  ? 5.161   -11.872 -2.627  1.00 21.28 ? 97  LEU A CG    1 
ATOM   777  C CD1   . LEU A 1 97  ? 6.539   -11.753 -1.980  1.00 21.03 ? 97  LEU A CD1   1 
ATOM   778  C CD2   . LEU A 1 97  ? 4.854   -10.626 -3.437  1.00 22.35 ? 97  LEU A CD2   1 
ATOM   779  N N     . ARG A 1 98  ? 3.860   -15.761 -4.840  1.00 22.53 ? 98  ARG A N     1 
ATOM   780  C CA    . ARG A 1 98  ? 3.972   -16.871 -5.781  1.00 23.01 ? 98  ARG A CA    1 
ATOM   781  C C     . ARG A 1 98  ? 2.731   -16.962 -6.659  1.00 21.04 ? 98  ARG A C     1 
ATOM   782  O O     . ARG A 1 98  ? 2.834   -17.234 -7.854  1.00 19.74 ? 98  ARG A O     1 
ATOM   783  C CB    . ARG A 1 98  ? 4.188   -18.189 -5.028  1.00 26.63 ? 98  ARG A CB    1 
ATOM   784  C CG    . ARG A 1 98  ? 5.639   -18.658 -5.003  1.00 31.45 ? 98  ARG A CG    1 
ATOM   785  C CD    . ARG A 1 98  ? 6.589   -17.574 -4.516  1.00 37.05 ? 98  ARG A CD    1 
ATOM   786  N NE    . ARG A 1 98  ? 7.906   -18.134 -4.226  1.00 41.88 ? 98  ARG A NE    1 
ATOM   787  C CZ    . ARG A 1 98  ? 8.954   -17.431 -3.808  1.00 43.50 ? 98  ARG A CZ    1 
ATOM   788  N NH1   . ARG A 1 98  ? 8.857   -16.120 -3.628  1.00 44.96 ? 98  ARG A NH1   1 
ATOM   789  N NH2   . ARG A 1 98  ? 10.102  -18.049 -3.559  1.00 45.44 ? 98  ARG A NH2   1 
ATOM   790  N N     . LEU A 1 99  ? 1.564   -16.718 -6.064  1.00 18.39 ? 99  LEU A N     1 
ATOM   791  C CA    . LEU A 1 99  ? 0.301   -16.747 -6.796  1.00 17.06 ? 99  LEU A CA    1 
ATOM   792  C C     . LEU A 1 99  ? 0.293   -15.712 -7.912  1.00 17.48 ? 99  LEU A C     1 
ATOM   793  O O     . LEU A 1 99  ? -0.042  -16.017 -9.061  1.00 18.20 ? 99  LEU A O     1 
ATOM   794  C CB    . LEU A 1 99  ? -0.872  -16.455 -5.846  1.00 18.46 ? 99  LEU A CB    1 
ATOM   795  C CG    . LEU A 1 99  ? -2.241  -16.147 -6.464  1.00 18.64 ? 99  LEU A CG    1 
ATOM   796  C CD1   . LEU A 1 99  ? -2.698  -17.344 -7.256  1.00 18.95 ? 99  LEU A CD1   1 
ATOM   797  C CD2   . LEU A 1 99  ? -3.272  -15.802 -5.366  1.00 16.97 ? 99  LEU A CD2   1 
ATOM   798  N N     . ILE A 1 100 ? 0.664   -14.489 -7.568  1.00 16.72 ? 100 ILE A N     1 
ATOM   799  C CA    . ILE A 1 100 ? 0.662   -13.410 -8.540  1.00 20.49 ? 100 ILE A CA    1 
ATOM   800  C C     . ILE A 1 100 ? 1.564   -13.678 -9.732  1.00 20.22 ? 100 ILE A C     1 
ATOM   801  O O     . ILE A 1 100 ? 1.321   -13.195 -10.834 1.00 21.86 ? 100 ILE A O     1 
ATOM   802  C CB    . ILE A 1 100 ? 1.074   -12.091 -7.882  1.00 21.04 ? 100 ILE A CB    1 
ATOM   803  C CG1   . ILE A 1 100 ? 0.113   -11.792 -6.730  1.00 21.19 ? 100 ILE A CG1   1 
ATOM   804  C CG2   . ILE A 1 100 ? 1.032   -10.961 -8.916  1.00 20.60 ? 100 ILE A CG2   1 
ATOM   805  C CD1   . ILE A 1 100 ? 0.557   -10.696 -5.805  1.00 24.25 ? 100 ILE A CD1   1 
ATOM   806  N N     . GLU A 1 101 ? 2.600   -14.466 -9.512  1.00 22.11 ? 101 GLU A N     1 
ATOM   807  C CA    . GLU A 1 101 ? 3.525   -14.766 -10.579 1.00 24.64 ? 101 GLU A CA    1 
ATOM   808  C C     . GLU A 1 101 ? 3.098   -15.951 -11.442 1.00 24.06 ? 101 GLU A C     1 
ATOM   809  O O     . GLU A 1 101 ? 3.838   -16.354 -12.337 1.00 23.64 ? 101 GLU A O     1 
ATOM   810  C CB    . GLU A 1 101 ? 4.913   -15.000 -9.989  1.00 29.68 ? 101 GLU A CB    1 
ATOM   811  C CG    . GLU A 1 101 ? 6.035   -14.582 -10.903 1.00 36.40 ? 101 GLU A CG    1 
ATOM   812  C CD    . GLU A 1 101 ? 5.963   -13.110 -11.293 1.00 39.05 ? 101 GLU A CD    1 
ATOM   813  O OE1   . GLU A 1 101 ? 6.859   -12.662 -12.040 1.00 40.52 ? 101 GLU A OE1   1 
ATOM   814  O OE2   . GLU A 1 101 ? 5.025   -12.403 -10.862 1.00 38.96 ? 101 GLU A OE2   1 
ATOM   815  N N     . GLN A 1 102 ? 1.910   -16.502 -11.189 1.00 20.70 ? 102 GLN A N     1 
ATOM   816  C CA    . GLN A 1 102 ? 1.420   -17.631 -11.982 1.00 19.41 ? 102 GLN A CA    1 
ATOM   817  C C     . GLN A 1 102 ? 0.985   -17.129 -13.356 1.00 19.26 ? 102 GLN A C     1 
ATOM   818  O O     . GLN A 1 102 ? 0.425   -16.046 -13.480 1.00 19.47 ? 102 GLN A O     1 
ATOM   819  C CB    . GLN A 1 102 ? 0.231   -18.309 -11.291 1.00 19.13 ? 102 GLN A CB    1 
ATOM   820  C CG    . GLN A 1 102 ? 0.556   -18.974 -9.958  1.00 18.72 ? 102 GLN A CG    1 
ATOM   821  C CD    . GLN A 1 102 ? 1.647   -20.037 -10.083 1.00 19.96 ? 102 GLN A CD    1 
ATOM   822  O OE1   . GLN A 1 102 ? 1.570   -20.928 -10.919 1.00 20.21 ? 102 GLN A OE1   1 
ATOM   823  N NE2   . GLN A 1 102 ? 2.661   -19.942 -9.241  1.00 23.45 ? 102 GLN A NE2   1 
ATOM   824  N N     . PRO A 1 103 ? 1.217   -17.925 -14.406 1.00 20.98 ? 103 PRO A N     1 
ATOM   825  C CA    . PRO A 1 103 ? 0.864   -17.579 -15.794 1.00 20.51 ? 103 PRO A CA    1 
ATOM   826  C C     . PRO A 1 103 ? -0.589  -17.142 -15.937 1.00 21.28 ? 103 PRO A C     1 
ATOM   827  O O     . PRO A 1 103 ? -0.906  -16.170 -16.641 1.00 19.58 ? 103 PRO A O     1 
ATOM   828  C CB    . PRO A 1 103 ? 1.158   -18.877 -16.556 1.00 20.17 ? 103 PRO A CB    1 
ATOM   829  C CG    . PRO A 1 103 ? 2.265   -19.496 -15.743 1.00 24.25 ? 103 PRO A CG    1 
ATOM   830  C CD    . PRO A 1 103 ? 1.772   -19.287 -14.326 1.00 20.79 ? 103 PRO A CD    1 
ATOM   831  N N     . GLU A 1 104 ? -1.466  -17.868 -15.249 1.00 20.37 ? 104 GLU A N     1 
ATOM   832  C CA    . GLU A 1 104 ? -2.897  -17.600 -15.262 1.00 22.99 ? 104 GLU A CA    1 
ATOM   833  C C     . GLU A 1 104 ? -3.206  -16.187 -14.741 1.00 23.87 ? 104 GLU A C     1 
ATOM   834  O O     . GLU A 1 104 ? -4.247  -15.611 -15.066 1.00 23.84 ? 104 GLU A O     1 
ATOM   835  C CB    . GLU A 1 104 ? -3.608  -18.650 -14.399 1.00 24.31 ? 104 GLU A CB    1 
ATOM   836  C CG    . GLU A 1 104 ? -2.636  -19.614 -13.669 1.00 27.51 ? 104 GLU A CG    1 
ATOM   837  C CD    . GLU A 1 104 ? -3.220  -20.171 -12.386 1.00 29.32 ? 104 GLU A CD    1 
ATOM   838  O OE1   . GLU A 1 104 ? -3.371  -21.399 -12.276 1.00 31.82 ? 104 GLU A OE1   1 
ATOM   839  O OE2   . GLU A 1 104 ? -3.546  -19.375 -11.486 1.00 36.56 ? 104 GLU A OE2   1 
ATOM   840  N N     . LEU A 1 105 ? -2.312  -15.625 -13.938 1.00 24.93 ? 105 LEU A N     1 
ATOM   841  C CA    . LEU A 1 105 ? -2.537  -14.283 -13.406 1.00 29.44 ? 105 LEU A CA    1 
ATOM   842  C C     . LEU A 1 105 ? -1.686  -13.210 -14.066 1.00 32.12 ? 105 LEU A C     1 
ATOM   843  O O     . LEU A 1 105 ? -2.126  -12.072 -14.228 1.00 33.65 ? 105 LEU A O     1 
ATOM   844  C CB    . LEU A 1 105 ? -2.304  -14.246 -11.889 1.00 26.32 ? 105 LEU A CB    1 
ATOM   845  C CG    . LEU A 1 105 ? -3.545  -14.423 -11.012 1.00 24.76 ? 105 LEU A CG    1 
ATOM   846  C CD1   . LEU A 1 105 ? -3.179  -14.183 -9.549  1.00 22.06 ? 105 LEU A CD1   1 
ATOM   847  C CD2   . LEU A 1 105 ? -4.618  -13.441 -11.440 1.00 22.76 ? 105 LEU A CD2   1 
ATOM   848  N N     . ALA A 1 106 ? -0.467  -13.571 -14.449 1.00 36.32 ? 106 ALA A N     1 
ATOM   849  C CA    . ALA A 1 106 ? 0.439   -12.622 -15.086 1.00 38.06 ? 106 ALA A CA    1 
ATOM   850  C C     . ALA A 1 106 ? -0.181  -12.018 -16.340 1.00 38.72 ? 106 ALA A C     1 
ATOM   851  O O     . ALA A 1 106 ? 0.290   -11.005 -16.853 1.00 40.66 ? 106 ALA A O     1 
ATOM   852  C CB    . ALA A 1 106 ? 1.758   -13.307 -15.421 1.00 39.26 ? 106 ALA A CB    1 
ATOM   853  N N     . SER A 1 107 ? -1.245  -12.640 -16.825 1.00 38.85 ? 107 SER A N     1 
ATOM   854  C CA    . SER A 1 107 ? -1.927  -12.164 -18.017 1.00 37.53 ? 107 SER A CA    1 
ATOM   855  C C     . SER A 1 107 ? -2.866  -10.999 -17.736 1.00 36.26 ? 107 SER A C     1 
ATOM   856  O O     . SER A 1 107 ? -3.084  -10.143 -18.599 1.00 37.17 ? 107 SER A O     1 
ATOM   857  C CB    . SER A 1 107 ? -2.728  -13.307 -18.648 1.00 39.44 ? 107 SER A CB    1 
ATOM   858  O OG    . SER A 1 107 ? -3.666  -12.800 -19.583 1.00 41.31 ? 107 SER A OG    1 
ATOM   859  N N     . LYS A 1 108 ? -3.424  -10.954 -16.530 1.00 32.18 ? 108 LYS A N     1 
ATOM   860  C CA    . LYS A 1 108 ? -4.367  -9.900  -16.192 1.00 29.33 ? 108 LYS A CA    1 
ATOM   861  C C     . LYS A 1 108 ? -3.962  -8.996  -15.045 1.00 25.70 ? 108 LYS A C     1 
ATOM   862  O O     . LYS A 1 108 ? -4.777  -8.223  -14.534 1.00 26.07 ? 108 LYS A O     1 
ATOM   863  C CB    . LYS A 1 108 ? -5.735  -10.518 -15.900 1.00 31.68 ? 108 LYS A CB    1 
ATOM   864  C CG    . LYS A 1 108 ? -5.730  -11.657 -14.903 1.00 31.93 ? 108 LYS A CG    1 
ATOM   865  C CD    . LYS A 1 108 ? -7.085  -12.361 -14.905 1.00 34.35 ? 108 LYS A CD    1 
ATOM   866  C CE    . LYS A 1 108 ? -8.202  -11.416 -14.468 1.00 34.91 ? 108 LYS A CE    1 
ATOM   867  N NZ    . LYS A 1 108 ? -9.536  -12.057 -14.585 1.00 33.46 ? 108 LYS A NZ    1 
ATOM   868  N N     . VAL A 1 109 ? -2.703  -9.084  -14.645 1.00 22.41 ? 109 VAL A N     1 
ATOM   869  C CA    . VAL A 1 109 ? -2.202  -8.267  -13.552 1.00 21.50 ? 109 VAL A CA    1 
ATOM   870  C C     . VAL A 1 109 ? -1.011  -7.436  -14.001 1.00 20.66 ? 109 VAL A C     1 
ATOM   871  O O     . VAL A 1 109 ? -0.125  -7.940  -14.697 1.00 19.69 ? 109 VAL A O     1 
ATOM   872  C CB    . VAL A 1 109 ? -1.762  -9.137  -12.368 1.00 21.66 ? 109 VAL A CB    1 
ATOM   873  C CG1   . VAL A 1 109 ? -1.218  -8.263  -11.260 1.00 22.45 ? 109 VAL A CG1   1 
ATOM   874  C CG2   . VAL A 1 109 ? -2.935  -9.972  -11.873 1.00 21.46 ? 109 VAL A CG2   1 
ATOM   875  N N     . ASP A 1 110 ? -0.989  -6.169  -13.593 1.00 16.97 ? 110 ASP A N     1 
ATOM   876  C CA    . ASP A 1 110 ? 0.119   -5.291  -13.957 1.00 16.81 ? 110 ASP A CA    1 
ATOM   877  C C     . ASP A 1 110 ? 0.944   -4.940  -12.723 1.00 15.28 ? 110 ASP A C     1 
ATOM   878  O O     . ASP A 1 110 ? 1.854   -5.684  -12.352 1.00 14.52 ? 110 ASP A O     1 
ATOM   879  C CB    . ASP A 1 110 ? -0.405  -4.019  -14.631 1.00 17.35 ? 110 ASP A CB    1 
ATOM   880  C CG    . ASP A 1 110 ? 0.711   -3.076  -15.043 1.00 18.95 ? 110 ASP A CG    1 
ATOM   881  O OD1   . ASP A 1 110 ? 1.791   -3.567  -15.437 1.00 21.72 ? 110 ASP A OD1   1 
ATOM   882  O OD2   . ASP A 1 110 ? 0.501   -1.846  -14.990 1.00 18.09 ? 110 ASP A OD2   1 
ATOM   883  N N     . MET A 1 111 ? 0.633   -3.815  -12.083 1.00 12.64 ? 111 MET A N     1 
ATOM   884  C CA    . MET A 1 111 ? 1.375   -3.416  -10.892 1.00 13.21 ? 111 MET A CA    1 
ATOM   885  C C     . MET A 1 111 ? 0.875   -4.114  -9.639  1.00 12.86 ? 111 MET A C     1 
ATOM   886  O O     . MET A 1 111 ? -0.314  -4.425  -9.516  1.00 14.23 ? 111 MET A O     1 
ATOM   887  C CB    . MET A 1 111 ? 1.269   -1.907  -10.646 1.00 14.30 ? 111 MET A CB    1 
ATOM   888  C CG    . MET A 1 111 ? 1.716   -1.067  -11.807 1.00 17.48 ? 111 MET A CG    1 
ATOM   889  S SD    . MET A 1 111 ? 1.723   0.666   -11.336 1.00 16.88 ? 111 MET A SD    1 
ATOM   890  C CE    . MET A 1 111 ? 3.272   0.764   -10.567 1.00 16.88 ? 111 MET A CE    1 
ATOM   891  N N     . VAL A 1 112 ? 1.798   -4.330  -8.705  1.00 13.96 ? 112 VAL A N     1 
ATOM   892  C CA    . VAL A 1 112 ? 1.486   -4.955  -7.428  1.00 14.53 ? 112 VAL A CA    1 
ATOM   893  C C     . VAL A 1 112 ? 1.707   -3.920  -6.334  1.00 15.48 ? 112 VAL A C     1 
ATOM   894  O O     . VAL A 1 112 ? 2.787   -3.335  -6.226  1.00 16.28 ? 112 VAL A O     1 
ATOM   895  C CB    . VAL A 1 112 ? 2.396   -6.152  -7.135  1.00 14.97 ? 112 VAL A CB    1 
ATOM   896  C CG1   . VAL A 1 112 ? 2.140   -6.663  -5.720  1.00 15.42 ? 112 VAL A CG1   1 
ATOM   897  C CG2   . VAL A 1 112 ? 2.148   -7.248  -8.145  1.00 15.88 ? 112 VAL A CG2   1 
ATOM   898  N N     . TRP A 1 113 ? 0.674   -3.712  -5.525  1.00 13.82 ? 113 TRP A N     1 
ATOM   899  C CA    . TRP A 1 113 ? 0.725   -2.750  -4.437  1.00 13.60 ? 113 TRP A CA    1 
ATOM   900  C C     . TRP A 1 113 ? 0.468   -3.392  -3.086  1.00 12.07 ? 113 TRP A C     1 
ATOM   901  O O     . TRP A 1 113 ? -0.453  -4.182  -2.946  1.00 14.17 ? 113 TRP A O     1 
ATOM   902  C CB    . TRP A 1 113 ? -0.332  -1.660  -4.639  1.00 11.30 ? 113 TRP A CB    1 
ATOM   903  C CG    . TRP A 1 113 ? -0.091  -0.837  -5.821  1.00 9.57  ? 113 TRP A CG    1 
ATOM   904  C CD1   . TRP A 1 113 ? -0.421  -1.124  -7.111  1.00 10.03 ? 113 TRP A CD1   1 
ATOM   905  C CD2   . TRP A 1 113 ? 0.646   0.382   -5.855  1.00 9.64  ? 113 TRP A CD2   1 
ATOM   906  N NE1   . TRP A 1 113 ? 0.077   -0.160  -7.950  1.00 7.98  ? 113 TRP A NE1   1 
ATOM   907  C CE2   . TRP A 1 113 ? 0.738   0.776   -7.203  1.00 8.87  ? 113 TRP A CE2   1 
ATOM   908  C CE3   . TRP A 1 113 ? 1.243   1.182   -4.870  1.00 7.00  ? 113 TRP A CE3   1 
ATOM   909  C CZ2   . TRP A 1 113 ? 1.411   1.937   -7.600  1.00 10.41 ? 113 TRP A CZ2   1 
ATOM   910  C CZ3   . TRP A 1 113 ? 1.909   2.336   -5.267  1.00 11.27 ? 113 TRP A CZ3   1 
ATOM   911  C CH2   . TRP A 1 113 ? 1.988   2.700   -6.623  1.00 10.46 ? 113 TRP A CH2   1 
ATOM   912  N N     . ILE A 1 114 ? 1.280   -3.023  -2.103  1.00 13.08 ? 114 ILE A N     1 
ATOM   913  C CA    . ILE A 1 114 ? 1.159   -3.479  -0.712  1.00 15.42 ? 114 ILE A CA    1 
ATOM   914  C C     . ILE A 1 114 ? 0.479   -2.262  -0.077  1.00 14.80 ? 114 ILE A C     1 
ATOM   915  O O     . ILE A 1 114 ? 1.071   -1.191  -0.067  1.00 14.76 ? 114 ILE A O     1 
ATOM   916  C CB    . ILE A 1 114 ? 2.554   -3.648  -0.041  1.00 14.03 ? 114 ILE A CB    1 
ATOM   917  C CG1   . ILE A 1 114 ? 3.399   -4.663  -0.820  1.00 15.01 ? 114 ILE A CG1   1 
ATOM   918  C CG2   . ILE A 1 114 ? 2.396   -4.072  1.419   1.00 17.29 ? 114 ILE A CG2   1 
ATOM   919  C CD1   . ILE A 1 114 ? 2.739   -6.008  -1.005  1.00 16.55 ? 114 ILE A CD1   1 
ATOM   920  N N     . VAL A 1 115 ? -0.733  -2.416  0.455   1.00 16.02 ? 115 VAL A N     1 
ATOM   921  C CA    . VAL A 1 115 ? -1.442  -1.257  1.015   1.00 15.37 ? 115 VAL A CA    1 
ATOM   922  C C     . VAL A 1 115 ? -1.845  -1.276  2.492   1.00 18.72 ? 115 VAL A C     1 
ATOM   923  O O     . VAL A 1 115 ? -2.510  -0.362  2.964   1.00 15.04 ? 115 VAL A O     1 
ATOM   924  C CB    . VAL A 1 115 ? -2.740  -0.988  0.233   1.00 13.99 ? 115 VAL A CB    1 
ATOM   925  C CG1   . VAL A 1 115 ? -2.470  -0.969  -1.276  1.00 12.53 ? 115 VAL A CG1   1 
ATOM   926  C CG2   . VAL A 1 115 ? -3.763  -2.053  0.569   1.00 13.35 ? 115 VAL A CG2   1 
ATOM   927  N N     . GLY A 1 116 ? -1.475  -2.304  3.231   1.00 20.57 ? 116 GLY A N     1 
ATOM   928  C CA    . GLY A 1 116 ? -1.910  -2.285  4.606   1.00 25.56 ? 116 GLY A CA    1 
ATOM   929  C C     . GLY A 1 116 ? -1.337  -3.319  5.528   1.00 25.88 ? 116 GLY A C     1 
ATOM   930  O O     . GLY A 1 116 ? -1.222  -4.488  5.187   1.00 26.52 ? 116 GLY A O     1 
ATOM   931  N N     . GLY A 1 117 ? -1.008  -2.839  6.720   1.00 27.09 ? 117 GLY A N     1 
ATOM   932  C CA    . GLY A 1 117 ? -0.446  -3.662  7.758   1.00 23.98 ? 117 GLY A CA    1 
ATOM   933  C C     . GLY A 1 117 ? 1.025   -3.397  7.971   1.00 22.46 ? 117 GLY A C     1 
ATOM   934  O O     . GLY A 1 117 ? 1.806   -3.445  7.027   1.00 19.55 ? 117 GLY A O     1 
ATOM   935  N N     . SER A 1 118 ? 1.396   -3.140  9.221   1.00 21.11 ? 118 SER A N     1 
ATOM   936  C CA    . SER A 1 118 ? 2.792   -2.888  9.563   1.00 22.54 ? 118 SER A CA    1 
ATOM   937  C C     . SER A 1 118 ? 3.637   -4.122  9.255   1.00 19.99 ? 118 SER A C     1 
ATOM   938  O O     . SER A 1 118 ? 4.701   -4.021  8.662   1.00 21.50 ? 118 SER A O     1 
ATOM   939  C CB    . SER A 1 118 ? 2.924   -2.542  11.053  1.00 22.48 ? 118 SER A CB    1 
ATOM   940  O OG    . SER A 1 118 ? 2.163   -1.389  11.351  1.00 31.16 ? 118 SER A OG    1 
ATOM   941  N N     . SER A 1 119 ? 3.158   -5.289  9.672   1.00 20.50 ? 119 SER A N     1 
ATOM   942  C CA    . SER A 1 119 ? 3.897   -6.532  9.439   1.00 20.49 ? 119 SER A CA    1 
ATOM   943  C C     . SER A 1 119 ? 4.016   -6.811  7.954   1.00 18.91 ? 119 SER A C     1 
ATOM   944  O O     . SER A 1 119 ? 5.042   -7.285  7.493   1.00 19.46 ? 119 SER A O     1 
ATOM   945  C CB    . SER A 1 119 ? 3.197   -7.717  10.110  1.00 22.33 ? 119 SER A CB    1 
ATOM   946  O OG    . SER A 1 119 ? 1.915   -7.941  9.539   1.00 24.93 ? 119 SER A OG    1 
ATOM   947  N N     . VAL A 1 120 ? 2.961   -6.514  7.205   1.00 19.66 ? 120 VAL A N     1 
ATOM   948  C CA    . VAL A 1 120 ? 2.978   -6.749  5.771   1.00 18.62 ? 120 VAL A CA    1 
ATOM   949  C C     . VAL A 1 120 ? 4.035   -5.858  5.122   1.00 18.66 ? 120 VAL A C     1 
ATOM   950  O O     . VAL A 1 120 ? 4.771   -6.310  4.245   1.00 18.13 ? 120 VAL A O     1 
ATOM   951  C CB    . VAL A 1 120 ? 1.603   -6.487  5.131   1.00 18.05 ? 120 VAL A CB    1 
ATOM   952  C CG1   . VAL A 1 120 ? 1.610   -6.997  3.697   1.00 18.04 ? 120 VAL A CG1   1 
ATOM   953  C CG2   . VAL A 1 120 ? 0.503   -7.184  5.932   1.00 17.22 ? 120 VAL A CG2   1 
ATOM   954  N N     . TYR A 1 121 ? 4.113   -4.606  5.576   1.00 18.14 ? 121 TYR A N     1 
ATOM   955  C CA    . TYR A 1 121 ? 5.103   -3.662  5.064   1.00 17.81 ? 121 TYR A CA    1 
ATOM   956  C C     . TYR A 1 121 ? 6.498   -4.212  5.402   1.00 19.21 ? 121 TYR A C     1 
ATOM   957  O O     . TYR A 1 121 ? 7.404   -4.205  4.571   1.00 17.60 ? 121 TYR A O     1 
ATOM   958  C CB    . TYR A 1 121 ? 4.927   -2.290  5.726   1.00 17.65 ? 121 TYR A CB    1 
ATOM   959  C CG    . TYR A 1 121 ? 3.750   -1.460  5.246   1.00 16.81 ? 121 TYR A CG    1 
ATOM   960  C CD1   . TYR A 1 121 ? 2.939   -0.775  6.156   1.00 17.03 ? 121 TYR A CD1   1 
ATOM   961  C CD2   . TYR A 1 121 ? 3.471   -1.326  3.882   1.00 16.94 ? 121 TYR A CD2   1 
ATOM   962  C CE1   . TYR A 1 121 ? 1.874   0.028   5.721   1.00 16.87 ? 121 TYR A CE1   1 
ATOM   963  C CE2   . TYR A 1 121 ? 2.399   -0.519  3.435   1.00 15.21 ? 121 TYR A CE2   1 
ATOM   964  C CZ    . TYR A 1 121 ? 1.614   0.148   4.362   1.00 16.83 ? 121 TYR A CZ    1 
ATOM   965  O OH    . TYR A 1 121 ? 0.576   0.936   3.928   1.00 14.56 ? 121 TYR A OH    1 
ATOM   966  N N     . GLN A 1 122 ? 6.648   -4.696  6.633   1.00 20.32 ? 122 GLN A N     1 
ATOM   967  C CA    . GLN A 1 122 ? 7.919   -5.246  7.100   1.00 24.13 ? 122 GLN A CA    1 
ATOM   968  C C     . GLN A 1 122 ? 8.437   -6.379  6.218   1.00 24.37 ? 122 GLN A C     1 
ATOM   969  O O     . GLN A 1 122 ? 9.527   -6.286  5.653   1.00 25.38 ? 122 GLN A O     1 
ATOM   970  C CB    . GLN A 1 122 ? 7.775   -5.751  8.543   1.00 25.27 ? 122 GLN A CB    1 
ATOM   971  C CG    . GLN A 1 122 ? 7.479   -4.649  9.551   1.00 31.56 ? 122 GLN A CG    1 
ATOM   972  C CD    . GLN A 1 122 ? 6.908   -5.168  10.871  1.00 33.80 ? 122 GLN A CD    1 
ATOM   973  O OE1   . GLN A 1 122 ? 6.665   -4.391  11.799  1.00 34.58 ? 122 GLN A OE1   1 
ATOM   974  N NE2   . GLN A 1 122 ? 6.687   -6.477  10.957  1.00 34.75 ? 122 GLN A NE2   1 
ATOM   975  N N     . GLU A 1 123 ? 7.650   -7.441  6.097   1.00 25.23 ? 123 GLU A N     1 
ATOM   976  C CA    . GLU A 1 123 ? 8.070   -8.590  5.308   1.00 26.04 ? 123 GLU A CA    1 
ATOM   977  C C     . GLU A 1 123 ? 8.289   -8.239  3.849   1.00 23.93 ? 123 GLU A C     1 
ATOM   978  O O     . GLU A 1 123 ? 9.171   -8.784  3.200   1.00 24.66 ? 123 GLU A O     1 
ATOM   979  C CB    . GLU A 1 123 ? 7.044   -9.710  5.420   1.00 27.93 ? 123 GLU A CB    1 
ATOM   980  C CG    . GLU A 1 123 ? 7.639   -11.069 5.123   1.00 33.80 ? 123 GLU A CG    1 
ATOM   981  C CD    . GLU A 1 123 ? 6.665   -12.186 5.369   1.00 34.57 ? 123 GLU A CD    1 
ATOM   982  O OE1   . GLU A 1 123 ? 6.128   -12.263 6.489   1.00 35.57 ? 123 GLU A OE1   1 
ATOM   983  O OE2   . GLU A 1 123 ? 6.440   -12.987 4.440   1.00 38.90 ? 123 GLU A OE2   1 
ATOM   984  N N     . ALA A 1 124 ? 7.480   -7.326  3.333   1.00 23.35 ? 124 ALA A N     1 
ATOM   985  C CA    . ALA A 1 124 ? 7.627   -6.899  1.947   1.00 23.83 ? 124 ALA A CA    1 
ATOM   986  C C     . ALA A 1 124 ? 8.967   -6.185  1.774   1.00 25.28 ? 124 ALA A C     1 
ATOM   987  O O     . ALA A 1 124 ? 9.627   -6.347  0.750   1.00 25.09 ? 124 ALA A O     1 
ATOM   988  C CB    . ALA A 1 124 ? 6.469   -5.986  1.551   1.00 22.35 ? 124 ALA A CB    1 
ATOM   989  N N     . MET A 1 125 ? 9.379   -5.414  2.784   1.00 26.61 ? 125 MET A N     1 
ATOM   990  C CA    . MET A 1 125 ? 10.652  -4.684  2.728   1.00 30.03 ? 125 MET A CA    1 
ATOM   991  C C     . MET A 1 125 ? 11.837  -5.612  3.056   1.00 33.35 ? 125 MET A C     1 
ATOM   992  O O     . MET A 1 125 ? 12.986  -5.298  2.755   1.00 35.34 ? 125 MET A O     1 
ATOM   993  C CB    . MET A 1 125 ? 10.632  -3.487  3.705   1.00 27.43 ? 125 MET A CB    1 
ATOM   994  C CG    . MET A 1 125 ? 9.647   -2.377  3.323   1.00 25.37 ? 125 MET A CG    1 
ATOM   995  S SD    . MET A 1 125 ? 9.384   -1.106  4.615   1.00 24.42 ? 125 MET A SD    1 
ATOM   996  C CE    . MET A 1 125 ? 10.921  -0.174  4.536   1.00 21.41 ? 125 MET A CE    1 
ATOM   997  N N     . ASN A 1 126 ? 11.544  -6.755  3.668   1.00 37.65 ? 126 ASN A N     1 
ATOM   998  C CA    . ASN A 1 126 ? 12.578  -7.718  4.037   1.00 42.05 ? 126 ASN A CA    1 
ATOM   999  C C     . ASN A 1 126 ? 12.686  -8.877  3.052   1.00 43.12 ? 126 ASN A C     1 
ATOM   1000 O O     . ASN A 1 126 ? 12.488  -10.038 3.418   1.00 45.15 ? 126 ASN A O     1 
ATOM   1001 C CB    . ASN A 1 126 ? 12.310  -8.265  5.445   1.00 44.79 ? 126 ASN A CB    1 
ATOM   1002 C CG    . ASN A 1 126 ? 12.518  -7.222  6.520   1.00 46.89 ? 126 ASN A CG    1 
ATOM   1003 O OD1   . ASN A 1 126 ? 11.963  -6.126  6.453   1.00 50.09 ? 126 ASN A OD1   1 
ATOM   1004 N ND2   . ASN A 1 126 ? 13.321  -7.557  7.522   1.00 49.52 ? 126 ASN A ND2   1 
ATOM   1005 N N     . GLN A 1 127 ? 12.999  -8.556  1.803   1.00 42.95 ? 127 GLN A N     1 
ATOM   1006 C CA    . GLN A 1 127 ? 13.145  -9.574  0.777   1.00 43.51 ? 127 GLN A CA    1 
ATOM   1007 C C     . GLN A 1 127 ? 13.759  -9.020  -0.503  1.00 41.85 ? 127 GLN A C     1 
ATOM   1008 O O     . GLN A 1 127 ? 13.576  -7.849  -0.833  1.00 40.06 ? 127 GLN A O     1 
ATOM   1009 C CB    . GLN A 1 127 ? 11.794  -10.215 0.473   1.00 45.37 ? 127 GLN A CB    1 
ATOM   1010 C CG    . GLN A 1 127 ? 10.748  -9.256  -0.024  1.00 46.42 ? 127 GLN A CG    1 
ATOM   1011 C CD    . GLN A 1 127 ? 9.395   -9.908  -0.107  1.00 46.90 ? 127 GLN A CD    1 
ATOM   1012 O OE1   . GLN A 1 127 ? 8.408   -9.268  -0.460  1.00 49.65 ? 127 GLN A OE1   1 
ATOM   1013 N NE2   . GLN A 1 127 ? 9.337   -11.194 0.222   1.00 47.81 ? 127 GLN A NE2   1 
ATOM   1014 N N     . PRO A 1 128 ? 14.502  -9.867  -1.232  1.00 40.40 ? 128 PRO A N     1 
ATOM   1015 C CA    . PRO A 1 128 ? 15.160  -9.491  -2.483  1.00 39.83 ? 128 PRO A CA    1 
ATOM   1016 C C     . PRO A 1 128 ? 14.173  -9.026  -3.533  1.00 38.09 ? 128 PRO A C     1 
ATOM   1017 O O     . PRO A 1 128 ? 12.960  -9.168  -3.372  1.00 39.50 ? 128 PRO A O     1 
ATOM   1018 C CB    . PRO A 1 128 ? 15.858  -10.782 -2.912  1.00 39.58 ? 128 PRO A CB    1 
ATOM   1019 C CG    . PRO A 1 128 ? 16.129  -11.463 -1.628  1.00 40.78 ? 128 PRO A CG    1 
ATOM   1020 C CD    . PRO A 1 128 ? 14.846  -11.251 -0.864  1.00 40.39 ? 128 PRO A CD    1 
ATOM   1021 N N     . GLY A 1 129 ? 14.702  -8.484  -4.620  1.00 35.89 ? 129 GLY A N     1 
ATOM   1022 C CA    . GLY A 1 129 ? 13.846  -8.021  -5.689  1.00 32.87 ? 129 GLY A CA    1 
ATOM   1023 C C     . GLY A 1 129 ? 13.809  -6.517  -5.809  1.00 30.86 ? 129 GLY A C     1 
ATOM   1024 O O     . GLY A 1 129 ? 14.447  -5.793  -5.048  1.00 30.85 ? 129 GLY A O     1 
ATOM   1025 N N     . HIS A 1 130 ? 13.048  -6.050  -6.786  1.00 29.55 ? 130 HIS A N     1 
ATOM   1026 C CA    . HIS A 1 130 ? 12.908  -4.630  -7.024  1.00 27.85 ? 130 HIS A CA    1 
ATOM   1027 C C     . HIS A 1 130 ? 11.787  -4.096  -6.122  1.00 25.97 ? 130 HIS A C     1 
ATOM   1028 O O     . HIS A 1 130 ? 10.635  -4.528  -6.230  1.00 23.50 ? 130 HIS A O     1 
ATOM   1029 C CB    . HIS A 1 130 ? 12.586  -4.398  -8.502  1.00 27.64 ? 130 HIS A CB    1 
ATOM   1030 C CG    . HIS A 1 130 ? 12.543  -2.959  -8.896  1.00 27.99 ? 130 HIS A CG    1 
ATOM   1031 N ND1   . HIS A 1 130 ? 12.810  -1.935  -8.009  1.00 30.12 ? 130 HIS A ND1   1 
ATOM   1032 C CD2   . HIS A 1 130 ? 12.254  -2.365  -10.076 1.00 27.17 ? 130 HIS A CD2   1 
ATOM   1033 C CE1   . HIS A 1 130 ? 12.686  -0.776  -8.627  1.00 28.28 ? 130 HIS A CE1   1 
ATOM   1034 N NE2   . HIS A 1 130 ? 12.350  -1.009  -9.885  1.00 29.75 ? 130 HIS A NE2   1 
ATOM   1035 N N     . LEU A 1 131 ? 12.140  -3.175  -5.224  1.00 24.95 ? 131 LEU A N     1 
ATOM   1036 C CA    . LEU A 1 131 ? 11.177  -2.576  -4.298  1.00 24.34 ? 131 LEU A CA    1 
ATOM   1037 C C     . LEU A 1 131 ? 11.062  -1.055  -4.424  1.00 22.70 ? 131 LEU A C     1 
ATOM   1038 O O     . LEU A 1 131 ? 12.064  -0.356  -4.606  1.00 21.73 ? 131 LEU A O     1 
ATOM   1039 C CB    . LEU A 1 131 ? 11.550  -2.902  -2.843  1.00 26.83 ? 131 LEU A CB    1 
ATOM   1040 C CG    . LEU A 1 131 ? 10.707  -3.922  -2.067  1.00 29.35 ? 131 LEU A CG    1 
ATOM   1041 C CD1   . LEU A 1 131 ? 10.867  -5.298  -2.697  1.00 30.10 ? 131 LEU A CD1   1 
ATOM   1042 C CD2   . LEU A 1 131 ? 11.143  -3.958  -0.602  1.00 31.13 ? 131 LEU A CD2   1 
ATOM   1043 N N     . ARG A 1 132 ? 9.831   -0.551  -4.334  1.00 21.00 ? 132 ARG A N     1 
ATOM   1044 C CA    . ARG A 1 132 ? 9.569   0.888   -4.375  1.00 20.39 ? 132 ARG A CA    1 
ATOM   1045 C C     . ARG A 1 132 ? 8.697   1.234   -3.181  1.00 20.54 ? 132 ARG A C     1 
ATOM   1046 O O     . ARG A 1 132 ? 7.794   0.467   -2.810  1.00 19.60 ? 132 ARG A O     1 
ATOM   1047 C CB    . ARG A 1 132 ? 8.822   1.311   -5.638  1.00 20.84 ? 132 ARG A CB    1 
ATOM   1048 C CG    . ARG A 1 132 ? 9.598   1.207   -6.932  1.00 22.65 ? 132 ARG A CG    1 
ATOM   1049 C CD    . ARG A 1 132 ? 9.020   2.149   -7.968  1.00 23.16 ? 132 ARG A CD    1 
ATOM   1050 N NE    . ARG A 1 132 ? 9.529   1.882   -9.309  1.00 23.76 ? 132 ARG A NE    1 
ATOM   1051 C CZ    . ARG A 1 132 ? 9.103   0.894   -10.085 1.00 24.32 ? 132 ARG A CZ    1 
ATOM   1052 N NH1   . ARG A 1 132 ? 8.152   0.077   -9.651  1.00 25.13 ? 132 ARG A NH1   1 
ATOM   1053 N NH2   . ARG A 1 132 ? 9.630   0.720   -11.289 1.00 22.27 ? 132 ARG A NH2   1 
ATOM   1054 N N     . LEU A 1 133 ? 8.958   2.390   -2.585  1.00 19.09 ? 133 LEU A N     1 
ATOM   1055 C CA    . LEU A 1 133 ? 8.188   2.839   -1.437  1.00 18.42 ? 133 LEU A CA    1 
ATOM   1056 C C     . LEU A 1 133 ? 7.553   4.181   -1.763  1.00 18.07 ? 133 LEU A C     1 
ATOM   1057 O O     . LEU A 1 133 ? 8.247   5.172   -1.980  1.00 19.08 ? 133 LEU A O     1 
ATOM   1058 C CB    . LEU A 1 133 ? 9.083   2.980   -0.206  1.00 19.38 ? 133 LEU A CB    1 
ATOM   1059 C CG    . LEU A 1 133 ? 9.932   1.776   0.217   1.00 20.25 ? 133 LEU A CG    1 
ATOM   1060 C CD1   . LEU A 1 133 ? 10.594  2.095   1.546   1.00 20.18 ? 133 LEU A CD1   1 
ATOM   1061 C CD2   . LEU A 1 133 ? 9.060   0.525   0.345   1.00 20.63 ? 133 LEU A CD2   1 
ATOM   1062 N N     . PHE A 1 134 ? 6.224   4.190   -1.832  1.00 17.96 ? 134 PHE A N     1 
ATOM   1063 C CA    . PHE A 1 134 ? 5.469   5.403   -2.113  1.00 14.94 ? 134 PHE A CA    1 
ATOM   1064 C C     . PHE A 1 134 ? 4.931   5.846   -0.758  1.00 15.22 ? 134 PHE A C     1 
ATOM   1065 O O     . PHE A 1 134 ? 3.954   5.296   -0.235  1.00 13.62 ? 134 PHE A O     1 
ATOM   1066 C CB    . PHE A 1 134 ? 4.325   5.111   -3.087  1.00 15.12 ? 134 PHE A CB    1 
ATOM   1067 C CG    . PHE A 1 134 ? 4.777   4.805   -4.494  1.00 14.44 ? 134 PHE A CG    1 
ATOM   1068 C CD1   . PHE A 1 134 ? 5.457   3.624   -4.784  1.00 15.29 ? 134 PHE A CD1   1 
ATOM   1069 C CD2   . PHE A 1 134 ? 4.499   5.688   -5.534  1.00 15.44 ? 134 PHE A CD2   1 
ATOM   1070 C CE1   . PHE A 1 134 ? 5.848   3.323   -6.090  1.00 16.13 ? 134 PHE A CE1   1 
ATOM   1071 C CE2   . PHE A 1 134 ? 4.887   5.394   -6.849  1.00 16.88 ? 134 PHE A CE2   1 
ATOM   1072 C CZ    . PHE A 1 134 ? 5.563   4.211   -7.126  1.00 15.76 ? 134 PHE A CZ    1 
ATOM   1073 N N     . VAL A 1 135 ? 5.595   6.840   -0.188  1.00 13.81 ? 135 VAL A N     1 
ATOM   1074 C CA    . VAL A 1 135 ? 5.259   7.341   1.132   1.00 12.96 ? 135 VAL A CA    1 
ATOM   1075 C C     . VAL A 1 135 ? 4.698   8.757   1.155   1.00 13.32 ? 135 VAL A C     1 
ATOM   1076 O O     . VAL A 1 135 ? 5.300   9.677   0.598   1.00 13.31 ? 135 VAL A O     1 
ATOM   1077 C CB    . VAL A 1 135 ? 6.508   7.340   2.022   1.00 13.68 ? 135 VAL A CB    1 
ATOM   1078 C CG1   . VAL A 1 135 ? 6.147   7.805   3.418   1.00 15.51 ? 135 VAL A CG1   1 
ATOM   1079 C CG2   . VAL A 1 135 ? 7.136   5.956   2.042   1.00 12.67 ? 135 VAL A CG2   1 
ATOM   1080 N N     . THR A 1 136 ? 3.535   8.920   1.788   1.00 12.88 ? 136 THR A N     1 
ATOM   1081 C CA    . THR A 1 136 ? 2.924   10.239  1.931   1.00 12.90 ? 136 THR A CA    1 
ATOM   1082 C C     . THR A 1 136 ? 3.379   10.758  3.294   1.00 15.36 ? 136 THR A C     1 
ATOM   1083 O O     . THR A 1 136 ? 3.043   10.178  4.335   1.00 16.24 ? 136 THR A O     1 
ATOM   1084 C CB    . THR A 1 136 ? 1.382   10.175  1.914   1.00 13.30 ? 136 THR A CB    1 
ATOM   1085 O OG1   . THR A 1 136 ? 0.936   9.751   0.630   1.00 11.66 ? 136 THR A OG1   1 
ATOM   1086 C CG2   . THR A 1 136 ? 0.784   11.559  2.199   1.00 12.09 ? 136 THR A CG2   1 
ATOM   1087 N N     . ARG A 1 137 ? 4.178   11.821  3.288   1.00 16.14 ? 137 ARG A N     1 
ATOM   1088 C CA    . ARG A 1 137 ? 4.667   12.390  4.533   1.00 18.31 ? 137 ARG A CA    1 
ATOM   1089 C C     . ARG A 1 137 ? 3.677   13.394  5.124   1.00 20.33 ? 137 ARG A C     1 
ATOM   1090 O O     . ARG A 1 137 ? 3.597   14.525  4.656   1.00 20.35 ? 137 ARG A O     1 
ATOM   1091 C CB    . ARG A 1 137 ? 6.009   13.093  4.310   1.00 18.23 ? 137 ARG A CB    1 
ATOM   1092 C CG    . ARG A 1 137 ? 7.160   12.203  3.869   1.00 19.39 ? 137 ARG A CG    1 
ATOM   1093 C CD    . ARG A 1 137 ? 7.609   11.260  4.957   1.00 19.02 ? 137 ARG A CD    1 
ATOM   1094 N NE    . ARG A 1 137 ? 8.896   10.647  4.627   1.00 20.56 ? 137 ARG A NE    1 
ATOM   1095 C CZ    . ARG A 1 137 ? 9.491   9.705   5.356   1.00 21.80 ? 137 ARG A CZ    1 
ATOM   1096 N NH1   . ARG A 1 137 ? 8.918   9.252   6.462   1.00 22.61 ? 137 ARG A NH1   1 
ATOM   1097 N NH2   . ARG A 1 137 ? 10.666  9.219   4.981   1.00 22.82 ? 137 ARG A NH2   1 
ATOM   1098 N N     . ILE A 1 138 ? 2.925   12.968  6.139   1.00 21.01 ? 138 ILE A N     1 
ATOM   1099 C CA    . ILE A 1 138 ? 1.972   13.846  6.828   1.00 23.77 ? 138 ILE A CA    1 
ATOM   1100 C C     . ILE A 1 138 ? 2.800   14.664  7.815   1.00 24.26 ? 138 ILE A C     1 
ATOM   1101 O O     . ILE A 1 138 ? 3.209   14.154  8.850   1.00 23.74 ? 138 ILE A O     1 
ATOM   1102 C CB    . ILE A 1 138 ? 0.914   13.038  7.631   1.00 24.55 ? 138 ILE A CB    1 
ATOM   1103 C CG1   . ILE A 1 138 ? 0.118   12.132  6.689   1.00 25.19 ? 138 ILE A CG1   1 
ATOM   1104 C CG2   . ILE A 1 138 ? -0.017  13.987  8.371   1.00 23.81 ? 138 ILE A CG2   1 
ATOM   1105 C CD1   . ILE A 1 138 ? -0.569  12.866  5.571   1.00 24.78 ? 138 ILE A CD1   1 
ATOM   1106 N N     . MET A 1 139 ? 3.041   15.927  7.485   1.00 27.04 ? 139 MET A N     1 
ATOM   1107 C CA    . MET A 1 139 ? 3.863   16.817  8.305   1.00 28.80 ? 139 MET A CA    1 
ATOM   1108 C C     . MET A 1 139 ? 3.262   17.244  9.641   1.00 29.47 ? 139 MET A C     1 
ATOM   1109 O O     . MET A 1 139 ? 3.198   18.434  9.949   1.00 29.60 ? 139 MET A O     1 
ATOM   1110 C CB    . MET A 1 139 ? 4.231   18.052  7.476   1.00 30.19 ? 139 MET A CB    1 
ATOM   1111 C CG    . MET A 1 139 ? 5.127   17.724  6.291   1.00 33.47 ? 139 MET A CG    1 
ATOM   1112 S SD    . MET A 1 139 ? 5.020   18.869  4.885   1.00 34.83 ? 139 MET A SD    1 
ATOM   1113 C CE    . MET A 1 139 ? 5.756   20.373  5.561   1.00 34.60 ? 139 MET A CE    1 
ATOM   1114 N N     . GLN A 1 140 ? 2.852   16.270  10.447  1.00 29.33 ? 140 GLN A N     1 
ATOM   1115 C CA    . GLN A 1 140 ? 2.261   16.574  11.740  1.00 30.25 ? 140 GLN A CA    1 
ATOM   1116 C C     . GLN A 1 140 ? 2.201   15.313  12.583  1.00 29.99 ? 140 GLN A C     1 
ATOM   1117 O O     . GLN A 1 140 ? 2.061   14.214  12.055  1.00 30.02 ? 140 GLN A O     1 
ATOM   1118 C CB    . GLN A 1 140 ? 0.856   17.137  11.538  1.00 30.84 ? 140 GLN A CB    1 
ATOM   1119 C CG    . GLN A 1 140 ? 0.241   17.743  12.781  1.00 32.76 ? 140 GLN A CG    1 
ATOM   1120 C CD    . GLN A 1 140 ? -1.152  18.280  12.523  1.00 32.38 ? 140 GLN A CD    1 
ATOM   1121 O OE1   . GLN A 1 140 ? -1.365  19.066  11.601  1.00 33.05 ? 140 GLN A OE1   1 
ATOM   1122 N NE2   . GLN A 1 140 ? -2.108  17.860  13.340  1.00 33.85 ? 140 GLN A NE2   1 
ATOM   1123 N N     . GLU A 1 141 ? 2.311   15.462  13.896  1.00 30.12 ? 141 GLU A N     1 
ATOM   1124 C CA    . GLU A 1 141 ? 2.261   14.304  14.780  1.00 29.99 ? 141 GLU A CA    1 
ATOM   1125 C C     . GLU A 1 141 ? 0.831   13.929  15.162  1.00 29.36 ? 141 GLU A C     1 
ATOM   1126 O O     . GLU A 1 141 ? -0.028  14.794  15.306  1.00 28.77 ? 141 GLU A O     1 
ATOM   1127 C CB    . GLU A 1 141 ? 3.078   14.569  16.049  1.00 32.59 ? 141 GLU A CB    1 
ATOM   1128 C CG    . GLU A 1 141 ? 4.570   14.580  15.834  1.00 35.35 ? 141 GLU A CG    1 
ATOM   1129 C CD    . GLU A 1 141 ? 5.334   14.715  17.135  1.00 38.86 ? 141 GLU A CD    1 
ATOM   1130 O OE1   . GLU A 1 141 ? 6.579   14.604  17.110  1.00 40.42 ? 141 GLU A OE1   1 
ATOM   1131 O OE2   . GLU A 1 141 ? 4.686   14.931  18.181  1.00 39.58 ? 141 GLU A OE2   1 
ATOM   1132 N N     . PHE A 1 142 ? 0.590   12.630  15.316  1.00 28.90 ? 142 PHE A N     1 
ATOM   1133 C CA    . PHE A 1 142 ? -0.724  12.102  15.702  1.00 29.46 ? 142 PHE A CA    1 
ATOM   1134 C C     . PHE A 1 142 ? -0.527  10.868  16.591  1.00 31.75 ? 142 PHE A C     1 
ATOM   1135 O O     . PHE A 1 142 ? 0.347   10.034  16.322  1.00 30.21 ? 142 PHE A O     1 
ATOM   1136 C CB    . PHE A 1 142 ? -1.547  11.703  14.461  1.00 26.69 ? 142 PHE A CB    1 
ATOM   1137 C CG    . PHE A 1 142 ? -2.149  12.868  13.711  1.00 25.69 ? 142 PHE A CG    1 
ATOM   1138 C CD1   . PHE A 1 142 ? -3.256  13.552  14.211  1.00 24.45 ? 142 PHE A CD1   1 
ATOM   1139 C CD2   . PHE A 1 142 ? -1.600  13.286  12.506  1.00 24.06 ? 142 PHE A CD2   1 
ATOM   1140 C CE1   . PHE A 1 142 ? -3.808  14.635  13.520  1.00 22.68 ? 142 PHE A CE1   1 
ATOM   1141 C CE2   . PHE A 1 142 ? -2.140  14.365  11.805  1.00 24.34 ? 142 PHE A CE2   1 
ATOM   1142 C CZ    . PHE A 1 142 ? -3.245  15.042  12.310  1.00 23.29 ? 142 PHE A CZ    1 
ATOM   1143 N N     . GLU A 1 143 ? -1.325  10.759  17.654  1.00 32.93 ? 143 GLU A N     1 
ATOM   1144 C CA    . GLU A 1 143 ? -1.223  9.609   18.543  1.00 33.96 ? 143 GLU A CA    1 
ATOM   1145 C C     . GLU A 1 143 ? -1.549  8.363   17.727  1.00 32.87 ? 143 GLU A C     1 
ATOM   1146 O O     . GLU A 1 143 ? -2.622  8.276   17.131  1.00 31.44 ? 143 GLU A O     1 
ATOM   1147 C CB    . GLU A 1 143 ? -2.214  9.725   19.695  1.00 37.09 ? 143 GLU A CB    1 
ATOM   1148 C CG    . GLU A 1 143 ? -2.090  8.585   20.680  1.00 40.74 ? 143 GLU A CG    1 
ATOM   1149 C CD    . GLU A 1 143 ? -3.129  8.645   21.771  1.00 45.06 ? 143 GLU A CD    1 
ATOM   1150 O OE1   . GLU A 1 143 ? -3.162  7.714   22.603  1.00 47.40 ? 143 GLU A OE1   1 
ATOM   1151 O OE2   . GLU A 1 143 ? -3.914  9.619   21.795  1.00 45.86 ? 143 GLU A OE2   1 
ATOM   1152 N N     . SER A 1 144 ? -0.630  7.400   17.716  1.00 32.26 ? 144 SER A N     1 
ATOM   1153 C CA    . SER A 1 144 ? -0.819  6.178   16.935  1.00 32.47 ? 144 SER A CA    1 
ATOM   1154 C C     . SER A 1 144 ? -0.598  4.897   17.730  1.00 32.47 ? 144 SER A C     1 
ATOM   1155 O O     . SER A 1 144 ? 0.126   4.885   18.725  1.00 31.88 ? 144 SER A O     1 
ATOM   1156 C CB    . SER A 1 144 ? 0.138   6.176   15.738  1.00 31.61 ? 144 SER A CB    1 
ATOM   1157 O OG    . SER A 1 144 ? 0.144   7.432   15.091  1.00 28.17 ? 144 SER A OG    1 
ATOM   1158 N N     . ASP A 1 145 ? -1.207  3.814   17.260  1.00 32.90 ? 145 ASP A N     1 
ATOM   1159 C CA    . ASP A 1 145 ? -1.084  2.518   17.914  1.00 34.30 ? 145 ASP A CA    1 
ATOM   1160 C C     . ASP A 1 145 ? -0.248  1.569   17.047  1.00 33.46 ? 145 ASP A C     1 
ATOM   1161 O O     . ASP A 1 145 ? 0.145   0.486   17.494  1.00 32.97 ? 145 ASP A O     1 
ATOM   1162 C CB    . ASP A 1 145 ? -2.484  1.951   18.153  1.00 36.91 ? 145 ASP A CB    1 
ATOM   1163 C CG    . ASP A 1 145 ? -2.468  0.626   18.874  1.00 40.91 ? 145 ASP A CG    1 
ATOM   1164 O OD1   . ASP A 1 145 ? -1.702  0.487   19.846  1.00 41.98 ? 145 ASP A OD1   1 
ATOM   1165 O OD2   . ASP A 1 145 ? -3.232  -0.276  18.467  1.00 44.89 ? 145 ASP A OD2   1 
ATOM   1166 N N     . THR A 1 146 ? 0.035   1.997   15.816  1.00 31.85 ? 146 THR A N     1 
ATOM   1167 C CA    . THR A 1 146 ? 0.828   1.217   14.859  1.00 30.76 ? 146 THR A CA    1 
ATOM   1168 C C     . THR A 1 146 ? 1.740   2.154   14.047  1.00 28.90 ? 146 THR A C     1 
ATOM   1169 O O     . THR A 1 146 ? 1.377   3.310   13.816  1.00 26.11 ? 146 THR A O     1 
ATOM   1170 C CB    . THR A 1 146 ? -0.080  0.457   13.880  1.00 30.62 ? 146 THR A CB    1 
ATOM   1171 O OG1   . THR A 1 146 ? -1.339  0.185   14.506  1.00 30.07 ? 146 THR A OG1   1 
ATOM   1172 C CG2   . THR A 1 146 ? 0.561   -0.863  13.482  1.00 33.43 ? 146 THR A CG2   1 
ATOM   1173 N N     . PHE A 1 147 ? 2.901   1.657   13.606  1.00 27.06 ? 147 PHE A N     1 
ATOM   1174 C CA    . PHE A 1 147 ? 3.850   2.488   12.857  1.00 27.68 ? 147 PHE A CA    1 
ATOM   1175 C C     . PHE A 1 147 ? 4.456   1.836   11.604  1.00 26.98 ? 147 PHE A C     1 
ATOM   1176 O O     . PHE A 1 147 ? 4.256   0.650   11.344  1.00 23.62 ? 147 PHE A O     1 
ATOM   1177 C CB    . PHE A 1 147 ? 4.987   2.935   13.782  1.00 29.84 ? 147 PHE A CB    1 
ATOM   1178 C CG    . PHE A 1 147 ? 4.518   3.433   15.121  1.00 31.64 ? 147 PHE A CG    1 
ATOM   1179 C CD1   . PHE A 1 147 ? 4.157   2.537   16.123  1.00 31.90 ? 147 PHE A CD1   1 
ATOM   1180 C CD2   . PHE A 1 147 ? 4.415   4.797   15.373  1.00 32.09 ? 147 PHE A CD2   1 
ATOM   1181 C CE1   . PHE A 1 147 ? 3.698   2.994   17.358  1.00 32.45 ? 147 PHE A CE1   1 
ATOM   1182 C CE2   . PHE A 1 147 ? 3.957   5.262   16.601  1.00 31.84 ? 147 PHE A CE2   1 
ATOM   1183 C CZ    . PHE A 1 147 ? 3.598   4.359   17.594  1.00 32.51 ? 147 PHE A CZ    1 
ATOM   1184 N N     . PHE A 1 148 ? 5.201   2.630   10.835  1.00 25.91 ? 148 PHE A N     1 
ATOM   1185 C CA    . PHE A 1 148 ? 5.841   2.141   9.614   1.00 25.73 ? 148 PHE A CA    1 
ATOM   1186 C C     . PHE A 1 148 ? 7.314   1.823   9.876   1.00 25.06 ? 148 PHE A C     1 
ATOM   1187 O O     . PHE A 1 148 ? 7.986   2.547   10.601  1.00 24.64 ? 148 PHE A O     1 
ATOM   1188 C CB    . PHE A 1 148 ? 5.739   3.192   8.506   1.00 23.98 ? 148 PHE A CB    1 
ATOM   1189 C CG    . PHE A 1 148 ? 6.162   2.690   7.154   1.00 22.22 ? 148 PHE A CG    1 
ATOM   1190 C CD1   . PHE A 1 148 ? 5.355   1.816   6.439   1.00 21.85 ? 148 PHE A CD1   1 
ATOM   1191 C CD2   . PHE A 1 148 ? 7.379   3.079   6.606   1.00 23.10 ? 148 PHE A CD2   1 
ATOM   1192 C CE1   . PHE A 1 148 ? 5.750   1.333   5.195   1.00 23.94 ? 148 PHE A CE1   1 
ATOM   1193 C CE2   . PHE A 1 148 ? 7.789   2.605   5.364   1.00 23.60 ? 148 PHE A CE2   1 
ATOM   1194 C CZ    . PHE A 1 148 ? 6.972   1.730   4.655   1.00 25.26 ? 148 PHE A CZ    1 
ATOM   1195 N N     . PRO A 1 149 ? 7.832   0.736   9.278   1.00 26.64 ? 149 PRO A N     1 
ATOM   1196 C CA    . PRO A 1 149 ? 9.236   0.354   9.472   1.00 27.08 ? 149 PRO A CA    1 
ATOM   1197 C C     . PRO A 1 149 ? 10.198  1.458   9.059   1.00 27.91 ? 149 PRO A C     1 
ATOM   1198 O O     . PRO A 1 149 ? 9.873   2.281   8.203   1.00 26.58 ? 149 PRO A O     1 
ATOM   1199 C CB    . PRO A 1 149 ? 9.378   -0.883  8.589   1.00 26.50 ? 149 PRO A CB    1 
ATOM   1200 C CG    . PRO A 1 149 ? 8.023   -1.494  8.645   1.00 26.37 ? 149 PRO A CG    1 
ATOM   1201 C CD    . PRO A 1 149 ? 7.127   -0.277  8.474   1.00 26.26 ? 149 PRO A CD    1 
ATOM   1202 N N     . GLU A 1 150 ? 11.381  1.479   9.661   1.00 29.74 ? 150 GLU A N     1 
ATOM   1203 C CA    . GLU A 1 150 ? 12.354  2.506   9.313   1.00 32.37 ? 150 GLU A CA    1 
ATOM   1204 C C     . GLU A 1 150 ? 12.866  2.283   7.894   1.00 32.04 ? 150 GLU A C     1 
ATOM   1205 O O     . GLU A 1 150 ? 12.932  1.148   7.415   1.00 30.91 ? 150 GLU A O     1 
ATOM   1206 C CB    . GLU A 1 150 ? 13.533  2.507   10.294  1.00 36.62 ? 150 GLU A CB    1 
ATOM   1207 C CG    . GLU A 1 150 ? 14.501  1.343   10.141  1.00 41.64 ? 150 GLU A CG    1 
ATOM   1208 C CD    . GLU A 1 150 ? 15.950  1.806   10.094  1.00 44.65 ? 150 GLU A CD    1 
ATOM   1209 O OE1   . GLU A 1 150 ? 16.845  0.952   9.910   1.00 46.34 ? 150 GLU A OE1   1 
ATOM   1210 O OE2   . GLU A 1 150 ? 16.194  3.026   10.232  1.00 44.98 ? 150 GLU A OE2   1 
ATOM   1211 N N     . ILE A 1 151 ? 13.219  3.373   7.223   1.00 31.40 ? 151 ILE A N     1 
ATOM   1212 C CA    . ILE A 1 151 ? 13.726  3.306   5.862   1.00 31.64 ? 151 ILE A CA    1 
ATOM   1213 C C     . ILE A 1 151 ? 15.230  3.556   5.840   1.00 31.82 ? 151 ILE A C     1 
ATOM   1214 O O     . ILE A 1 151 ? 15.693  4.643   6.184   1.00 32.49 ? 151 ILE A O     1 
ATOM   1215 C CB    . ILE A 1 151 ? 13.038  4.348   4.968   1.00 31.62 ? 151 ILE A CB    1 
ATOM   1216 C CG1   . ILE A 1 151 ? 11.527  4.101   4.966   1.00 31.81 ? 151 ILE A CG1   1 
ATOM   1217 C CG2   . ILE A 1 151 ? 13.600  4.271   3.547   1.00 31.52 ? 151 ILE A CG2   1 
ATOM   1218 C CD1   . ILE A 1 151 ? 10.730  5.200   4.313   1.00 33.83 ? 151 ILE A CD1   1 
ATOM   1219 N N     . ASP A 1 152 ? 15.984  2.540   5.433   1.00 32.00 ? 152 ASP A N     1 
ATOM   1220 C CA    . ASP A 1 152 ? 17.435  2.631   5.364   1.00 31.63 ? 152 ASP A CA    1 
ATOM   1221 C C     . ASP A 1 152 ? 17.851  3.353   4.093   1.00 31.23 ? 152 ASP A C     1 
ATOM   1222 O O     . ASP A 1 152 ? 17.720  2.818   2.986   1.00 30.96 ? 152 ASP A O     1 
ATOM   1223 C CB    . ASP A 1 152 ? 18.049  1.227   5.399   1.00 33.81 ? 152 ASP A CB    1 
ATOM   1224 C CG    . ASP A 1 152 ? 19.571  1.245   5.438   1.00 34.30 ? 152 ASP A CG    1 
ATOM   1225 O OD1   . ASP A 1 152 ? 20.162  0.165   5.644   1.00 38.26 ? 152 ASP A OD1   1 
ATOM   1226 O OD2   . ASP A 1 152 ? 20.178  2.325   5.260   1.00 33.58 ? 152 ASP A OD2   1 
ATOM   1227 N N     . LEU A 1 153 ? 18.350  4.572   4.264   1.00 30.93 ? 153 LEU A N     1 
ATOM   1228 C CA    . LEU A 1 153 ? 18.790  5.409   3.157   1.00 30.78 ? 153 LEU A CA    1 
ATOM   1229 C C     . LEU A 1 153 ? 20.014  4.844   2.427   1.00 30.91 ? 153 LEU A C     1 
ATOM   1230 O O     . LEU A 1 153 ? 20.378  5.316   1.355   1.00 31.27 ? 153 LEU A O     1 
ATOM   1231 C CB    . LEU A 1 153 ? 19.093  6.822   3.667   1.00 31.80 ? 153 LEU A CB    1 
ATOM   1232 C CG    . LEU A 1 153 ? 17.923  7.562   4.328   1.00 33.72 ? 153 LEU A CG    1 
ATOM   1233 C CD1   . LEU A 1 153 ? 18.370  8.960   4.757   1.00 33.94 ? 153 LEU A CD1   1 
ATOM   1234 C CD2   . LEU A 1 153 ? 16.749  7.648   3.359   1.00 32.63 ? 153 LEU A CD2   1 
ATOM   1235 N N     . GLY A 1 154 ? 20.655  3.838   3.009   1.00 29.94 ? 154 GLY A N     1 
ATOM   1236 C CA    . GLY A 1 154 ? 21.812  3.252   2.364   1.00 30.01 ? 154 GLY A CA    1 
ATOM   1237 C C     . GLY A 1 154 ? 21.312  2.173   1.428   1.00 29.91 ? 154 GLY A C     1 
ATOM   1238 O O     . GLY A 1 154 ? 21.977  1.782   0.464   1.00 29.57 ? 154 GLY A O     1 
ATOM   1239 N N     . LYS A 1 155 ? 20.106  1.699   1.718   1.00 28.71 ? 155 LYS A N     1 
ATOM   1240 C CA    . LYS A 1 155 ? 19.480  0.659   0.926   1.00 27.98 ? 155 LYS A CA    1 
ATOM   1241 C C     . LYS A 1 155 ? 18.470  1.267   -0.045  1.00 28.00 ? 155 LYS A C     1 
ATOM   1242 O O     . LYS A 1 155 ? 18.411  0.886   -1.212  1.00 26.98 ? 155 LYS A O     1 
ATOM   1243 C CB    . LYS A 1 155 ? 18.788  -0.356  1.847   1.00 29.41 ? 155 LYS A CB    1 
ATOM   1244 C CG    . LYS A 1 155 ? 17.996  -1.407  1.095   1.00 31.12 ? 155 LYS A CG    1 
ATOM   1245 C CD    . LYS A 1 155 ? 16.977  -2.136  1.979   1.00 32.79 ? 155 LYS A CD    1 
ATOM   1246 C CE    . LYS A 1 155 ? 17.558  -3.361  2.649   1.00 33.55 ? 155 LYS A CE    1 
ATOM   1247 N NZ    . LYS A 1 155 ? 16.521  -4.197  3.351   1.00 32.51 ? 155 LYS A NZ    1 
ATOM   1248 N N     . TYR A 1 156 ? 17.677  2.217   0.441   1.00 26.94 ? 156 TYR A N     1 
ATOM   1249 C CA    . TYR A 1 156 ? 16.681  2.881   -0.388  1.00 26.82 ? 156 TYR A CA    1 
ATOM   1250 C C     . TYR A 1 156 ? 17.159  4.261   -0.811  1.00 26.88 ? 156 TYR A C     1 
ATOM   1251 O O     . TYR A 1 156 ? 17.647  5.028   0.013   1.00 27.20 ? 156 TYR A O     1 
ATOM   1252 C CB    . TYR A 1 156 ? 15.356  3.033   0.372   1.00 26.39 ? 156 TYR A CB    1 
ATOM   1253 C CG    . TYR A 1 156 ? 14.611  1.741   0.597   1.00 25.43 ? 156 TYR A CG    1 
ATOM   1254 C CD1   . TYR A 1 156 ? 14.797  1.001   1.762   1.00 25.76 ? 156 TYR A CD1   1 
ATOM   1255 C CD2   . TYR A 1 156 ? 13.734  1.244   -0.368  1.00 25.16 ? 156 TYR A CD2   1 
ATOM   1256 C CE1   . TYR A 1 156 ? 14.128  -0.203  1.961   1.00 24.92 ? 156 TYR A CE1   1 
ATOM   1257 C CE2   . TYR A 1 156 ? 13.067  0.047   -0.181  1.00 24.49 ? 156 TYR A CE2   1 
ATOM   1258 C CZ    . TYR A 1 156 ? 13.265  -0.674  0.983   1.00 25.00 ? 156 TYR A CZ    1 
ATOM   1259 O OH    . TYR A 1 156 ? 12.611  -1.869  1.161   1.00 24.90 ? 156 TYR A OH    1 
ATOM   1260 N N     . LYS A 1 157 ? 17.022  4.575   -2.097  1.00 27.05 ? 157 LYS A N     1 
ATOM   1261 C CA    . LYS A 1 157 ? 17.418  5.883   -2.605  1.00 28.11 ? 157 LYS A CA    1 
ATOM   1262 C C     . LYS A 1 157 ? 16.159  6.707   -2.849  1.00 26.92 ? 157 LYS A C     1 
ATOM   1263 O O     . LYS A 1 157 ? 15.173  6.208   -3.390  1.00 26.48 ? 157 LYS A O     1 
ATOM   1264 C CB    . LYS A 1 157 ? 18.206  5.752   -3.912  1.00 31.22 ? 157 LYS A CB    1 
ATOM   1265 C CG    . LYS A 1 157 ? 17.419  5.144   -5.061  1.00 36.61 ? 157 LYS A CG    1 
ATOM   1266 C CD    . LYS A 1 157 ? 18.330  4.756   -6.221  1.00 40.74 ? 157 LYS A CD    1 
ATOM   1267 C CE    . LYS A 1 157 ? 17.534  4.081   -7.326  1.00 43.00 ? 157 LYS A CE    1 
ATOM   1268 N NZ    . LYS A 1 157 ? 18.415  3.514   -8.384  1.00 45.41 ? 157 LYS A NZ    1 
ATOM   1269 N N     . LEU A 1 158 ? 16.195  7.964   -2.428  1.00 25.42 ? 158 LEU A N     1 
ATOM   1270 C CA    . LEU A 1 158 ? 15.061  8.857   -2.612  1.00 26.56 ? 158 LEU A CA    1 
ATOM   1271 C C     . LEU A 1 158 ? 15.123  9.356   -4.050  1.00 25.84 ? 158 LEU A C     1 
ATOM   1272 O O     . LEU A 1 158 ? 16.089  10.018  -4.449  1.00 26.08 ? 158 LEU A O     1 
ATOM   1273 C CB    . LEU A 1 158 ? 15.151  10.022  -1.617  1.00 26.86 ? 158 LEU A CB    1 
ATOM   1274 C CG    . LEU A 1 158 ? 13.983  11.006  -1.479  1.00 29.06 ? 158 LEU A CG    1 
ATOM   1275 C CD1   . LEU A 1 158 ? 14.026  12.008  -2.606  1.00 31.63 ? 158 LEU A CD1   1 
ATOM   1276 C CD2   . LEU A 1 158 ? 12.653  10.255  -1.456  1.00 28.42 ? 158 LEU A CD2   1 
ATOM   1277 N N     . LEU A 1 159 ? 14.120  8.999   -4.843  1.00 23.63 ? 159 LEU A N     1 
ATOM   1278 C CA    . LEU A 1 159 ? 14.080  9.416   -6.236  1.00 23.47 ? 159 LEU A CA    1 
ATOM   1279 C C     . LEU A 1 159 ? 13.773  10.897  -6.308  1.00 25.99 ? 159 LEU A C     1 
ATOM   1280 O O     . LEU A 1 159 ? 12.821  11.374  -5.696  1.00 26.74 ? 159 LEU A O     1 
ATOM   1281 C CB    . LEU A 1 159 ? 13.023  8.624   -7.007  1.00 20.56 ? 159 LEU A CB    1 
ATOM   1282 C CG    . LEU A 1 159 ? 13.286  7.117   -7.050  1.00 19.64 ? 159 LEU A CG    1 
ATOM   1283 C CD1   . LEU A 1 159 ? 12.226  6.433   -7.865  1.00 21.29 ? 159 LEU A CD1   1 
ATOM   1284 C CD2   . LEU A 1 159 ? 14.672  6.857   -7.653  1.00 21.50 ? 159 LEU A CD2   1 
ATOM   1285 N N     . PRO A 1 160 ? 14.591  11.652  -7.054  1.00 27.23 ? 160 PRO A N     1 
ATOM   1286 C CA    . PRO A 1 160 ? 14.376  13.095  -7.184  1.00 28.26 ? 160 PRO A CA    1 
ATOM   1287 C C     . PRO A 1 160 ? 13.018  13.415  -7.800  1.00 28.68 ? 160 PRO A C     1 
ATOM   1288 O O     . PRO A 1 160 ? 12.448  14.477  -7.556  1.00 31.34 ? 160 PRO A O     1 
ATOM   1289 C CB    . PRO A 1 160 ? 15.552  13.541  -8.054  1.00 28.54 ? 160 PRO A CB    1 
ATOM   1290 C CG    . PRO A 1 160 ? 15.845  12.324  -8.881  1.00 28.64 ? 160 PRO A CG    1 
ATOM   1291 C CD    . PRO A 1 160 ? 15.726  11.203  -7.878  1.00 27.22 ? 160 PRO A CD    1 
ATOM   1292 N N     . GLU A 1 161 ? 12.492  12.486  -8.586  1.00 28.14 ? 161 GLU A N     1 
ATOM   1293 C CA    . GLU A 1 161 ? 11.198  12.673  -9.225  1.00 28.14 ? 161 GLU A CA    1 
ATOM   1294 C C     . GLU A 1 161 ? 10.701  11.329  -9.743  1.00 26.84 ? 161 GLU A C     1 
ATOM   1295 O O     . GLU A 1 161 ? 11.491  10.410  -9.950  1.00 26.63 ? 161 GLU A O     1 
ATOM   1296 C CB    . GLU A 1 161 ? 11.330  13.678  -10.374 1.00 31.62 ? 161 GLU A CB    1 
ATOM   1297 C CG    . GLU A 1 161 ? 12.370  13.285  -11.407 1.00 36.83 ? 161 GLU A CG    1 
ATOM   1298 C CD    . GLU A 1 161 ? 12.616  14.366  -12.445 1.00 40.37 ? 161 GLU A CD    1 
ATOM   1299 O OE1   . GLU A 1 161 ? 13.299  15.360  -12.118 1.00 43.58 ? 161 GLU A OE1   1 
ATOM   1300 O OE2   . GLU A 1 161 ? 12.125  14.221  -13.588 1.00 42.99 ? 161 GLU A OE2   1 
ATOM   1301 N N     . TYR A 1 162 ? 9.390   11.206  -9.925  1.00 25.12 ? 162 TYR A N     1 
ATOM   1302 C CA    . TYR A 1 162 ? 8.798   9.971   -10.427 1.00 23.92 ? 162 TYR A CA    1 
ATOM   1303 C C     . TYR A 1 162 ? 7.600   10.361  -11.273 1.00 23.84 ? 162 TYR A C     1 
ATOM   1304 O O     . TYR A 1 162 ? 6.830   11.253  -10.901 1.00 22.83 ? 162 TYR A O     1 
ATOM   1305 C CB    . TYR A 1 162 ? 8.333   9.075   -9.274  1.00 21.99 ? 162 TYR A CB    1 
ATOM   1306 C CG    . TYR A 1 162 ? 8.048   7.648   -9.688  1.00 21.57 ? 162 TYR A CG    1 
ATOM   1307 C CD1   . TYR A 1 162 ? 9.087   6.728   -9.837  1.00 22.23 ? 162 TYR A CD1   1 
ATOM   1308 C CD2   . TYR A 1 162 ? 6.745   7.219   -9.949  1.00 20.07 ? 162 TYR A CD2   1 
ATOM   1309 C CE1   . TYR A 1 162 ? 8.839   5.414   -10.231 1.00 21.14 ? 162 TYR A CE1   1 
ATOM   1310 C CE2   . TYR A 1 162 ? 6.486   5.902   -10.347 1.00 21.35 ? 162 TYR A CE2   1 
ATOM   1311 C CZ    . TYR A 1 162 ? 7.538   5.009   -10.482 1.00 21.49 ? 162 TYR A CZ    1 
ATOM   1312 O OH    . TYR A 1 162 ? 7.291   3.711   -10.851 1.00 22.72 ? 162 TYR A OH    1 
ATOM   1313 N N     . PRO A 1 163 ? 7.417   9.696   -12.425 1.00 24.01 ? 163 PRO A N     1 
ATOM   1314 C CA    . PRO A 1 163 ? 6.291   10.006  -13.316 1.00 22.64 ? 163 PRO A CA    1 
ATOM   1315 C C     . PRO A 1 163 ? 4.916   9.919   -12.657 1.00 19.83 ? 163 PRO A C     1 
ATOM   1316 O O     . PRO A 1 163 ? 4.604   8.952   -11.969 1.00 18.57 ? 163 PRO A O     1 
ATOM   1317 C CB    . PRO A 1 163 ? 6.465   9.006   -14.462 1.00 23.29 ? 163 PRO A CB    1 
ATOM   1318 C CG    . PRO A 1 163 ? 7.188   7.864   -13.816 1.00 26.10 ? 163 PRO A CG    1 
ATOM   1319 C CD    . PRO A 1 163 ? 8.188   8.546   -12.927 1.00 24.86 ? 163 PRO A CD    1 
ATOM   1320 N N     . GLY A 1 164 ? 4.113   10.958  -12.871 1.00 17.28 ? 164 GLY A N     1 
ATOM   1321 C CA    . GLY A 1 164 ? 2.773   11.003  -12.315 1.00 17.20 ? 164 GLY A CA    1 
ATOM   1322 C C     . GLY A 1 164 ? 2.700   11.477  -10.873 1.00 16.28 ? 164 GLY A C     1 
ATOM   1323 O O     . GLY A 1 164 ? 1.619   11.644  -10.325 1.00 17.58 ? 164 GLY A O     1 
ATOM   1324 N N     . VAL A 1 165 ? 3.844   11.708  -10.253 1.00 16.69 ? 165 VAL A N     1 
ATOM   1325 C CA    . VAL A 1 165 ? 3.842   12.149  -8.865  1.00 19.12 ? 165 VAL A CA    1 
ATOM   1326 C C     . VAL A 1 165 ? 4.301   13.594  -8.724  1.00 20.12 ? 165 VAL A C     1 
ATOM   1327 O O     . VAL A 1 165 ? 5.380   13.956  -9.188  1.00 19.72 ? 165 VAL A O     1 
ATOM   1328 C CB    . VAL A 1 165 ? 4.732   11.227  -8.008  1.00 16.86 ? 165 VAL A CB    1 
ATOM   1329 C CG1   . VAL A 1 165 ? 4.777   11.725  -6.565  1.00 17.96 ? 165 VAL A CG1   1 
ATOM   1330 C CG2   . VAL A 1 165 ? 4.183   9.798   -8.060  1.00 14.99 ? 165 VAL A CG2   1 
ATOM   1331 N N     . LEU A 1 166 ? 3.463   14.422  -8.102  1.00 20.37 ? 166 LEU A N     1 
ATOM   1332 C CA    . LEU A 1 166 ? 3.813   15.823  -7.887  1.00 21.04 ? 166 LEU A CA    1 
ATOM   1333 C C     . LEU A 1 166 ? 4.596   15.940  -6.595  1.00 21.87 ? 166 LEU A C     1 
ATOM   1334 O O     . LEU A 1 166 ? 4.291   15.262  -5.614  1.00 21.43 ? 166 LEU A O     1 
ATOM   1335 C CB    . LEU A 1 166 ? 2.561   16.698  -7.815  1.00 21.76 ? 166 LEU A CB    1 
ATOM   1336 C CG    . LEU A 1 166 ? 2.056   17.213  -9.163  1.00 22.82 ? 166 LEU A CG    1 
ATOM   1337 C CD1   . LEU A 1 166 ? 1.609   16.040  -10.021 1.00 24.87 ? 166 LEU A CD1   1 
ATOM   1338 C CD2   . LEU A 1 166 ? 0.915   18.176  -8.946  1.00 24.26 ? 166 LEU A CD2   1 
ATOM   1339 N N     . SER A 1 167 ? 5.596   16.810  -6.584  1.00 21.55 ? 167 SER A N     1 
ATOM   1340 C CA    . SER A 1 167 ? 6.414   16.962  -5.399  1.00 23.94 ? 167 SER A CA    1 
ATOM   1341 C C     . SER A 1 167 ? 6.090   18.165  -4.513  1.00 22.81 ? 167 SER A C     1 
ATOM   1342 O O     . SER A 1 167 ? 6.599   18.250  -3.399  1.00 22.94 ? 167 SER A O     1 
ATOM   1343 C CB    . SER A 1 167 ? 7.890   16.989  -5.802  1.00 24.86 ? 167 SER A CB    1 
ATOM   1344 O OG    . SER A 1 167 ? 8.166   18.084  -6.651  1.00 29.95 ? 167 SER A OG    1 
ATOM   1345 N N     . GLU A 1 168 ? 5.243   19.075  -4.984  1.00 22.10 ? 168 GLU A N     1 
ATOM   1346 C CA    . GLU A 1 168 ? 4.897   20.252  -4.183  1.00 23.49 ? 168 GLU A CA    1 
ATOM   1347 C C     . GLU A 1 168 ? 4.165   19.843  -2.906  1.00 22.66 ? 168 GLU A C     1 
ATOM   1348 O O     . GLU A 1 168 ? 3.418   18.867  -2.897  1.00 19.42 ? 168 GLU A O     1 
ATOM   1349 C CB    . GLU A 1 168 ? 3.998   21.214  -4.964  1.00 27.75 ? 168 GLU A CB    1 
ATOM   1350 C CG    . GLU A 1 168 ? 4.490   21.612  -6.353  1.00 32.27 ? 168 GLU A CG    1 
ATOM   1351 C CD    . GLU A 1 168 ? 4.127   20.588  -7.407  1.00 33.80 ? 168 GLU A CD    1 
ATOM   1352 O OE1   . GLU A 1 168 ? 4.845   19.575  -7.524  1.00 37.50 ? 168 GLU A OE1   1 
ATOM   1353 O OE2   . GLU A 1 168 ? 3.114   20.786  -8.110  1.00 37.62 ? 168 GLU A OE2   1 
ATOM   1354 N N     . VAL A 1 169 ? 4.378   20.593  -1.826  1.00 22.51 ? 169 VAL A N     1 
ATOM   1355 C CA    . VAL A 1 169 ? 3.707   20.284  -0.569  1.00 22.34 ? 169 VAL A CA    1 
ATOM   1356 C C     . VAL A 1 169 ? 2.210   20.542  -0.737  1.00 22.58 ? 169 VAL A C     1 
ATOM   1357 O O     . VAL A 1 169 ? 1.815   21.477  -1.430  1.00 21.80 ? 169 VAL A O     1 
ATOM   1358 C CB    . VAL A 1 169 ? 4.237   21.152  0.585   1.00 22.34 ? 169 VAL A CB    1 
ATOM   1359 C CG1   . VAL A 1 169 ? 3.593   20.731  1.890   1.00 22.31 ? 169 VAL A CG1   1 
ATOM   1360 C CG2   . VAL A 1 169 ? 5.756   21.037  0.670   1.00 23.31 ? 169 VAL A CG2   1 
ATOM   1361 N N     . GLN A 1 170 ? 1.386   19.711  -0.110  1.00 20.65 ? 170 GLN A N     1 
ATOM   1362 C CA    . GLN A 1 170 ? -0.064  19.844  -0.206  1.00 22.78 ? 170 GLN A CA    1 
ATOM   1363 C C     . GLN A 1 170 ? -0.655  20.137  1.172   1.00 22.34 ? 170 GLN A C     1 
ATOM   1364 O O     . GLN A 1 170 ? 0.046   20.079  2.178   1.00 20.59 ? 170 GLN A O     1 
ATOM   1365 C CB    . GLN A 1 170 ? -0.666  18.538  -0.736  1.00 25.35 ? 170 GLN A CB    1 
ATOM   1366 C CG    . GLN A 1 170 ? -1.488  18.683  -2.003  1.00 31.89 ? 170 GLN A CG    1 
ATOM   1367 C CD    . GLN A 1 170 ? -0.646  18.827  -3.248  1.00 32.68 ? 170 GLN A CD    1 
ATOM   1368 O OE1   . GLN A 1 170 ? -1.146  19.227  -4.296  1.00 36.77 ? 170 GLN A OE1   1 
ATOM   1369 N NE2   . GLN A 1 170 ? 0.639   18.495  -3.145  1.00 33.90 ? 170 GLN A NE2   1 
ATOM   1370 N N     . GLU A 1 171 ? -1.951  20.440  1.214   1.00 21.91 ? 171 GLU A N     1 
ATOM   1371 C CA    . GLU A 1 171 ? -2.614  20.706  2.489   1.00 22.42 ? 171 GLU A CA    1 
ATOM   1372 C C     . GLU A 1 171 ? -4.126  20.532  2.407   1.00 21.50 ? 171 GLU A C     1 
ATOM   1373 O O     . GLU A 1 171 ? -4.749  20.899  1.415   1.00 22.05 ? 171 GLU A O     1 
ATOM   1374 C CB    . GLU A 1 171 ? -2.296  22.123  2.969   1.00 24.43 ? 171 GLU A CB    1 
ATOM   1375 C CG    . GLU A 1 171 ? -2.880  22.465  4.319   1.00 26.54 ? 171 GLU A CG    1 
ATOM   1376 C CD    . GLU A 1 171 ? -2.705  23.924  4.656   1.00 27.46 ? 171 GLU A CD    1 
ATOM   1377 O OE1   . GLU A 1 171 ? -1.564  24.411  4.575   1.00 29.31 ? 171 GLU A OE1   1 
ATOM   1378 O OE2   . GLU A 1 171 ? -3.710  24.585  4.998   1.00 27.92 ? 171 GLU A OE2   1 
ATOM   1379 N N     . GLU A 1 172 ? -4.708  19.976  3.460   1.00 20.69 ? 172 GLU A N     1 
ATOM   1380 C CA    . GLU A 1 172 ? -6.149  19.747  3.535   1.00 20.37 ? 172 GLU A CA    1 
ATOM   1381 C C     . GLU A 1 172 ? -6.587  19.857  5.009   1.00 19.62 ? 172 GLU A C     1 
ATOM   1382 O O     . GLU A 1 172 ? -5.966  19.277  5.888   1.00 16.92 ? 172 GLU A O     1 
ATOM   1383 C CB    . GLU A 1 172 ? -6.507  18.345  2.999   1.00 19.59 ? 172 GLU A CB    1 
ATOM   1384 C CG    . GLU A 1 172 ? -8.004  18.153  2.774   1.00 18.25 ? 172 GLU A CG    1 
ATOM   1385 C CD    . GLU A 1 172 ? -8.403  16.721  2.433   1.00 20.19 ? 172 GLU A CD    1 
ATOM   1386 O OE1   . GLU A 1 172 ? -7.558  15.949  1.927   1.00 18.63 ? 172 GLU A OE1   1 
ATOM   1387 O OE2   . GLU A 1 172 ? -9.584  16.377  2.661   1.00 18.51 ? 172 GLU A OE2   1 
ATOM   1388 N N     . LYS A 1 173 ? -7.648  20.612  5.273   1.00 21.47 ? 173 LYS A N     1 
ATOM   1389 C CA    . LYS A 1 173 ? -8.149  20.780  6.640   1.00 22.68 ? 173 LYS A CA    1 
ATOM   1390 C C     . LYS A 1 173 ? -7.031  21.190  7.588   1.00 22.02 ? 173 LYS A C     1 
ATOM   1391 O O     . LYS A 1 173 ? -6.956  20.721  8.720   1.00 23.43 ? 173 LYS A O     1 
ATOM   1392 C CB    . LYS A 1 173 ? -8.788  19.478  7.119   1.00 24.31 ? 173 LYS A CB    1 
ATOM   1393 C CG    . LYS A 1 173 ? -9.939  19.062  6.259   1.00 27.25 ? 173 LYS A CG    1 
ATOM   1394 C CD    . LYS A 1 173 ? -10.428 17.669  6.586   1.00 29.22 ? 173 LYS A CD    1 
ATOM   1395 C CE    . LYS A 1 173 ? -11.545 17.282  5.631   1.00 30.01 ? 173 LYS A CE    1 
ATOM   1396 N NZ    . LYS A 1 173 ? -12.057 15.917  5.890   1.00 30.49 ? 173 LYS A NZ    1 
ATOM   1397 N N     . GLY A 1 174 ? -6.150  22.056  7.106   1.00 21.24 ? 174 GLY A N     1 
ATOM   1398 C CA    . GLY A 1 174 ? -5.048  22.529  7.922   1.00 20.30 ? 174 GLY A CA    1 
ATOM   1399 C C     . GLY A 1 174 ? -3.879  21.580  8.115   1.00 20.87 ? 174 GLY A C     1 
ATOM   1400 O O     . GLY A 1 174 ? -2.954  21.894  8.867   1.00 22.19 ? 174 GLY A O     1 
ATOM   1401 N N     . ILE A 1 175 ? -3.911  20.428  7.450   1.00 19.24 ? 175 ILE A N     1 
ATOM   1402 C CA    . ILE A 1 175 ? -2.827  19.458  7.571   1.00 18.81 ? 175 ILE A CA    1 
ATOM   1403 C C     . ILE A 1 175 ? -2.007  19.406  6.276   1.00 17.38 ? 175 ILE A C     1 
ATOM   1404 O O     . ILE A 1 175 ? -2.549  19.135  5.201   1.00 17.62 ? 175 ILE A O     1 
ATOM   1405 C CB    . ILE A 1 175 ? -3.394  18.061  7.911   1.00 19.43 ? 175 ILE A CB    1 
ATOM   1406 C CG1   . ILE A 1 175 ? -4.235  18.166  9.192   1.00 19.52 ? 175 ILE A CG1   1 
ATOM   1407 C CG2   . ILE A 1 175 ? -2.255  17.046  8.068   1.00 20.21 ? 175 ILE A CG2   1 
ATOM   1408 C CD1   . ILE A 1 175 ? -4.907  16.886  9.619   1.00 21.17 ? 175 ILE A CD1   1 
ATOM   1409 N N     . LYS A 1 176 ? -0.708  19.687  6.387   1.00 17.49 ? 176 LYS A N     1 
ATOM   1410 C CA    . LYS A 1 176 ? 0.193   19.687  5.230   1.00 17.89 ? 176 LYS A CA    1 
ATOM   1411 C C     . LYS A 1 176 ? 0.813   18.302  5.017   1.00 18.47 ? 176 LYS A C     1 
ATOM   1412 O O     . LYS A 1 176 ? 1.071   17.582  5.984   1.00 16.31 ? 176 LYS A O     1 
ATOM   1413 C CB    . LYS A 1 176 ? 1.313   20.714  5.429   1.00 19.58 ? 176 LYS A CB    1 
ATOM   1414 C CG    . LYS A 1 176 ? 0.840   22.166  5.585   1.00 20.64 ? 176 LYS A CG    1 
ATOM   1415 C CD    . LYS A 1 176 ? 2.016   23.147  5.642   1.00 20.90 ? 176 LYS A CD    1 
ATOM   1416 C CE    . LYS A 1 176 ? 1.521   24.595  5.712   1.00 21.08 ? 176 LYS A CE    1 
ATOM   1417 N NZ    . LYS A 1 176 ? 0.718   24.850  6.934   1.00 23.62 ? 176 LYS A NZ    1 
ATOM   1418 N N     . TYR A 1 177 ? 1.061   17.944  3.755   1.00 17.93 ? 177 TYR A N     1 
ATOM   1419 C CA    . TYR A 1 177 ? 1.654   16.646  3.439   1.00 17.39 ? 177 TYR A CA    1 
ATOM   1420 C C     . TYR A 1 177 ? 2.277   16.664  2.040   1.00 17.65 ? 177 TYR A C     1 
ATOM   1421 O O     . TYR A 1 177 ? 2.024   17.580  1.259   1.00 17.37 ? 177 TYR A O     1 
ATOM   1422 C CB    . TYR A 1 177 ? 0.585   15.548  3.553   1.00 18.23 ? 177 TYR A CB    1 
ATOM   1423 C CG    . TYR A 1 177 ? -0.623  15.765  2.658   1.00 20.86 ? 177 TYR A CG    1 
ATOM   1424 C CD1   . TYR A 1 177 ? -0.695  15.179  1.390   1.00 19.87 ? 177 TYR A CD1   1 
ATOM   1425 C CD2   . TYR A 1 177 ? -1.675  16.591  3.061   1.00 20.89 ? 177 TYR A CD2   1 
ATOM   1426 C CE1   . TYR A 1 177 ? -1.778  15.413  0.550   1.00 20.85 ? 177 TYR A CE1   1 
ATOM   1427 C CE2   . TYR A 1 177 ? -2.761  16.831  2.228   1.00 21.19 ? 177 TYR A CE2   1 
ATOM   1428 C CZ    . TYR A 1 177 ? -2.809  16.241  0.975   1.00 21.27 ? 177 TYR A CZ    1 
ATOM   1429 O OH    . TYR A 1 177 ? -3.883  16.491  0.150   1.00 22.05 ? 177 TYR A OH    1 
ATOM   1430 N N     . LYS A 1 178 ? 3.109   15.665  1.742   1.00 16.66 ? 178 LYS A N     1 
ATOM   1431 C CA    . LYS A 1 178 ? 3.772   15.566  0.444   1.00 16.57 ? 178 LYS A CA    1 
ATOM   1432 C C     . LYS A 1 178 ? 4.059   14.106  0.077   1.00 17.12 ? 178 LYS A C     1 
ATOM   1433 O O     . LYS A 1 178 ? 4.215   13.243  0.945   1.00 15.18 ? 178 LYS A O     1 
ATOM   1434 C CB    . LYS A 1 178 ? 5.091   16.348  0.447   1.00 17.42 ? 178 LYS A CB    1 
ATOM   1435 C CG    . LYS A 1 178 ? 6.161   15.747  1.331   1.00 17.79 ? 178 LYS A CG    1 
ATOM   1436 C CD    . LYS A 1 178 ? 7.506   16.377  1.067   1.00 21.18 ? 178 LYS A CD    1 
ATOM   1437 C CE    . LYS A 1 178 ? 8.520   15.979  2.134   1.00 24.43 ? 178 LYS A CE    1 
ATOM   1438 N NZ    . LYS A 1 178 ? 9.826   16.661  1.915   1.00 26.88 ? 178 LYS A NZ    1 
ATOM   1439 N N     . PHE A 1 179 ? 4.158   13.855  -1.223  1.00 16.84 ? 179 PHE A N     1 
ATOM   1440 C CA    . PHE A 1 179 ? 4.405   12.513  -1.732  1.00 15.96 ? 179 PHE A CA    1 
ATOM   1441 C C     . PHE A 1 179 ? 5.891   12.288  -2.045  1.00 17.01 ? 179 PHE A C     1 
ATOM   1442 O O     . PHE A 1 179 ? 6.556   13.146  -2.638  1.00 18.16 ? 179 PHE A O     1 
ATOM   1443 C CB    . PHE A 1 179 ? 3.558   12.277  -2.989  1.00 15.05 ? 179 PHE A CB    1 
ATOM   1444 C CG    . PHE A 1 179 ? 2.136   12.790  -2.879  1.00 15.59 ? 179 PHE A CG    1 
ATOM   1445 C CD1   . PHE A 1 179 ? 1.719   13.888  -3.629  1.00 16.15 ? 179 PHE A CD1   1 
ATOM   1446 C CD2   . PHE A 1 179 ? 1.207   12.159  -2.050  1.00 13.84 ? 179 PHE A CD2   1 
ATOM   1447 C CE1   . PHE A 1 179 ? 0.404   14.357  -3.551  1.00 15.90 ? 179 PHE A CE1   1 
ATOM   1448 C CE2   . PHE A 1 179 ? -0.110  12.620  -1.963  1.00 15.32 ? 179 PHE A CE2   1 
ATOM   1449 C CZ    . PHE A 1 179 ? -0.512  13.720  -2.722  1.00 15.41 ? 179 PHE A CZ    1 
ATOM   1450 N N     . GLU A 1 180 ? 6.408   11.137  -1.623  1.00 16.51 ? 180 GLU A N     1 
ATOM   1451 C CA    . GLU A 1 180 ? 7.802   10.782  -1.857  1.00 17.76 ? 180 GLU A CA    1 
ATOM   1452 C C     . GLU A 1 180 ? 7.859   9.373   -2.430  1.00 18.11 ? 180 GLU A C     1 
ATOM   1453 O O     . GLU A 1 180 ? 6.924   8.591   -2.254  1.00 16.70 ? 180 GLU A O     1 
ATOM   1454 C CB    . GLU A 1 180 ? 8.599   10.816  -0.548  1.00 19.49 ? 180 GLU A CB    1 
ATOM   1455 C CG    . GLU A 1 180 ? 8.965   12.200  -0.061  1.00 20.88 ? 180 GLU A CG    1 
ATOM   1456 C CD    . GLU A 1 180 ? 9.723   12.159  1.247   1.00 23.00 ? 180 GLU A CD    1 
ATOM   1457 O OE1   . GLU A 1 180 ? 10.207  13.222  1.681   1.00 24.37 ? 180 GLU A OE1   1 
ATOM   1458 O OE2   . GLU A 1 180 ? 9.831   11.064  1.842   1.00 23.27 ? 180 GLU A OE2   1 
ATOM   1459 N N     . VAL A 1 181 ? 8.954   9.063   -3.124  1.00 17.40 ? 181 VAL A N     1 
ATOM   1460 C CA    . VAL A 1 181 ? 9.132   7.742   -3.708  1.00 17.49 ? 181 VAL A CA    1 
ATOM   1461 C C     . VAL A 1 181 ? 10.585  7.279   -3.580  1.00 17.89 ? 181 VAL A C     1 
ATOM   1462 O O     . VAL A 1 181 ? 11.500  7.916   -4.128  1.00 17.60 ? 181 VAL A O     1 
ATOM   1463 C CB    . VAL A 1 181 ? 8.756   7.711   -5.210  1.00 16.93 ? 181 VAL A CB    1 
ATOM   1464 C CG1   . VAL A 1 181 ? 8.700   6.260   -5.693  1.00 15.71 ? 181 VAL A CG1   1 
ATOM   1465 C CG2   . VAL A 1 181 ? 7.416   8.398   -5.447  1.00 18.27 ? 181 VAL A CG2   1 
ATOM   1466 N N     . TYR A 1 182 ? 10.781  6.169   -2.866  1.00 16.78 ? 182 TYR A N     1 
ATOM   1467 C CA    . TYR A 1 182 ? 12.109  5.571   -2.677  1.00 15.75 ? 182 TYR A CA    1 
ATOM   1468 C C     . TYR A 1 182 ? 12.219  4.299   -3.516  1.00 15.34 ? 182 TYR A C     1 
ATOM   1469 O O     . TYR A 1 182 ? 11.206  3.654   -3.814  1.00 10.68 ? 182 TYR A O     1 
ATOM   1470 C CB    . TYR A 1 182 ? 12.340  5.192   -1.214  1.00 16.38 ? 182 TYR A CB    1 
ATOM   1471 C CG    . TYR A 1 182 ? 12.210  6.336   -0.242  1.00 17.77 ? 182 TYR A CG    1 
ATOM   1472 C CD1   . TYR A 1 182 ? 10.970  6.934   0.012   1.00 15.88 ? 182 TYR A CD1   1 
ATOM   1473 C CD2   . TYR A 1 182 ? 13.333  6.832   0.420   1.00 15.62 ? 182 TYR A CD2   1 
ATOM   1474 C CE1   . TYR A 1 182 ? 10.856  8.000   0.901   1.00 16.48 ? 182 TYR A CE1   1 
ATOM   1475 C CE2   . TYR A 1 182 ? 13.231  7.897   1.307   1.00 17.40 ? 182 TYR A CE2   1 
ATOM   1476 C CZ    . TYR A 1 182 ? 11.993  8.478   1.544   1.00 15.67 ? 182 TYR A CZ    1 
ATOM   1477 O OH    . TYR A 1 182 ? 11.905  9.542   2.411   1.00 17.13 ? 182 TYR A OH    1 
ATOM   1478 N N     . GLU A 1 183 ? 13.450  3.915   -3.863  1.00 17.22 ? 183 GLU A N     1 
ATOM   1479 C CA    . GLU A 1 183 ? 13.658  2.726   -4.683  1.00 20.80 ? 183 GLU A CA    1 
ATOM   1480 C C     . GLU A 1 183 ? 14.842  1.856   -4.262  1.00 23.34 ? 183 GLU A C     1 
ATOM   1481 O O     . GLU A 1 183 ? 15.920  2.349   -3.948  1.00 22.04 ? 183 GLU A O     1 
ATOM   1482 C CB    . GLU A 1 183 ? 13.815  3.141   -6.150  1.00 21.52 ? 183 GLU A CB    1 
ATOM   1483 C CG    . GLU A 1 183 ? 14.253  2.015   -7.077  1.00 22.88 ? 183 GLU A CG    1 
ATOM   1484 C CD    . GLU A 1 183 ? 14.223  2.424   -8.538  1.00 23.61 ? 183 GLU A CD    1 
ATOM   1485 O OE1   . GLU A 1 183 ? 13.162  2.273   -9.173  1.00 22.66 ? 183 GLU A OE1   1 
ATOM   1486 O OE2   . GLU A 1 183 ? 15.259  2.908   -9.049  1.00 25.26 ? 183 GLU A OE2   1 
ATOM   1487 N N     . LYS A 1 184 ? 14.629  0.548   -4.270  1.00 27.24 ? 184 LYS A N     1 
ATOM   1488 C CA    . LYS A 1 184 ? 15.671  -0.395  -3.906  1.00 31.46 ? 184 LYS A CA    1 
ATOM   1489 C C     . LYS A 1 184 ? 15.775  -1.424  -5.026  1.00 34.27 ? 184 LYS A C     1 
ATOM   1490 O O     . LYS A 1 184 ? 14.952  -2.331  -5.123  1.00 32.39 ? 184 LYS A O     1 
ATOM   1491 C CB    . LYS A 1 184 ? 15.317  -1.093  -2.591  1.00 33.22 ? 184 LYS A CB    1 
ATOM   1492 C CG    . LYS A 1 184 ? 16.347  -2.108  -2.122  1.00 33.89 ? 184 LYS A CG    1 
ATOM   1493 C CD    . LYS A 1 184 ? 15.796  -2.977  -1.002  1.00 36.45 ? 184 LYS A CD    1 
ATOM   1494 C CE    . LYS A 1 184 ? 14.745  -3.954  -1.503  1.00 37.57 ? 184 LYS A CE    1 
ATOM   1495 N NZ    . LYS A 1 184 ? 15.309  -4.925  -2.491  1.00 38.76 ? 184 LYS A NZ    1 
ATOM   1496 N N     . LYS A 1 185 ? 16.781  -1.272  -5.879  1.00 38.51 ? 185 LYS A N     1 
ATOM   1497 C CA    . LYS A 1 185 ? 16.977  -2.199  -6.984  1.00 44.76 ? 185 LYS A CA    1 
ATOM   1498 C C     . LYS A 1 185 ? 17.919  -3.309  -6.539  1.00 48.20 ? 185 LYS A C     1 
ATOM   1499 O O     . LYS A 1 185 ? 18.936  -3.040  -5.898  1.00 50.89 ? 185 LYS A O     1 
ATOM   1500 C CB    . LYS A 1 185 ? 17.567  -1.455  -8.190  1.00 46.02 ? 185 LYS A CB    1 
ATOM   1501 C CG    . LYS A 1 185 ? 17.838  -2.323  -9.415  1.00 49.43 ? 185 LYS A CG    1 
ATOM   1502 C CD    . LYS A 1 185 ? 19.248  -2.910  -9.399  1.00 50.77 ? 185 LYS A CD    1 
ATOM   1503 C CE    . LYS A 1 185 ? 19.542  -3.658  -10.689 1.00 51.12 ? 185 LYS A CE    1 
ATOM   1504 N NZ    . LYS A 1 185 ? 20.950  -4.133  -10.736 1.00 52.68 ? 185 LYS A NZ    1 
ATOM   1505 N N     . ASP A 1 186 ? 17.589  -4.554  -6.860  1.00 50.54 ? 186 ASP A N     1 
ATOM   1506 C CA    . ASP A 1 186 ? 18.467  -5.659  -6.483  1.00 53.12 ? 186 ASP A CA    1 
ATOM   1507 C C     . ASP A 1 186 ? 18.440  -6.795  -7.496  1.00 54.23 ? 186 ASP A C     1 
ATOM   1508 O O     . ASP A 1 186 ? 19.465  -6.965  -8.191  1.00 54.58 ? 186 ASP A O     1 
ATOM   1509 C CB    . ASP A 1 186 ? 18.089  -6.182  -5.095  1.00 54.94 ? 186 ASP A CB    1 
ATOM   1510 C CG    . ASP A 1 186 ? 19.000  -7.305  -4.625  1.00 55.74 ? 186 ASP A CG    1 
ATOM   1511 O OD1   . ASP A 1 186 ? 20.224  -7.214  -4.851  1.00 55.58 ? 186 ASP A OD1   1 
ATOM   1512 O OD2   . ASP A 1 186 ? 18.491  -8.273  -4.017  1.00 56.91 ? 186 ASP A OD2   1 
ATOM   1513 O OXT   . ASP A 1 186 ? 17.405  -7.489  -7.601  1.00 54.27 ? 186 ASP A OXT   1 
HETATM 1514 P PA    . NDP B 2 .   ? -2.777  -5.644  9.254   1.00 22.28 ? 187 NDP A PA    1 
HETATM 1515 O O1A   . NDP B 2 .   ? -3.906  -5.399  8.315   1.00 26.61 ? 187 NDP A O1A   1 
HETATM 1516 O O2A   . NDP B 2 .   ? -1.459  -5.999  8.725   1.00 22.45 ? 187 NDP A O2A   1 
HETATM 1517 O O5B   . NDP B 2 .   ? -3.369  -6.875  10.309  1.00 24.31 ? 187 NDP A O5B   1 
HETATM 1518 C C5B   . NDP B 2 .   ? -2.463  -8.042  10.669  1.00 20.18 ? 187 NDP A C5B   1 
HETATM 1519 C C4B   . NDP B 2 .   ? -3.302  -9.295  10.398  1.00 20.16 ? 187 NDP A C4B   1 
HETATM 1520 O O4B   . NDP B 2 .   ? -3.304  -9.525  9.155   1.00 17.26 ? 187 NDP A O4B   1 
HETATM 1521 C C3B   . NDP B 2 .   ? -2.622  -10.589 11.050  1.00 16.80 ? 187 NDP A C3B   1 
HETATM 1522 O O3B   . NDP B 2 .   ? -3.252  -10.543 12.393  1.00 18.25 ? 187 NDP A O3B   1 
HETATM 1523 C C2B   . NDP B 2 .   ? -3.094  -11.585 9.951   1.00 16.62 ? 187 NDP A C2B   1 
HETATM 1524 O O2B   . NDP B 2 .   ? -4.405  -12.026 10.020  1.00 15.65 ? 187 NDP A O2B   1 
HETATM 1525 C C1B   . NDP B 2 .   ? -2.764  -10.816 8.690   1.00 16.72 ? 187 NDP A C1B   1 
HETATM 1526 N N9A   . NDP B 2 .   ? -1.387  -10.883 8.193   1.00 18.31 ? 187 NDP A N9A   1 
HETATM 1527 C C8A   . NDP B 2 .   ? -0.435  -9.860  8.140   1.00 19.80 ? 187 NDP A C8A   1 
HETATM 1528 N N7A   . NDP B 2 .   ? 0.725   -10.247 7.630   1.00 19.30 ? 187 NDP A N7A   1 
HETATM 1529 C C5A   . NDP B 2 .   ? 0.441   -11.624 7.366   1.00 19.30 ? 187 NDP A C5A   1 
HETATM 1530 C C6A   . NDP B 2 .   ? 1.275   -12.806 6.745   1.00 19.50 ? 187 NDP A C6A   1 
HETATM 1531 N N6A   . NDP B 2 .   ? 2.549   -12.516 6.381   1.00 18.26 ? 187 NDP A N6A   1 
HETATM 1532 N N1A   . NDP B 2 .   ? 0.678   -14.082 6.607   1.00 19.83 ? 187 NDP A N1A   1 
HETATM 1533 C C2A   . NDP B 2 .   ? -0.612  -14.206 7.017   1.00 18.55 ? 187 NDP A C2A   1 
HETATM 1534 N N3A   . NDP B 2 .   ? -1.416  -13.274 7.556   1.00 16.68 ? 187 NDP A N3A   1 
HETATM 1535 C C4A   . NDP B 2 .   ? -0.811  -11.981 7.699   1.00 17.08 ? 187 NDP A C4A   1 
HETATM 1536 O O3    . NDP B 2 .   ? -2.709  -4.481  10.247  1.00 30.48 ? 187 NDP A O3    1 
HETATM 1537 P PN    . NDP B 2 .   ? -1.904  -3.897  11.464  1.00 33.50 ? 187 NDP A PN    1 
HETATM 1538 O O1N   . NDP B 2 .   ? -0.517  -4.043  11.214  1.00 33.91 ? 187 NDP A O1N   1 
HETATM 1539 O O2N   . NDP B 2 .   ? -2.311  -4.482  12.766  1.00 36.27 ? 187 NDP A O2N   1 
HETATM 1540 O O5D   . NDP B 2 .   ? -2.429  -2.355  11.546  1.00 36.38 ? 187 NDP A O5D   1 
HETATM 1541 C C5D   . NDP B 2 .   ? -3.618  -2.035  11.485  1.00 35.24 ? 187 NDP A C5D   1 
HETATM 1542 C C4D   . NDP B 2 .   ? -3.658  -0.525  11.614  1.00 34.12 ? 187 NDP A C4D   1 
HETATM 1543 O O4D   . NDP B 2 .   ? -2.910  0.018   10.412  1.00 32.99 ? 187 NDP A O4D   1 
HETATM 1544 C C3D   . NDP B 2 .   ? -5.078  0.168   11.589  1.00 33.88 ? 187 NDP A C3D   1 
HETATM 1545 O O3D   . NDP B 2 .   ? -5.309  1.402   12.322  1.00 34.30 ? 187 NDP A O3D   1 
HETATM 1546 C C2D   . NDP B 2 .   ? -5.155  0.471   10.060  1.00 33.21 ? 187 NDP A C2D   1 
HETATM 1547 O O2D   . NDP B 2 .   ? -6.107  1.437   9.671   1.00 32.72 ? 187 NDP A O2D   1 
HETATM 1548 C C1D   . NDP B 2 .   ? -3.842  0.961   9.785   1.00 31.55 ? 187 NDP A C1D   1 
HETATM 1549 N N1N   . NDP B 2 .   ? -3.399  1.339   8.359   1.00 30.26 ? 187 NDP A N1N   1 
HETATM 1550 C C2N   . NDP B 2 .   ? -2.757  2.683   8.186   1.00 28.97 ? 187 NDP A C2N   1 
HETATM 1551 C C3N   . NDP B 2 .   ? -2.341  2.997   6.889   1.00 27.32 ? 187 NDP A C3N   1 
HETATM 1552 C C7N   . NDP B 2 .   ? -1.659  4.379   6.639   1.00 26.06 ? 187 NDP A C7N   1 
HETATM 1553 O O7N   . NDP B 2 .   ? -1.347  4.493   5.464   1.00 24.03 ? 187 NDP A O7N   1 
HETATM 1554 N N7N   . NDP B 2 .   ? -1.492  5.233   7.664   1.00 25.47 ? 187 NDP A N7N   1 
HETATM 1555 C C4N   . NDP B 2 .   ? -2.539  1.966   5.659   1.00 26.76 ? 187 NDP A C4N   1 
HETATM 1556 C C5N   . NDP B 2 .   ? -3.225  0.643   6.055   1.00 26.86 ? 187 NDP A C5N   1 
HETATM 1557 C C6N   . NDP B 2 .   ? -3.605  0.391   7.327   1.00 28.40 ? 187 NDP A C6N   1 
HETATM 1558 P P2B   . NDP B 2 .   ? -5.327  -12.940 11.136  1.00 16.76 ? 187 NDP A P2B   1 
HETATM 1559 O O1X   . NDP B 2 .   ? -4.492  -14.202 10.842  1.00 15.02 ? 187 NDP A O1X   1 
HETATM 1560 O O2X   . NDP B 2 .   ? -6.641  -13.020 10.548  1.00 13.71 ? 187 NDP A O2X   1 
HETATM 1561 O O3X   . NDP B 2 .   ? -5.031  -12.390 12.448  1.00 14.55 ? 187 NDP A O3X   1 
HETATM 1562 N N4    . DH3 C 3 .   ? -2.295  1.986   1.919   1.00 28.31 ? 188 DH3 A N4    1 
HETATM 1563 C C4    . DH3 C 3 .   ? -2.666  3.357   2.000   1.00 30.05 ? 188 DH3 A C4    1 
HETATM 1564 N N3    . DH3 C 3 .   ? -1.729  4.293   1.613   1.00 27.74 ? 188 DH3 A N3    1 
HETATM 1565 C C2    . DH3 C 3 .   ? -1.982  5.647   1.648   1.00 28.12 ? 188 DH3 A C2    1 
HETATM 1566 N N2    . DH3 C 3 .   ? -0.986  6.532   1.235   1.00 27.25 ? 188 DH3 A N2    1 
HETATM 1567 N N1    . DH3 C 3 .   ? -3.208  6.095   2.088   1.00 28.66 ? 188 DH3 A N1    1 
HETATM 1568 C C6    . DH3 C 3 .   ? -4.189  5.215   2.490   1.00 30.75 ? 188 DH3 A C6    1 
HETATM 1569 C C5    . DH3 C 3 .   ? -3.981  3.782   2.469   1.00 31.09 ? 188 DH3 A C5    1 
HETATM 1570 C C51   . DH3 C 3 .   ? -4.904  2.535   2.860   1.00 35.03 ? 188 DH3 A C51   1 
HETATM 1571 C "C1'" . DH3 C 3 .   ? -6.306  2.963   3.380   1.00 38.38 ? 188 DH3 A "C1'" 1 
HETATM 1572 C "C6'" . DH3 C 3 .   ? -7.362  3.457   2.521   1.00 39.80 ? 188 DH3 A "C6'" 1 
HETATM 1573 C C52   . DH3 C 3 .   ? -8.636  3.831   3.112   1.00 42.28 ? 188 DH3 A C52   1 
HETATM 1574 C C53   . DH3 C 3 .   ? -9.702  4.335   2.215   1.00 43.58 ? 188 DH3 A C53   1 
HETATM 1575 C C54   . DH3 C 3 .   ? -10.312 4.892   1.364   1.00 42.93 ? 188 DH3 A C54   1 
HETATM 1576 C C1    . DH3 C 3 .   ? -10.936 5.325   0.369   1.00 41.88 ? 188 DH3 A C1    1 
HETATM 1577 C C3    . DH3 C 3 .   ? -10.968 5.350   -0.918  1.00 39.49 ? 188 DH3 A C3    1 
HETATM 1578 C C7    . DH3 C 3 .   ? -10.542 4.252   -1.773  1.00 36.76 ? 188 DH3 A C7    1 
HETATM 1579 C C8    . DH3 C 3 .   ? -10.326 3.661   -3.120  1.00 34.68 ? 188 DH3 A C8    1 
HETATM 1580 O O10   . DH3 C 3 .   ? -11.282 3.374   -3.823  1.00 34.27 ? 188 DH3 A O10   1 
HETATM 1581 O O9    . DH3 C 3 .   ? -9.193  3.465   -3.529  1.00 32.68 ? 188 DH3 A O9    1 
HETATM 1582 C "C4'" . DH3 C 3 .   ? -8.868  3.726   4.544   1.00 43.18 ? 188 DH3 A "C4'" 1 
HETATM 1583 O O5    . DH3 C 3 .   ? -10.129 4.106   5.069   1.00 44.61 ? 188 DH3 A O5    1 
HETATM 1584 C "C5'" . DH3 C 3 .   ? -10.444 5.318   5.913   1.00 45.14 ? 188 DH3 A "C5'" 1 
HETATM 1585 C "C3'" . DH3 C 3 .   ? -7.801  3.226   5.396   1.00 42.80 ? 188 DH3 A "C3'" 1 
HETATM 1586 O O4    . DH3 C 3 .   ? -7.982  3.114   6.779   1.00 43.70 ? 188 DH3 A O4    1 
HETATM 1587 C C4B   . DH3 C 3 .   ? -8.897  1.801   7.173   1.00 43.16 ? 188 DH3 A C4B   1 
HETATM 1588 C "C2'" . DH3 C 3 .   ? -6.541  2.858   4.794   1.00 40.38 ? 188 DH3 A "C2'" 1 
HETATM 1589 O O     . HOH D 4 .   ? 1.905   7.684   -0.738  1.00 8.01  ? 190 HOH A O     1 
HETATM 1590 O O     . HOH D 4 .   ? 4.000   8.628   -2.489  1.00 12.93 ? 191 HOH A O     1 
HETATM 1591 O O     . HOH D 4 .   ? -7.235  10.156  5.456   1.00 25.32 ? 192 HOH A O     1 
HETATM 1592 O O     . HOH D 4 .   ? 5.767   12.981  7.920   1.00 18.77 ? 193 HOH A O     1 
HETATM 1593 O O     . HOH D 4 .   ? 6.252   18.450  2.544   1.00 63.53 ? 194 HOH A O     1 
HETATM 1594 O O     . HOH D 4 .   ? 4.136   16.225  -3.073  1.00 23.01 ? 195 HOH A O     1 
HETATM 1595 O O     . HOH D 4 .   ? 10.400  11.346  -4.583  1.00 18.66 ? 196 HOH A O     1 
HETATM 1596 O O     . HOH D 4 .   ? 3.208   6.447   -12.237 1.00 29.80 ? 197 HOH A O     1 
HETATM 1597 O O     . HOH D 4 .   ? 2.726   4.316   -10.621 1.00 24.15 ? 198 HOH A O     1 
HETATM 1598 O O     . HOH D 4 .   ? -0.228  3.860   -11.002 1.00 12.14 ? 199 HOH A O     1 
HETATM 1599 O O     . HOH D 4 .   ? -6.403  1.254   -14.988 1.00 18.47 ? 200 HOH A O     1 
HETATM 1600 O O     . HOH D 4 .   ? -6.497  -1.475  -11.707 1.00 19.82 ? 201 HOH A O     1 
HETATM 1601 O O     . HOH D 4 .   ? -8.637  9.444   -7.364  1.00 11.78 ? 202 HOH A O     1 
HETATM 1602 O O     . HOH D 4 .   ? -3.944  11.992  -7.056  1.00 17.68 ? 203 HOH A O     1 
HETATM 1603 O O     . HOH D 4 .   ? 0.845   13.352  -6.817  1.00 14.20 ? 204 HOH A O     1 
HETATM 1604 O O     . HOH D 4 .   ? -8.953  -14.111 12.356  1.00 30.74 ? 205 HOH A O     1 
HETATM 1605 O O     . HOH D 4 .   ? -5.887  -18.720 6.131   1.00 25.93 ? 206 HOH A O     1 
HETATM 1606 O O     . HOH D 4 .   ? -5.782  -20.608 4.187   1.00 21.52 ? 207 HOH A O     1 
HETATM 1607 O O     . HOH D 4 .   ? -8.451  -21.707 3.557   1.00 27.15 ? 208 HOH A O     1 
HETATM 1608 O O     . HOH D 4 .   ? -4.067  -20.920 1.780   1.00 21.49 ? 209 HOH A O     1 
HETATM 1609 O O     . HOH D 4 .   ? -2.205  -19.332 0.863   1.00 18.01 ? 210 HOH A O     1 
HETATM 1610 O O     . HOH D 4 .   ? -2.228  -19.009 -1.984  1.00 25.75 ? 211 HOH A O     1 
HETATM 1611 O O     . HOH D 4 .   ? -3.497  -21.280 -4.232  1.00 19.84 ? 212 HOH A O     1 
HETATM 1612 O O     . HOH D 4 .   ? -6.011  -18.763 -3.585  1.00 20.86 ? 213 HOH A O     1 
HETATM 1613 O O     . HOH D 4 .   ? -8.622  -17.495 -2.226  1.00 13.98 ? 214 HOH A O     1 
HETATM 1614 O O     . HOH D 4 .   ? -10.261 -16.971 -4.208  1.00 18.82 ? 215 HOH A O     1 
HETATM 1615 O O     . HOH D 4 .   ? -15.827 -8.858  4.110   1.00 17.54 ? 216 HOH A O     1 
HETATM 1616 O O     . HOH D 4 .   ? -14.873 -12.761 6.648   1.00 31.98 ? 217 HOH A O     1 
HETATM 1617 O O     . HOH D 4 .   ? -16.842 -11.383 5.267   1.00 26.09 ? 218 HOH A O     1 
HETATM 1618 O O     . HOH D 4 .   ? -16.341 -7.653  10.640  1.00 29.69 ? 219 HOH A O     1 
HETATM 1619 O O     . HOH D 4 .   ? -13.356 -7.231  12.269  1.00 26.55 ? 220 HOH A O     1 
HETATM 1620 O O     . HOH D 4 .   ? -10.655 -7.247  11.900  1.00 27.60 ? 230 HOH A O     1 
HETATM 1621 O O     . HOH D 4 .   ? 0.963   -6.034  10.772  1.00 39.44 ? 240 HOH A O     1 
HETATM 1622 O O     . HOH D 4 .   ? -2.087  -14.672 12.611  1.00 23.77 ? 250 HOH A O     1 
HETATM 1623 O O     . HOH D 4 .   ? -1.255  -12.710 14.471  1.00 36.94 ? 251 HOH A O     1 
HETATM 1624 O O     . HOH D 4 .   ? -6.713  -16.613 -16.908 1.00 26.21 ? 252 HOH A O     1 
HETATM 1625 O O     . HOH D 4 .   ? 18.538  1.389   -5.842  1.00 43.25 ? 253 HOH A O     1 
HETATM 1626 O O     . HOH D 4 .   ? -19.409 -3.534  0.209   1.00 29.29 ? 254 HOH A O     1 
HETATM 1627 O O     . HOH D 4 .   ? -12.600 3.788   -6.096  1.00 43.30 ? 255 HOH A O     1 
HETATM 1628 O O     . HOH D 4 .   ? -3.271  16.450  -2.374  1.00 20.97 ? 256 HOH A O     1 
HETATM 1629 O O     . HOH D 4 .   ? 4.587   -4.084  -10.034 1.00 18.70 ? 257 HOH A O     1 
HETATM 1630 O O     . HOH D 4 .   ? -15.231 -13.116 -1.522  1.00 28.88 ? 258 HOH A O     1 
HETATM 1631 O O     . HOH D 4 .   ? 5.239   -1.779  -10.764 1.00 31.04 ? 259 HOH A O     1 
HETATM 1632 O O     . HOH D 4 .   ? 2.580   -16.636 7.231   1.00 31.48 ? 260 HOH A O     1 
HETATM 1633 O O     . HOH D 4 .   ? 2.042   8.042   19.203  1.00 31.66 ? 261 HOH A O     1 
HETATM 1634 O O     . HOH D 4 .   ? 12.875  5.860   8.678   1.00 20.54 ? 262 HOH A O     1 
HETATM 1635 O O     . HOH D 4 .   ? -11.613 17.923  0.960   1.00 33.59 ? 263 HOH A O     1 
HETATM 1636 O O     . HOH D 4 .   ? 7.685   15.592  -2.423  1.00 27.92 ? 264 HOH A O     1 
HETATM 1637 O O     . HOH D 4 .   ? 3.647   -1.177  14.358  1.00 35.35 ? 265 HOH A O     1 
HETATM 1638 O O     . HOH D 4 .   ? 0.042   -19.542 -3.749  1.00 23.08 ? 266 HOH A O     1 
HETATM 1639 O O     . HOH D 4 .   ? -24.033 -5.998  4.328   1.00 27.44 ? 267 HOH A O     1 
HETATM 1640 O O     . HOH D 4 .   ? -5.232  18.846  -0.448  1.00 27.73 ? 268 HOH A O     1 
HETATM 1641 O O     . HOH D 4 .   ? -9.923  -4.235  11.576  1.00 24.31 ? 269 HOH A O     1 
HETATM 1642 O O     . HOH D 4 .   ? 16.793  12.592  -3.953  1.00 24.76 ? 270 HOH A O     1 
HETATM 1643 O O     . HOH D 4 .   ? -4.777  2.373   20.976  1.00 30.78 ? 271 HOH A O     1 
HETATM 1644 O O     . HOH D 4 .   ? -11.503 -14.381 -7.847  1.00 44.21 ? 272 HOH A O     1 
HETATM 1645 O O     . HOH D 4 .   ? -9.828  -20.824 11.226  1.00 30.31 ? 273 HOH A O     1 
HETATM 1646 O O     . HOH D 4 .   ? -4.653  -13.522 14.990  1.00 27.41 ? 274 HOH A O     1 
HETATM 1647 O O     . HOH D 4 .   ? -7.783  -8.249  -14.322 1.00 34.77 ? 275 HOH A O     1 
HETATM 1648 O O     . HOH D 4 .   ? -11.769 10.765  -1.385  1.00 22.80 ? 276 HOH A O     1 
HETATM 1649 O O     . HOH D 4 .   ? -16.299 -1.429  -3.628  1.00 35.98 ? 277 HOH A O     1 
HETATM 1650 O O     . HOH D 4 .   ? -15.563 -9.034  -5.285  1.00 34.72 ? 278 HOH A O     1 
HETATM 1651 O O     . HOH D 4 .   ? -2.796  21.844  -1.241  1.00 29.92 ? 279 HOH A O     1 
HETATM 1652 O O     . HOH D 4 .   ? 10.368  -7.422  -6.156  1.00 41.29 ? 280 HOH A O     1 
HETATM 1653 O O     . HOH D 4 .   ? -3.913  6.233   5.498   1.00 42.60 ? 281 HOH A O     1 
HETATM 1654 O O     . HOH D 4 .   ? -11.338 -20.724 0.795   1.00 31.44 ? 282 HOH A O     1 
HETATM 1655 O O     . HOH D 4 .   ? 9.493   11.992  9.696   1.00 48.93 ? 283 HOH A O     1 
HETATM 1656 O O     . HOH D 4 .   ? -19.873 7.865   1.762   1.00 39.92 ? 284 HOH A O     1 
HETATM 1657 O O     . HOH D 4 .   ? 5.931   22.850  -2.386  1.00 30.44 ? 285 HOH A O     1 
HETATM 1658 O O     . HOH D 4 .   ? 15.819  -6.312  1.686   1.00 29.91 ? 286 HOH A O     1 
HETATM 1659 O O     . HOH D 4 .   ? 6.352   -18.475 3.958   1.00 26.71 ? 287 HOH A O     1 
HETATM 1660 O O     . HOH D 4 .   ? -2.524  0.160   -22.855 1.00 31.03 ? 288 HOH A O     1 
HETATM 1661 O O     . HOH D 4 .   ? -4.055  14.365  -3.892  1.00 32.12 ? 289 HOH A O     1 
HETATM 1662 O O     . HOH D 4 .   ? -7.930  12.306  14.936  1.00 33.73 ? 290 HOH A O     1 
HETATM 1663 O O     . HOH D 4 .   ? 5.489   -20.049 0.179   1.00 35.44 ? 291 HOH A O     1 
HETATM 1664 O O     . HOH D 4 .   ? 19.580  -3.532  -3.255  1.00 36.65 ? 292 HOH A O     1 
HETATM 1665 O O     . HOH D 4 .   ? 7.274   10.819  8.458   1.00 25.49 ? 293 HOH A O     1 
HETATM 1666 O O     . HOH D 4 .   ? -9.314  -19.403 -0.214  1.00 21.87 ? 294 HOH A O     1 
HETATM 1667 O O     . HOH D 4 .   ? 3.061   -21.803 2.670   1.00 39.29 ? 295 HOH A O     1 
HETATM 1668 O O     . HOH D 4 .   ? -13.386 -17.942 7.037   1.00 29.94 ? 296 HOH A O     1 
HETATM 1669 O O     . HOH D 4 .   ? 14.579  10.283  2.749   1.00 39.03 ? 297 HOH A O     1 
HETATM 1670 O O     . HOH D 4 .   ? -7.390  -1.194  -14.914 1.00 44.92 ? 298 HOH A O     1 
HETATM 1671 O O     . HOH D 4 .   ? 11.510  2.786   -11.040 1.00 41.03 ? 299 HOH A O     1 
HETATM 1672 O O     . HOH D 4 .   ? 11.629  7.890   7.755   1.00 32.30 ? 300 HOH A O     1 
HETATM 1673 O O     . HOH D 4 .   ? -10.907 2.927   -8.005  1.00 27.53 ? 301 HOH A O     1 
HETATM 1674 O O     . HOH D 4 .   ? -2.982  -2.605  -23.515 1.00 42.55 ? 302 HOH A O     1 
HETATM 1675 O O     . HOH D 4 .   ? 22.741  1.130   5.548   1.00 38.56 ? 303 HOH A O     1 
HETATM 1676 O O     . HOH D 4 .   ? 7.025   -19.061 -1.688  1.00 46.62 ? 304 HOH A O     1 
HETATM 1677 O O     . HOH D 4 .   ? -14.100 -15.133 5.649   1.00 47.02 ? 305 HOH A O     1 
HETATM 1678 O O     . HOH D 4 .   ? -2.839  23.923  10.876  1.00 37.86 ? 306 HOH A O     1 
HETATM 1679 O O     . HOH D 4 .   ? -18.877 -16.181 3.781   1.00 46.10 ? 307 HOH A O     1 
HETATM 1680 O O     . HOH D 4 .   ? -0.419  -7.357  13.286  1.00 39.07 ? 308 HOH A O     1 
HETATM 1681 O O     . HOH D 4 .   ? -4.035  -6.240  -21.697 1.00 27.84 ? 309 HOH A O     1 
HETATM 1682 O O     . HOH D 4 .   ? -5.906  -21.215 -2.845  1.00 37.86 ? 310 HOH A O     1 
HETATM 1683 O O     . HOH D 4 .   ? 3.608   -10.258 7.626   1.00 32.94 ? 311 HOH A O     1 
HETATM 1684 O O     . HOH D 4 .   ? -12.904 -17.076 -3.428  1.00 30.90 ? 312 HOH A O     1 
HETATM 1685 O O     . HOH D 4 .   ? 5.853   -15.598 3.734   1.00 31.64 ? 313 HOH A O     1 
HETATM 1686 O O     . HOH D 4 .   ? -3.098  12.788  17.894  1.00 38.97 ? 314 HOH A O     1 
HETATM 1687 O O     . HOH D 4 .   ? 4.246   -1.854  -14.982 1.00 37.92 ? 315 HOH A O     1 
HETATM 1688 O O     . HOH D 4 .   ? 13.386  -1.487  9.142   1.00 45.15 ? 316 HOH A O     1 
HETATM 1689 O O     . HOH D 4 .   ? -4.184  -17.285 -2.529  1.00 40.81 ? 317 HOH A O     1 
HETATM 1690 O O     . HOH D 4 .   ? 8.358   13.269  -5.251  1.00 43.90 ? 318 HOH A O     1 
HETATM 1691 O O     . HOH D 4 .   ? -4.215  19.281  -2.780  1.00 41.34 ? 319 HOH A O     1 
HETATM 1692 O O     . HOH D 4 .   ? 14.653  -0.435  5.601   1.00 45.32 ? 320 HOH A O     1 
HETATM 1693 O O     . HOH D 4 .   ? -18.769 -5.937  0.406   1.00 37.90 ? 321 HOH A O     1 
HETATM 1694 O O     . HOH D 4 .   ? 0.313   20.460  9.205   1.00 22.92 ? 322 HOH A O     1 
HETATM 1695 O O     . HOH D 4 .   ? 14.760  4.516   -11.342 1.00 30.21 ? 323 HOH A O     1 
HETATM 1696 O O     . HOH D 4 .   ? -11.120 -17.138 -7.835  1.00 33.62 ? 324 HOH A O     1 
HETATM 1697 O O     . HOH D 4 .   ? -4.817  10.146  16.853  1.00 29.53 ? 325 HOH A O     1 
HETATM 1698 O O     . HOH D 4 .   ? 8.314   13.441  -7.895  1.00 41.10 ? 326 HOH A O     1 
HETATM 1699 O O     . HOH D 4 .   ? -7.788  0.197   -24.892 1.00 42.48 ? 327 HOH A O     1 
HETATM 1700 O O     . HOH D 4 .   ? 7.347   15.015  7.922   1.00 40.54 ? 328 HOH A O     1 
HETATM 1701 O O     . HOH D 4 .   ? -17.714 -12.632 -1.974  1.00 44.53 ? 329 HOH A O     1 
HETATM 1702 O O     . HOH D 4 .   ? 5.197   5.247   -14.339 1.00 34.52 ? 330 HOH A O     1 
HETATM 1703 O O     . HOH D 4 .   ? -3.362  -1.715  -25.974 1.00 42.32 ? 331 HOH A O     1 
HETATM 1704 O O     . HOH D 4 .   ? 2.127   -19.918 -6.630  1.00 39.64 ? 332 HOH A O     1 
HETATM 1705 O O     . HOH D 4 .   ? 8.445   13.876  15.496  1.00 39.86 ? 333 HOH A O     1 
HETATM 1706 O O     . HOH D 4 .   ? 6.121   17.974  -9.276  1.00 45.71 ? 334 HOH A O     1 
HETATM 1707 O O     . HOH D 4 .   ? -0.668  26.823  5.664   1.00 42.64 ? 335 HOH A O     1 
HETATM 1708 O O     . HOH D 4 .   ? 21.876  -5.259  -7.430  1.00 46.65 ? 336 HOH A O     1 
HETATM 1709 O O     . HOH D 4 .   ? -11.236 8.321   -3.697  1.00 43.33 ? 337 HOH A O     1 
HETATM 1710 O O     . HOH D 4 .   ? 19.614  -0.626  -3.232  1.00 44.11 ? 338 HOH A O     1 
HETATM 1711 O O     . HOH D 4 .   ? 4.633   -4.069  -12.759 1.00 44.61 ? 339 HOH A O     1 
# 
loop_
_pdbx_poly_seq_scheme.asym_id 
_pdbx_poly_seq_scheme.entity_id 
_pdbx_poly_seq_scheme.seq_id 
_pdbx_poly_seq_scheme.mon_id 
_pdbx_poly_seq_scheme.ndb_seq_num 
_pdbx_poly_seq_scheme.pdb_seq_num 
_pdbx_poly_seq_scheme.auth_seq_num 
_pdbx_poly_seq_scheme.pdb_mon_id 
_pdbx_poly_seq_scheme.auth_mon_id 
_pdbx_poly_seq_scheme.pdb_strand_id 
_pdbx_poly_seq_scheme.pdb_ins_code 
_pdbx_poly_seq_scheme.hetero 
A 1 1   VAL 1   1   1   VAL VAL A . n 
A 1 2   ARG 2   2   2   ARG ARG A . n 
A 1 3   PRO 3   3   3   PRO PRO A . n 
A 1 4   LEU 4   4   4   LEU LEU A . n 
A 1 5   ASN 5   5   5   ASN ASN A . n 
A 1 6   CYS 6   6   6   CYS CYS A . n 
A 1 7   ILE 7   7   7   ILE ILE A . n 
A 1 8   VAL 8   8   8   VAL VAL A . n 
A 1 9   ALA 9   9   9   ALA ALA A . n 
A 1 10  VAL 10  10  10  VAL VAL A . n 
A 1 11  SER 11  11  11  SER SER A . n 
A 1 12  GLN 12  12  12  GLN GLN A . n 
A 1 13  ASN 13  13  13  ASN ASN A . n 
A 1 14  MET 14  14  14  MET MET A . n 
A 1 15  GLY 15  15  15  GLY GLY A . n 
A 1 16  ILE 16  16  16  ILE ILE A . n 
A 1 17  GLY 17  17  17  GLY GLY A . n 
A 1 18  LYS 18  18  18  LYS LYS A . n 
A 1 19  ASN 19  19  19  ASN ASN A . n 
A 1 20  GLY 20  20  20  GLY GLY A . n 
A 1 21  ASP 21  21  21  ASP ASP A . n 
A 1 22  LEU 22  22  22  LEU LEU A . n 
A 1 23  PRO 23  23  23  PRO PRO A . n 
A 1 24  TRP 24  24  24  TRP TRP A . n 
A 1 25  PRO 25  25  25  PRO PRO A . n 
A 1 26  PRO 26  26  26  PRO PRO A . n 
A 1 27  LEU 27  27  27  LEU LEU A . n 
A 1 28  ARG 28  28  28  ARG ARG A . n 
A 1 29  ASN 29  29  29  ASN ASN A . n 
A 1 30  GLU 30  30  30  GLU GLU A . n 
A 1 31  PHE 31  31  31  PHE PHE A . n 
A 1 32  LYS 32  32  32  LYS LYS A . n 
A 1 33  TYR 33  33  33  TYR TYR A . n 
A 1 34  PHE 34  34  34  PHE PHE A . n 
A 1 35  GLN 35  35  35  GLN GLN A . n 
A 1 36  ARG 36  36  36  ARG ARG A . n 
A 1 37  MET 37  37  37  MET MET A . n 
A 1 38  THR 38  38  38  THR THR A . n 
A 1 39  THR 39  39  39  THR THR A . n 
A 1 40  THR 40  40  40  THR THR A . n 
A 1 41  SER 41  41  41  SER SER A . n 
A 1 42  SER 42  42  42  SER SER A . n 
A 1 43  VAL 43  43  43  VAL VAL A . n 
A 1 44  GLU 44  44  44  GLU GLU A . n 
A 1 45  GLY 45  45  45  GLY GLY A . n 
A 1 46  LYS 46  46  46  LYS LYS A . n 
A 1 47  GLN 47  47  47  GLN GLN A . n 
A 1 48  ASN 48  48  48  ASN ASN A . n 
A 1 49  LEU 49  49  49  LEU LEU A . n 
A 1 50  VAL 50  50  50  VAL VAL A . n 
A 1 51  ILE 51  51  51  ILE ILE A . n 
A 1 52  MET 52  52  52  MET MET A . n 
A 1 53  GLY 53  53  53  GLY GLY A . n 
A 1 54  ARG 54  54  54  ARG ARG A . n 
A 1 55  LYS 55  55  55  LYS LYS A . n 
A 1 56  THR 56  56  56  THR THR A . n 
A 1 57  TRP 57  57  57  TRP TRP A . n 
A 1 58  PHE 58  58  58  PHE PHE A . n 
A 1 59  SER 59  59  59  SER SER A . n 
A 1 60  ILE 60  60  60  ILE ILE A . n 
A 1 61  PRO 61  61  61  PRO PRO A . n 
A 1 62  GLU 62  62  62  GLU GLU A . n 
A 1 63  LYS 63  63  63  LYS LYS A . n 
A 1 64  ASN 64  64  64  ASN ASN A . n 
A 1 65  ARG 65  65  65  ARG ARG A . n 
A 1 66  PRO 66  66  66  PRO PRO A . n 
A 1 67  LEU 67  67  67  LEU LEU A . n 
A 1 68  LYS 68  68  68  LYS LYS A . n 
A 1 69  ASP 69  69  69  ASP ASP A . n 
A 1 70  ARG 70  70  70  ARG ARG A . n 
A 1 71  ILE 71  71  71  ILE ILE A . n 
A 1 72  ASN 72  72  72  ASN ASN A . n 
A 1 73  ILE 73  73  73  ILE ILE A . n 
A 1 74  VAL 74  74  74  VAL VAL A . n 
A 1 75  LEU 75  75  75  LEU LEU A . n 
A 1 76  SER 76  76  76  SER SER A . n 
A 1 77  ARG 77  77  77  ARG ARG A . n 
A 1 78  GLU 78  78  78  GLU GLU A . n 
A 1 79  LEU 79  79  79  LEU LEU A . n 
A 1 80  LYS 80  80  80  LYS LYS A . n 
A 1 81  GLU 81  81  81  GLU GLU A . n 
A 1 82  PRO 82  82  82  PRO PRO A . n 
A 1 83  PRO 83  83  83  PRO PRO A . n 
A 1 84  ARG 84  84  84  ARG ARG A . n 
A 1 85  GLY 85  85  85  GLY GLY A . n 
A 1 86  ALA 86  86  86  ALA ALA A . n 
A 1 87  HIS 87  87  87  HIS HIS A . n 
A 1 88  PHE 88  88  88  PHE PHE A . n 
A 1 89  LEU 89  89  89  LEU LEU A . n 
A 1 90  ALA 90  90  90  ALA ALA A . n 
A 1 91  LYS 91  91  91  LYS LYS A . n 
A 1 92  SER 92  92  92  SER SER A . n 
A 1 93  LEU 93  93  93  LEU LEU A . n 
A 1 94  ASP 94  94  94  ASP ASP A . n 
A 1 95  ASP 95  95  95  ASP ASP A . n 
A 1 96  ALA 96  96  96  ALA ALA A . n 
A 1 97  LEU 97  97  97  LEU LEU A . n 
A 1 98  ARG 98  98  98  ARG ARG A . n 
A 1 99  LEU 99  99  99  LEU LEU A . n 
A 1 100 ILE 100 100 100 ILE ILE A . n 
A 1 101 GLU 101 101 101 GLU GLU A . n 
A 1 102 GLN 102 102 102 GLN GLN A . n 
A 1 103 PRO 103 103 103 PRO PRO A . n 
A 1 104 GLU 104 104 104 GLU GLU A . n 
A 1 105 LEU 105 105 105 LEU LEU A . n 
A 1 106 ALA 106 106 106 ALA ALA A . n 
A 1 107 SER 107 107 107 SER SER A . n 
A 1 108 LYS 108 108 108 LYS LYS A . n 
A 1 109 VAL 109 109 109 VAL VAL A . n 
A 1 110 ASP 110 110 110 ASP ASP A . n 
A 1 111 MET 111 111 111 MET MET A . n 
A 1 112 VAL 112 112 112 VAL VAL A . n 
A 1 113 TRP 113 113 113 TRP TRP A . n 
A 1 114 ILE 114 114 114 ILE ILE A . n 
A 1 115 VAL 115 115 115 VAL VAL A . n 
A 1 116 GLY 116 116 116 GLY GLY A . n 
A 1 117 GLY 117 117 117 GLY GLY A . n 
A 1 118 SER 118 118 118 SER SER A . n 
A 1 119 SER 119 119 119 SER SER A . n 
A 1 120 VAL 120 120 120 VAL VAL A . n 
A 1 121 TYR 121 121 121 TYR TYR A . n 
A 1 122 GLN 122 122 122 GLN GLN A . n 
A 1 123 GLU 123 123 123 GLU GLU A . n 
A 1 124 ALA 124 124 124 ALA ALA A . n 
A 1 125 MET 125 125 125 MET MET A . n 
A 1 126 ASN 126 126 126 ASN ASN A . n 
A 1 127 GLN 127 127 127 GLN GLN A . n 
A 1 128 PRO 128 128 128 PRO PRO A . n 
A 1 129 GLY 129 129 129 GLY GLY A . n 
A 1 130 HIS 130 130 130 HIS HIS A . n 
A 1 131 LEU 131 131 131 LEU LEU A . n 
A 1 132 ARG 132 132 132 ARG ARG A . n 
A 1 133 LEU 133 133 133 LEU LEU A . n 
A 1 134 PHE 134 134 134 PHE PHE A . n 
A 1 135 VAL 135 135 135 VAL VAL A . n 
A 1 136 THR 136 136 136 THR THR A . n 
A 1 137 ARG 137 137 137 ARG ARG A . n 
A 1 138 ILE 138 138 138 ILE ILE A . n 
A 1 139 MET 139 139 139 MET MET A . n 
A 1 140 GLN 140 140 140 GLN GLN A . n 
A 1 141 GLU 141 141 141 GLU GLU A . n 
A 1 142 PHE 142 142 142 PHE PHE A . n 
A 1 143 GLU 143 143 143 GLU GLU A . n 
A 1 144 SER 144 144 144 SER SER A . n 
A 1 145 ASP 145 145 145 ASP ASP A . n 
A 1 146 THR 146 146 146 THR THR A . n 
A 1 147 PHE 147 147 147 PHE PHE A . n 
A 1 148 PHE 148 148 148 PHE PHE A . n 
A 1 149 PRO 149 149 149 PRO PRO A . n 
A 1 150 GLU 150 150 150 GLU GLU A . n 
A 1 151 ILE 151 151 151 ILE ILE A . n 
A 1 152 ASP 152 152 152 ASP ASP A . n 
A 1 153 LEU 153 153 153 LEU LEU A . n 
A 1 154 GLY 154 154 154 GLY GLY A . n 
A 1 155 LYS 155 155 155 LYS LYS A . n 
A 1 156 TYR 156 156 156 TYR TYR A . n 
A 1 157 LYS 157 157 157 LYS LYS A . n 
A 1 158 LEU 158 158 158 LEU LEU A . n 
A 1 159 LEU 159 159 159 LEU LEU A . n 
A 1 160 PRO 160 160 160 PRO PRO A . n 
A 1 161 GLU 161 161 161 GLU GLU A . n 
A 1 162 TYR 162 162 162 TYR TYR A . n 
A 1 163 PRO 163 163 163 PRO PRO A . n 
A 1 164 GLY 164 164 164 GLY GLY A . n 
A 1 165 VAL 165 165 165 VAL VAL A . n 
A 1 166 LEU 166 166 166 LEU LEU A . n 
A 1 167 SER 167 167 167 SER SER A . n 
A 1 168 GLU 168 168 168 GLU GLU A . n 
A 1 169 VAL 169 169 169 VAL VAL A . n 
A 1 170 GLN 170 170 170 GLN GLN A . n 
A 1 171 GLU 171 171 171 GLU GLU A . n 
A 1 172 GLU 172 172 172 GLU GLU A . n 
A 1 173 LYS 173 173 173 LYS LYS A . n 
A 1 174 GLY 174 174 174 GLY GLY A . n 
A 1 175 ILE 175 175 175 ILE ILE A . n 
A 1 176 LYS 176 176 176 LYS LYS A . n 
A 1 177 TYR 177 177 177 TYR TYR A . n 
A 1 178 LYS 178 178 178 LYS LYS A . n 
A 1 179 PHE 179 179 179 PHE PHE A . n 
A 1 180 GLU 180 180 180 GLU GLU A . n 
A 1 181 VAL 181 181 181 VAL VAL A . n 
A 1 182 TYR 182 182 182 TYR TYR A . n 
A 1 183 GLU 183 183 183 GLU GLU A . n 
A 1 184 LYS 184 184 184 LYS LYS A . n 
A 1 185 LYS 185 185 185 LYS LYS A . n 
A 1 186 ASP 186 186 186 ASP ASP A . n 
# 
loop_
_pdbx_nonpoly_scheme.asym_id 
_pdbx_nonpoly_scheme.entity_id 
_pdbx_nonpoly_scheme.mon_id 
_pdbx_nonpoly_scheme.ndb_seq_num 
_pdbx_nonpoly_scheme.pdb_seq_num 
_pdbx_nonpoly_scheme.auth_seq_num 
_pdbx_nonpoly_scheme.pdb_mon_id 
_pdbx_nonpoly_scheme.auth_mon_id 
_pdbx_nonpoly_scheme.pdb_strand_id 
_pdbx_nonpoly_scheme.pdb_ins_code 
B 2 NDP 1   187 187 NDP NAP A . 
C 3 DH3 1   188 188 DH3 DH3 A . 
D 4 HOH 1   190 190 HOH HOH A . 
D 4 HOH 2   191 191 HOH HOH A . 
D 4 HOH 3   192 192 HOH HOH A . 
D 4 HOH 4   193 193 HOH HOH A . 
D 4 HOH 5   194 194 HOH HOH A . 
D 4 HOH 6   195 195 HOH HOH A . 
D 4 HOH 7   196 196 HOH HOH A . 
D 4 HOH 8   197 197 HOH HOH A . 
D 4 HOH 9   198 198 HOH HOH A . 
D 4 HOH 10  199 199 HOH HOH A . 
D 4 HOH 11  200 200 HOH HOH A . 
D 4 HOH 12  201 201 HOH HOH A . 
D 4 HOH 13  202 202 HOH HOH A . 
D 4 HOH 14  203 203 HOH HOH A . 
D 4 HOH 15  204 204 HOH HOH A . 
D 4 HOH 16  205 205 HOH HOH A . 
D 4 HOH 17  206 206 HOH HOH A . 
D 4 HOH 18  207 207 HOH HOH A . 
D 4 HOH 19  208 208 HOH HOH A . 
D 4 HOH 20  209 209 HOH HOH A . 
D 4 HOH 21  210 210 HOH HOH A . 
D 4 HOH 22  211 211 HOH HOH A . 
D 4 HOH 23  212 212 HOH HOH A . 
D 4 HOH 24  213 213 HOH HOH A . 
D 4 HOH 25  214 214 HOH HOH A . 
D 4 HOH 26  215 215 HOH HOH A . 
D 4 HOH 27  216 216 HOH HOH A . 
D 4 HOH 28  217 217 HOH HOH A . 
D 4 HOH 29  218 218 HOH HOH A . 
D 4 HOH 30  219 219 HOH HOH A . 
D 4 HOH 31  220 220 HOH HOH A . 
D 4 HOH 32  230 230 HOH HOH A . 
D 4 HOH 33  240 240 HOH HOH A . 
D 4 HOH 34  250 250 HOH HOH A . 
D 4 HOH 35  251 251 HOH HOH A . 
D 4 HOH 36  252 252 HOH HOH A . 
D 4 HOH 37  253 253 HOH HOH A . 
D 4 HOH 38  254 254 HOH HOH A . 
D 4 HOH 39  255 255 HOH HOH A . 
D 4 HOH 40  256 256 HOH HOH A . 
D 4 HOH 41  257 257 HOH HOH A . 
D 4 HOH 42  258 258 HOH HOH A . 
D 4 HOH 43  259 259 HOH HOH A . 
D 4 HOH 44  260 260 HOH HOH A . 
D 4 HOH 45  261 261 HOH HOH A . 
D 4 HOH 46  262 262 HOH HOH A . 
D 4 HOH 47  263 263 HOH HOH A . 
D 4 HOH 48  264 264 HOH HOH A . 
D 4 HOH 49  265 265 HOH HOH A . 
D 4 HOH 50  266 266 HOH HOH A . 
D 4 HOH 51  267 267 HOH HOH A . 
D 4 HOH 52  268 268 HOH HOH A . 
D 4 HOH 53  269 269 HOH HOH A . 
D 4 HOH 54  270 270 HOH HOH A . 
D 4 HOH 55  271 271 HOH HOH A . 
D 4 HOH 56  272 272 HOH HOH A . 
D 4 HOH 57  273 273 HOH HOH A . 
D 4 HOH 58  274 274 HOH HOH A . 
D 4 HOH 59  275 275 HOH HOH A . 
D 4 HOH 60  276 276 HOH HOH A . 
D 4 HOH 61  277 277 HOH HOH A . 
D 4 HOH 62  278 278 HOH HOH A . 
D 4 HOH 63  279 279 HOH HOH A . 
D 4 HOH 64  280 280 HOH HOH A . 
D 4 HOH 65  281 281 HOH HOH A . 
D 4 HOH 66  282 282 HOH HOH A . 
D 4 HOH 67  283 283 HOH HOH A . 
D 4 HOH 68  284 284 HOH HOH A . 
D 4 HOH 69  285 285 HOH HOH A . 
D 4 HOH 70  286 286 HOH HOH A . 
D 4 HOH 71  287 287 HOH HOH A . 
D 4 HOH 72  288 288 HOH HOH A . 
D 4 HOH 73  289 289 HOH HOH A . 
D 4 HOH 74  290 290 HOH HOH A . 
D 4 HOH 75  291 291 HOH HOH A . 
D 4 HOH 76  292 292 HOH HOH A . 
D 4 HOH 77  293 293 HOH HOH A . 
D 4 HOH 78  294 294 HOH HOH A . 
D 4 HOH 79  295 295 HOH HOH A . 
D 4 HOH 80  296 296 HOH HOH A . 
D 4 HOH 81  297 297 HOH HOH A . 
D 4 HOH 82  298 298 HOH HOH A . 
D 4 HOH 83  299 299 HOH HOH A . 
D 4 HOH 84  300 300 HOH HOH A . 
D 4 HOH 85  301 301 HOH HOH A . 
D 4 HOH 86  302 302 HOH HOH A . 
D 4 HOH 87  303 303 HOH HOH A . 
D 4 HOH 88  304 304 HOH HOH A . 
D 4 HOH 89  305 305 HOH HOH A . 
D 4 HOH 90  306 306 HOH HOH A . 
D 4 HOH 91  307 307 HOH HOH A . 
D 4 HOH 92  308 308 HOH HOH A . 
D 4 HOH 93  309 309 HOH HOH A . 
D 4 HOH 94  310 310 HOH HOH A . 
D 4 HOH 95  311 311 HOH HOH A . 
D 4 HOH 96  312 312 HOH HOH A . 
D 4 HOH 97  313 313 HOH HOH A . 
D 4 HOH 98  314 314 HOH HOH A . 
D 4 HOH 99  315 315 HOH HOH A . 
D 4 HOH 100 316 316 HOH HOH A . 
D 4 HOH 101 317 317 HOH HOH A . 
D 4 HOH 102 318 318 HOH HOH A . 
D 4 HOH 103 319 319 HOH HOH A . 
D 4 HOH 104 320 320 HOH HOH A . 
D 4 HOH 105 321 321 HOH HOH A . 
D 4 HOH 106 322 322 HOH HOH A . 
D 4 HOH 107 323 323 HOH HOH A . 
D 4 HOH 108 324 324 HOH HOH A . 
D 4 HOH 109 325 325 HOH HOH A . 
D 4 HOH 110 326 326 HOH HOH A . 
D 4 HOH 111 327 327 HOH HOH A . 
D 4 HOH 112 328 328 HOH HOH A . 
D 4 HOH 113 329 329 HOH HOH A . 
D 4 HOH 114 330 330 HOH HOH A . 
D 4 HOH 115 331 331 HOH HOH A . 
D 4 HOH 116 332 332 HOH HOH A . 
D 4 HOH 117 333 333 HOH HOH A . 
D 4 HOH 118 334 334 HOH HOH A . 
D 4 HOH 119 335 335 HOH HOH A . 
D 4 HOH 120 336 336 HOH HOH A . 
D 4 HOH 121 337 337 HOH HOH A . 
D 4 HOH 122 338 338 HOH HOH A . 
D 4 HOH 123 339 339 HOH HOH A . 
# 
_pdbx_struct_assembly.id                   1 
_pdbx_struct_assembly.details              author_defined_assembly 
_pdbx_struct_assembly.method_details       ? 
_pdbx_struct_assembly.oligomeric_details   monomeric 
_pdbx_struct_assembly.oligomeric_count     1 
# 
_pdbx_struct_assembly_gen.assembly_id       1 
_pdbx_struct_assembly_gen.oper_expression   1 
_pdbx_struct_assembly_gen.asym_id_list      A,B,C,D 
# 
_pdbx_struct_oper_list.id                   1 
_pdbx_struct_oper_list.type                 'identity operation' 
_pdbx_struct_oper_list.name                 1_555 
_pdbx_struct_oper_list.symmetry_operation   x,y,z 
_pdbx_struct_oper_list.matrix[1][1]         1.0000000000 
_pdbx_struct_oper_list.matrix[1][2]         0.0000000000 
_pdbx_struct_oper_list.matrix[1][3]         0.0000000000 
_pdbx_struct_oper_list.vector[1]            0.0000000000 
_pdbx_struct_oper_list.matrix[2][1]         0.0000000000 
_pdbx_struct_oper_list.matrix[2][2]         1.0000000000 
_pdbx_struct_oper_list.matrix[2][3]         0.0000000000 
_pdbx_struct_oper_list.vector[2]            0.0000000000 
_pdbx_struct_oper_list.matrix[3][1]         0.0000000000 
_pdbx_struct_oper_list.matrix[3][2]         0.0000000000 
_pdbx_struct_oper_list.matrix[3][3]         1.0000000000 
_pdbx_struct_oper_list.vector[3]            0.0000000000 
# 
loop_
_pdbx_audit_revision_history.ordinal 
_pdbx_audit_revision_history.data_content_type 
_pdbx_audit_revision_history.major_revision 
_pdbx_audit_revision_history.minor_revision 
_pdbx_audit_revision_history.revision_date 
1 'Structure model' 1 0 2006-12-26 
2 'Structure model' 1 1 2008-05-01 
3 'Structure model' 1 2 2011-07-13 
4 'Structure model' 1 3 2023-08-30 
# 
_pdbx_audit_revision_details.ordinal             1 
_pdbx_audit_revision_details.revision_ordinal    1 
_pdbx_audit_revision_details.data_content_type   'Structure model' 
_pdbx_audit_revision_details.provider            repository 
_pdbx_audit_revision_details.type                'Initial release' 
_pdbx_audit_revision_details.description         ? 
_pdbx_audit_revision_details.details             ? 
# 
loop_
_pdbx_audit_revision_group.ordinal 
_pdbx_audit_revision_group.revision_ordinal 
_pdbx_audit_revision_group.data_content_type 
_pdbx_audit_revision_group.group 
1 2 'Structure model' 'Version format compliance' 
2 3 'Structure model' 'Version format compliance' 
3 4 'Structure model' 'Data collection'           
4 4 'Structure model' 'Database references'       
5 4 'Structure model' 'Derived calculations'      
6 4 'Structure model' 'Refinement description'    
# 
loop_
_pdbx_audit_revision_category.ordinal 
_pdbx_audit_revision_category.revision_ordinal 
_pdbx_audit_revision_category.data_content_type 
_pdbx_audit_revision_category.category 
1 4 'Structure model' chem_comp_atom                
2 4 'Structure model' chem_comp_bond                
3 4 'Structure model' database_2                    
4 4 'Structure model' pdbx_initial_refinement_model 
5 4 'Structure model' struct_site                   
# 
loop_
_pdbx_audit_revision_item.ordinal 
_pdbx_audit_revision_item.revision_ordinal 
_pdbx_audit_revision_item.data_content_type 
_pdbx_audit_revision_item.item 
1 4 'Structure model' '_database_2.pdbx_DOI'                
2 4 'Structure model' '_database_2.pdbx_database_accession' 
3 4 'Structure model' '_struct_site.pdbx_auth_asym_id'      
4 4 'Structure model' '_struct_site.pdbx_auth_comp_id'      
5 4 'Structure model' '_struct_site.pdbx_auth_seq_id'       
# 
loop_
_software.name 
_software.classification 
_software.version 
_software.citation_id 
_software.pdbx_ordinal 
DENZO     'data reduction' . ? 1 
SCALEPACK 'data scaling'   . ? 2 
CNS       refinement       . ? 3 
CNS       phasing          . ? 4 
# 
loop_
_pdbx_validate_torsion.id 
_pdbx_validate_torsion.PDB_model_num 
_pdbx_validate_torsion.auth_comp_id 
_pdbx_validate_torsion.auth_asym_id 
_pdbx_validate_torsion.auth_seq_id 
_pdbx_validate_torsion.PDB_ins_code 
_pdbx_validate_torsion.label_alt_id 
_pdbx_validate_torsion.phi 
_pdbx_validate_torsion.psi 
1 1 ASN A 13  ? ? -85.02  31.44  
2 1 ASN A 19  ? ? 48.44   28.43  
3 1 ASP A 110 ? ? -111.75 -93.57 
4 1 PRO A 128 ? ? -59.94  170.43 
5 1 MET A 139 ? ? -69.71  53.64  
# 
loop_
_chem_comp_atom.comp_id 
_chem_comp_atom.atom_id 
_chem_comp_atom.type_symbol 
_chem_comp_atom.pdbx_aromatic_flag 
_chem_comp_atom.pdbx_stereo_config 
_chem_comp_atom.pdbx_ordinal 
ALA N      N N N 1   
ALA CA     C N S 2   
ALA C      C N N 3   
ALA O      O N N 4   
ALA CB     C N N 5   
ALA OXT    O N N 6   
ALA H      H N N 7   
ALA H2     H N N 8   
ALA HA     H N N 9   
ALA HB1    H N N 10  
ALA HB2    H N N 11  
ALA HB3    H N N 12  
ALA HXT    H N N 13  
ARG N      N N N 14  
ARG CA     C N S 15  
ARG C      C N N 16  
ARG O      O N N 17  
ARG CB     C N N 18  
ARG CG     C N N 19  
ARG CD     C N N 20  
ARG NE     N N N 21  
ARG CZ     C N N 22  
ARG NH1    N N N 23  
ARG NH2    N N N 24  
ARG OXT    O N N 25  
ARG H      H N N 26  
ARG H2     H N N 27  
ARG HA     H N N 28  
ARG HB2    H N N 29  
ARG HB3    H N N 30  
ARG HG2    H N N 31  
ARG HG3    H N N 32  
ARG HD2    H N N 33  
ARG HD3    H N N 34  
ARG HE     H N N 35  
ARG HH11   H N N 36  
ARG HH12   H N N 37  
ARG HH21   H N N 38  
ARG HH22   H N N 39  
ARG HXT    H N N 40  
ASN N      N N N 41  
ASN CA     C N S 42  
ASN C      C N N 43  
ASN O      O N N 44  
ASN CB     C N N 45  
ASN CG     C N N 46  
ASN OD1    O N N 47  
ASN ND2    N N N 48  
ASN OXT    O N N 49  
ASN H      H N N 50  
ASN H2     H N N 51  
ASN HA     H N N 52  
ASN HB2    H N N 53  
ASN HB3    H N N 54  
ASN HD21   H N N 55  
ASN HD22   H N N 56  
ASN HXT    H N N 57  
ASP N      N N N 58  
ASP CA     C N S 59  
ASP C      C N N 60  
ASP O      O N N 61  
ASP CB     C N N 62  
ASP CG     C N N 63  
ASP OD1    O N N 64  
ASP OD2    O N N 65  
ASP OXT    O N N 66  
ASP H      H N N 67  
ASP H2     H N N 68  
ASP HA     H N N 69  
ASP HB2    H N N 70  
ASP HB3    H N N 71  
ASP HD2    H N N 72  
ASP HXT    H N N 73  
CYS N      N N N 74  
CYS CA     C N R 75  
CYS C      C N N 76  
CYS O      O N N 77  
CYS CB     C N N 78  
CYS SG     S N N 79  
CYS OXT    O N N 80  
CYS H      H N N 81  
CYS H2     H N N 82  
CYS HA     H N N 83  
CYS HB2    H N N 84  
CYS HB3    H N N 85  
CYS HG     H N N 86  
CYS HXT    H N N 87  
DH3 N4     N N N 88  
DH3 C4     C Y N 89  
DH3 N3     N Y N 90  
DH3 C2     C Y N 91  
DH3 N2     N N N 92  
DH3 N1     N Y N 93  
DH3 C6     C Y N 94  
DH3 C5     C Y N 95  
DH3 C51    C N N 96  
DH3 "C1'"  C Y N 97  
DH3 "C6'"  C Y N 98  
DH3 C52    C Y N 99  
DH3 C53    C N N 100 
DH3 C54    C N N 101 
DH3 C1     C N N 102 
DH3 C3     C N N 103 
DH3 C7     C N N 104 
DH3 C8     C N N 105 
DH3 O10    O N N 106 
DH3 O9     O N N 107 
DH3 "C4'"  C Y N 108 
DH3 O5     O N N 109 
DH3 "C5'"  C N N 110 
DH3 "C3'"  C Y N 111 
DH3 O4     O N N 112 
DH3 C4B    C N N 113 
DH3 "C2'"  C Y N 114 
DH3 HN41   H N N 115 
DH3 HN42   H N N 116 
DH3 HN21   H N N 117 
DH3 HN22   H N N 118 
DH3 H6     H N N 119 
DH3 H511   H N N 120 
DH3 H512   H N N 121 
DH3 "H6'"  H N N 122 
DH3 H11    H N N 123 
DH3 H12    H N N 124 
DH3 H31    H N N 125 
DH3 H32    H N N 126 
DH3 H71    H N N 127 
DH3 H72    H N N 128 
DH3 HO9    H N N 129 
DH3 "H5'1" H N N 130 
DH3 "H5'2" H N N 131 
DH3 "H5'3" H N N 132 
DH3 "H4'1" H N N 133 
DH3 "H4'2" H N N 134 
DH3 "H4'3" H N N 135 
DH3 "H2'"  H N N 136 
GLN N      N N N 137 
GLN CA     C N S 138 
GLN C      C N N 139 
GLN O      O N N 140 
GLN CB     C N N 141 
GLN CG     C N N 142 
GLN CD     C N N 143 
GLN OE1    O N N 144 
GLN NE2    N N N 145 
GLN OXT    O N N 146 
GLN H      H N N 147 
GLN H2     H N N 148 
GLN HA     H N N 149 
GLN HB2    H N N 150 
GLN HB3    H N N 151 
GLN HG2    H N N 152 
GLN HG3    H N N 153 
GLN HE21   H N N 154 
GLN HE22   H N N 155 
GLN HXT    H N N 156 
GLU N      N N N 157 
GLU CA     C N S 158 
GLU C      C N N 159 
GLU O      O N N 160 
GLU CB     C N N 161 
GLU CG     C N N 162 
GLU CD     C N N 163 
GLU OE1    O N N 164 
GLU OE2    O N N 165 
GLU OXT    O N N 166 
GLU H      H N N 167 
GLU H2     H N N 168 
GLU HA     H N N 169 
GLU HB2    H N N 170 
GLU HB3    H N N 171 
GLU HG2    H N N 172 
GLU HG3    H N N 173 
GLU HE2    H N N 174 
GLU HXT    H N N 175 
GLY N      N N N 176 
GLY CA     C N N 177 
GLY C      C N N 178 
GLY O      O N N 179 
GLY OXT    O N N 180 
GLY H      H N N 181 
GLY H2     H N N 182 
GLY HA2    H N N 183 
GLY HA3    H N N 184 
GLY HXT    H N N 185 
HIS N      N N N 186 
HIS CA     C N S 187 
HIS C      C N N 188 
HIS O      O N N 189 
HIS CB     C N N 190 
HIS CG     C Y N 191 
HIS ND1    N Y N 192 
HIS CD2    C Y N 193 
HIS CE1    C Y N 194 
HIS NE2    N Y N 195 
HIS OXT    O N N 196 
HIS H      H N N 197 
HIS H2     H N N 198 
HIS HA     H N N 199 
HIS HB2    H N N 200 
HIS HB3    H N N 201 
HIS HD1    H N N 202 
HIS HD2    H N N 203 
HIS HE1    H N N 204 
HIS HE2    H N N 205 
HIS HXT    H N N 206 
HOH O      O N N 207 
HOH H1     H N N 208 
HOH H2     H N N 209 
ILE N      N N N 210 
ILE CA     C N S 211 
ILE C      C N N 212 
ILE O      O N N 213 
ILE CB     C N S 214 
ILE CG1    C N N 215 
ILE CG2    C N N 216 
ILE CD1    C N N 217 
ILE OXT    O N N 218 
ILE H      H N N 219 
ILE H2     H N N 220 
ILE HA     H N N 221 
ILE HB     H N N 222 
ILE HG12   H N N 223 
ILE HG13   H N N 224 
ILE HG21   H N N 225 
ILE HG22   H N N 226 
ILE HG23   H N N 227 
ILE HD11   H N N 228 
ILE HD12   H N N 229 
ILE HD13   H N N 230 
ILE HXT    H N N 231 
LEU N      N N N 232 
LEU CA     C N S 233 
LEU C      C N N 234 
LEU O      O N N 235 
LEU CB     C N N 236 
LEU CG     C N N 237 
LEU CD1    C N N 238 
LEU CD2    C N N 239 
LEU OXT    O N N 240 
LEU H      H N N 241 
LEU H2     H N N 242 
LEU HA     H N N 243 
LEU HB2    H N N 244 
LEU HB3    H N N 245 
LEU HG     H N N 246 
LEU HD11   H N N 247 
LEU HD12   H N N 248 
LEU HD13   H N N 249 
LEU HD21   H N N 250 
LEU HD22   H N N 251 
LEU HD23   H N N 252 
LEU HXT    H N N 253 
LYS N      N N N 254 
LYS CA     C N S 255 
LYS C      C N N 256 
LYS O      O N N 257 
LYS CB     C N N 258 
LYS CG     C N N 259 
LYS CD     C N N 260 
LYS CE     C N N 261 
LYS NZ     N N N 262 
LYS OXT    O N N 263 
LYS H      H N N 264 
LYS H2     H N N 265 
LYS HA     H N N 266 
LYS HB2    H N N 267 
LYS HB3    H N N 268 
LYS HG2    H N N 269 
LYS HG3    H N N 270 
LYS HD2    H N N 271 
LYS HD3    H N N 272 
LYS HE2    H N N 273 
LYS HE3    H N N 274 
LYS HZ1    H N N 275 
LYS HZ2    H N N 276 
LYS HZ3    H N N 277 
LYS HXT    H N N 278 
MET N      N N N 279 
MET CA     C N S 280 
MET C      C N N 281 
MET O      O N N 282 
MET CB     C N N 283 
MET CG     C N N 284 
MET SD     S N N 285 
MET CE     C N N 286 
MET OXT    O N N 287 
MET H      H N N 288 
MET H2     H N N 289 
MET HA     H N N 290 
MET HB2    H N N 291 
MET HB3    H N N 292 
MET HG2    H N N 293 
MET HG3    H N N 294 
MET HE1    H N N 295 
MET HE2    H N N 296 
MET HE3    H N N 297 
MET HXT    H N N 298 
NDP PA     P N S 299 
NDP O1A    O N N 300 
NDP O2A    O N N 301 
NDP O5B    O N N 302 
NDP C5B    C N N 303 
NDP C4B    C N R 304 
NDP O4B    O N N 305 
NDP C3B    C N R 306 
NDP O3B    O N N 307 
NDP C2B    C N R 308 
NDP O2B    O N N 309 
NDP C1B    C N R 310 
NDP N9A    N Y N 311 
NDP C8A    C Y N 312 
NDP N7A    N Y N 313 
NDP C5A    C Y N 314 
NDP C6A    C Y N 315 
NDP N6A    N N N 316 
NDP N1A    N Y N 317 
NDP C2A    C Y N 318 
NDP N3A    N Y N 319 
NDP C4A    C Y N 320 
NDP O3     O N N 321 
NDP PN     P N S 322 
NDP O1N    O N N 323 
NDP O2N    O N N 324 
NDP O5D    O N N 325 
NDP C5D    C N N 326 
NDP C4D    C N R 327 
NDP O4D    O N N 328 
NDP C3D    C N S 329 
NDP O3D    O N N 330 
NDP C2D    C N R 331 
NDP O2D    O N N 332 
NDP C1D    C N R 333 
NDP N1N    N N N 334 
NDP C2N    C N N 335 
NDP C3N    C N N 336 
NDP C7N    C N N 337 
NDP O7N    O N N 338 
NDP N7N    N N N 339 
NDP C4N    C N N 340 
NDP C5N    C N N 341 
NDP C6N    C N N 342 
NDP P2B    P N N 343 
NDP O1X    O N N 344 
NDP O2X    O N N 345 
NDP O3X    O N N 346 
NDP HOA2   H N N 347 
NDP H51A   H N N 348 
NDP H52A   H N N 349 
NDP H4B    H N N 350 
NDP H3B    H N N 351 
NDP HO3A   H N N 352 
NDP H2B    H N N 353 
NDP H1B    H N N 354 
NDP H8A    H N N 355 
NDP H61A   H N N 356 
NDP H62A   H N N 357 
NDP H2A    H N N 358 
NDP H21N   H N N 359 
NDP H51N   H N N 360 
NDP H52N   H N N 361 
NDP H4D    H N N 362 
NDP H3D    H N N 363 
NDP HO3N   H N N 364 
NDP H2D    H N N 365 
NDP HO2N   H N N 366 
NDP H1D    H N N 367 
NDP H2N    H N N 368 
NDP H71N   H N N 369 
NDP H72N   H N N 370 
NDP H41N   H N N 371 
NDP H42N   H N N 372 
NDP H5N    H N N 373 
NDP H6N    H N N 374 
NDP HOP2   H N N 375 
NDP HOP3   H N N 376 
PHE N      N N N 377 
PHE CA     C N S 378 
PHE C      C N N 379 
PHE O      O N N 380 
PHE CB     C N N 381 
PHE CG     C Y N 382 
PHE CD1    C Y N 383 
PHE CD2    C Y N 384 
PHE CE1    C Y N 385 
PHE CE2    C Y N 386 
PHE CZ     C Y N 387 
PHE OXT    O N N 388 
PHE H      H N N 389 
PHE H2     H N N 390 
PHE HA     H N N 391 
PHE HB2    H N N 392 
PHE HB3    H N N 393 
PHE HD1    H N N 394 
PHE HD2    H N N 395 
PHE HE1    H N N 396 
PHE HE2    H N N 397 
PHE HZ     H N N 398 
PHE HXT    H N N 399 
PRO N      N N N 400 
PRO CA     C N S 401 
PRO C      C N N 402 
PRO O      O N N 403 
PRO CB     C N N 404 
PRO CG     C N N 405 
PRO CD     C N N 406 
PRO OXT    O N N 407 
PRO H      H N N 408 
PRO HA     H N N 409 
PRO HB2    H N N 410 
PRO HB3    H N N 411 
PRO HG2    H N N 412 
PRO HG3    H N N 413 
PRO HD2    H N N 414 
PRO HD3    H N N 415 
PRO HXT    H N N 416 
SER N      N N N 417 
SER CA     C N S 418 
SER C      C N N 419 
SER O      O N N 420 
SER CB     C N N 421 
SER OG     O N N 422 
SER OXT    O N N 423 
SER H      H N N 424 
SER H2     H N N 425 
SER HA     H N N 426 
SER HB2    H N N 427 
SER HB3    H N N 428 
SER HG     H N N 429 
SER HXT    H N N 430 
THR N      N N N 431 
THR CA     C N S 432 
THR C      C N N 433 
THR O      O N N 434 
THR CB     C N R 435 
THR OG1    O N N 436 
THR CG2    C N N 437 
THR OXT    O N N 438 
THR H      H N N 439 
THR H2     H N N 440 
THR HA     H N N 441 
THR HB     H N N 442 
THR HG1    H N N 443 
THR HG21   H N N 444 
THR HG22   H N N 445 
THR HG23   H N N 446 
THR HXT    H N N 447 
TRP N      N N N 448 
TRP CA     C N S 449 
TRP C      C N N 450 
TRP O      O N N 451 
TRP CB     C N N 452 
TRP CG     C Y N 453 
TRP CD1    C Y N 454 
TRP CD2    C Y N 455 
TRP NE1    N Y N 456 
TRP CE2    C Y N 457 
TRP CE3    C Y N 458 
TRP CZ2    C Y N 459 
TRP CZ3    C Y N 460 
TRP CH2    C Y N 461 
TRP OXT    O N N 462 
TRP H      H N N 463 
TRP H2     H N N 464 
TRP HA     H N N 465 
TRP HB2    H N N 466 
TRP HB3    H N N 467 
TRP HD1    H N N 468 
TRP HE1    H N N 469 
TRP HE3    H N N 470 
TRP HZ2    H N N 471 
TRP HZ3    H N N 472 
TRP HH2    H N N 473 
TRP HXT    H N N 474 
TYR N      N N N 475 
TYR CA     C N S 476 
TYR C      C N N 477 
TYR O      O N N 478 
TYR CB     C N N 479 
TYR CG     C Y N 480 
TYR CD1    C Y N 481 
TYR CD2    C Y N 482 
TYR CE1    C Y N 483 
TYR CE2    C Y N 484 
TYR CZ     C Y N 485 
TYR OH     O N N 486 
TYR OXT    O N N 487 
TYR H      H N N 488 
TYR H2     H N N 489 
TYR HA     H N N 490 
TYR HB2    H N N 491 
TYR HB3    H N N 492 
TYR HD1    H N N 493 
TYR HD2    H N N 494 
TYR HE1    H N N 495 
TYR HE2    H N N 496 
TYR HH     H N N 497 
TYR HXT    H N N 498 
VAL N      N N N 499 
VAL CA     C N S 500 
VAL C      C N N 501 
VAL O      O N N 502 
VAL CB     C N N 503 
VAL CG1    C N N 504 
VAL CG2    C N N 505 
VAL OXT    O N N 506 
VAL H      H N N 507 
VAL H2     H N N 508 
VAL HA     H N N 509 
VAL HB     H N N 510 
VAL HG11   H N N 511 
VAL HG12   H N N 512 
VAL HG13   H N N 513 
VAL HG21   H N N 514 
VAL HG22   H N N 515 
VAL HG23   H N N 516 
VAL HXT    H N N 517 
# 
loop_
_chem_comp_bond.comp_id 
_chem_comp_bond.atom_id_1 
_chem_comp_bond.atom_id_2 
_chem_comp_bond.value_order 
_chem_comp_bond.pdbx_aromatic_flag 
_chem_comp_bond.pdbx_stereo_config 
_chem_comp_bond.pdbx_ordinal 
ALA N     CA     sing N N 1   
ALA N     H      sing N N 2   
ALA N     H2     sing N N 3   
ALA CA    C      sing N N 4   
ALA CA    CB     sing N N 5   
ALA CA    HA     sing N N 6   
ALA C     O      doub N N 7   
ALA C     OXT    sing N N 8   
ALA CB    HB1    sing N N 9   
ALA CB    HB2    sing N N 10  
ALA CB    HB3    sing N N 11  
ALA OXT   HXT    sing N N 12  
ARG N     CA     sing N N 13  
ARG N     H      sing N N 14  
ARG N     H2     sing N N 15  
ARG CA    C      sing N N 16  
ARG CA    CB     sing N N 17  
ARG CA    HA     sing N N 18  
ARG C     O      doub N N 19  
ARG C     OXT    sing N N 20  
ARG CB    CG     sing N N 21  
ARG CB    HB2    sing N N 22  
ARG CB    HB3    sing N N 23  
ARG CG    CD     sing N N 24  
ARG CG    HG2    sing N N 25  
ARG CG    HG3    sing N N 26  
ARG CD    NE     sing N N 27  
ARG CD    HD2    sing N N 28  
ARG CD    HD3    sing N N 29  
ARG NE    CZ     sing N N 30  
ARG NE    HE     sing N N 31  
ARG CZ    NH1    sing N N 32  
ARG CZ    NH2    doub N N 33  
ARG NH1   HH11   sing N N 34  
ARG NH1   HH12   sing N N 35  
ARG NH2   HH21   sing N N 36  
ARG NH2   HH22   sing N N 37  
ARG OXT   HXT    sing N N 38  
ASN N     CA     sing N N 39  
ASN N     H      sing N N 40  
ASN N     H2     sing N N 41  
ASN CA    C      sing N N 42  
ASN CA    CB     sing N N 43  
ASN CA    HA     sing N N 44  
ASN C     O      doub N N 45  
ASN C     OXT    sing N N 46  
ASN CB    CG     sing N N 47  
ASN CB    HB2    sing N N 48  
ASN CB    HB3    sing N N 49  
ASN CG    OD1    doub N N 50  
ASN CG    ND2    sing N N 51  
ASN ND2   HD21   sing N N 52  
ASN ND2   HD22   sing N N 53  
ASN OXT   HXT    sing N N 54  
ASP N     CA     sing N N 55  
ASP N     H      sing N N 56  
ASP N     H2     sing N N 57  
ASP CA    C      sing N N 58  
ASP CA    CB     sing N N 59  
ASP CA    HA     sing N N 60  
ASP C     O      doub N N 61  
ASP C     OXT    sing N N 62  
ASP CB    CG     sing N N 63  
ASP CB    HB2    sing N N 64  
ASP CB    HB3    sing N N 65  
ASP CG    OD1    doub N N 66  
ASP CG    OD2    sing N N 67  
ASP OD2   HD2    sing N N 68  
ASP OXT   HXT    sing N N 69  
CYS N     CA     sing N N 70  
CYS N     H      sing N N 71  
CYS N     H2     sing N N 72  
CYS CA    C      sing N N 73  
CYS CA    CB     sing N N 74  
CYS CA    HA     sing N N 75  
CYS C     O      doub N N 76  
CYS C     OXT    sing N N 77  
CYS CB    SG     sing N N 78  
CYS CB    HB2    sing N N 79  
CYS CB    HB3    sing N N 80  
CYS SG    HG     sing N N 81  
CYS OXT   HXT    sing N N 82  
DH3 N4    C4     sing N N 83  
DH3 N4    HN41   sing N N 84  
DH3 N4    HN42   sing N N 85  
DH3 C4    N3     sing Y N 86  
DH3 C4    C5     doub Y N 87  
DH3 N3    C2     doub Y N 88  
DH3 C2    N2     sing N N 89  
DH3 C2    N1     sing Y N 90  
DH3 N2    HN21   sing N N 91  
DH3 N2    HN22   sing N N 92  
DH3 N1    C6     doub Y N 93  
DH3 C6    C5     sing Y N 94  
DH3 C6    H6     sing N N 95  
DH3 C5    C51    sing N N 96  
DH3 C51   "C1'"  sing N N 97  
DH3 C51   H511   sing N N 98  
DH3 C51   H512   sing N N 99  
DH3 "C1'" "C6'"  doub Y N 100 
DH3 "C1'" "C2'"  sing Y N 101 
DH3 "C6'" C52    sing Y N 102 
DH3 "C6'" "H6'"  sing N N 103 
DH3 C52   C53    sing N N 104 
DH3 C52   "C4'"  doub Y N 105 
DH3 C53   C54    trip N N 106 
DH3 C54   C1     sing N N 107 
DH3 C1    C3     sing N N 108 
DH3 C1    H11    sing N N 109 
DH3 C1    H12    sing N N 110 
DH3 C3    C7     sing N N 111 
DH3 C3    H31    sing N N 112 
DH3 C3    H32    sing N N 113 
DH3 C7    C8     sing N N 114 
DH3 C7    H71    sing N N 115 
DH3 C7    H72    sing N N 116 
DH3 C8    O10    doub N N 117 
DH3 C8    O9     sing N N 118 
DH3 O9    HO9    sing N N 119 
DH3 "C4'" O5     sing N N 120 
DH3 "C4'" "C3'"  sing Y N 121 
DH3 O5    "C5'"  sing N N 122 
DH3 "C5'" "H5'1" sing N N 123 
DH3 "C5'" "H5'2" sing N N 124 
DH3 "C5'" "H5'3" sing N N 125 
DH3 "C3'" O4     sing N N 126 
DH3 "C3'" "C2'"  doub Y N 127 
DH3 O4    C4B    sing N N 128 
DH3 C4B   "H4'1" sing N N 129 
DH3 C4B   "H4'2" sing N N 130 
DH3 C4B   "H4'3" sing N N 131 
DH3 "C2'" "H2'"  sing N N 132 
GLN N     CA     sing N N 133 
GLN N     H      sing N N 134 
GLN N     H2     sing N N 135 
GLN CA    C      sing N N 136 
GLN CA    CB     sing N N 137 
GLN CA    HA     sing N N 138 
GLN C     O      doub N N 139 
GLN C     OXT    sing N N 140 
GLN CB    CG     sing N N 141 
GLN CB    HB2    sing N N 142 
GLN CB    HB3    sing N N 143 
GLN CG    CD     sing N N 144 
GLN CG    HG2    sing N N 145 
GLN CG    HG3    sing N N 146 
GLN CD    OE1    doub N N 147 
GLN CD    NE2    sing N N 148 
GLN NE2   HE21   sing N N 149 
GLN NE2   HE22   sing N N 150 
GLN OXT   HXT    sing N N 151 
GLU N     CA     sing N N 152 
GLU N     H      sing N N 153 
GLU N     H2     sing N N 154 
GLU CA    C      sing N N 155 
GLU CA    CB     sing N N 156 
GLU CA    HA     sing N N 157 
GLU C     O      doub N N 158 
GLU C     OXT    sing N N 159 
GLU CB    CG     sing N N 160 
GLU CB    HB2    sing N N 161 
GLU CB    HB3    sing N N 162 
GLU CG    CD     sing N N 163 
GLU CG    HG2    sing N N 164 
GLU CG    HG3    sing N N 165 
GLU CD    OE1    doub N N 166 
GLU CD    OE2    sing N N 167 
GLU OE2   HE2    sing N N 168 
GLU OXT   HXT    sing N N 169 
GLY N     CA     sing N N 170 
GLY N     H      sing N N 171 
GLY N     H2     sing N N 172 
GLY CA    C      sing N N 173 
GLY CA    HA2    sing N N 174 
GLY CA    HA3    sing N N 175 
GLY C     O      doub N N 176 
GLY C     OXT    sing N N 177 
GLY OXT   HXT    sing N N 178 
HIS N     CA     sing N N 179 
HIS N     H      sing N N 180 
HIS N     H2     sing N N 181 
HIS CA    C      sing N N 182 
HIS CA    CB     sing N N 183 
HIS CA    HA     sing N N 184 
HIS C     O      doub N N 185 
HIS C     OXT    sing N N 186 
HIS CB    CG     sing N N 187 
HIS CB    HB2    sing N N 188 
HIS CB    HB3    sing N N 189 
HIS CG    ND1    sing Y N 190 
HIS CG    CD2    doub Y N 191 
HIS ND1   CE1    doub Y N 192 
HIS ND1   HD1    sing N N 193 
HIS CD2   NE2    sing Y N 194 
HIS CD2   HD2    sing N N 195 
HIS CE1   NE2    sing Y N 196 
HIS CE1   HE1    sing N N 197 
HIS NE2   HE2    sing N N 198 
HIS OXT   HXT    sing N N 199 
HOH O     H1     sing N N 200 
HOH O     H2     sing N N 201 
ILE N     CA     sing N N 202 
ILE N     H      sing N N 203 
ILE N     H2     sing N N 204 
ILE CA    C      sing N N 205 
ILE CA    CB     sing N N 206 
ILE CA    HA     sing N N 207 
ILE C     O      doub N N 208 
ILE C     OXT    sing N N 209 
ILE CB    CG1    sing N N 210 
ILE CB    CG2    sing N N 211 
ILE CB    HB     sing N N 212 
ILE CG1   CD1    sing N N 213 
ILE CG1   HG12   sing N N 214 
ILE CG1   HG13   sing N N 215 
ILE CG2   HG21   sing N N 216 
ILE CG2   HG22   sing N N 217 
ILE CG2   HG23   sing N N 218 
ILE CD1   HD11   sing N N 219 
ILE CD1   HD12   sing N N 220 
ILE CD1   HD13   sing N N 221 
ILE OXT   HXT    sing N N 222 
LEU N     CA     sing N N 223 
LEU N     H      sing N N 224 
LEU N     H2     sing N N 225 
LEU CA    C      sing N N 226 
LEU CA    CB     sing N N 227 
LEU CA    HA     sing N N 228 
LEU C     O      doub N N 229 
LEU C     OXT    sing N N 230 
LEU CB    CG     sing N N 231 
LEU CB    HB2    sing N N 232 
LEU CB    HB3    sing N N 233 
LEU CG    CD1    sing N N 234 
LEU CG    CD2    sing N N 235 
LEU CG    HG     sing N N 236 
LEU CD1   HD11   sing N N 237 
LEU CD1   HD12   sing N N 238 
LEU CD1   HD13   sing N N 239 
LEU CD2   HD21   sing N N 240 
LEU CD2   HD22   sing N N 241 
LEU CD2   HD23   sing N N 242 
LEU OXT   HXT    sing N N 243 
LYS N     CA     sing N N 244 
LYS N     H      sing N N 245 
LYS N     H2     sing N N 246 
LYS CA    C      sing N N 247 
LYS CA    CB     sing N N 248 
LYS CA    HA     sing N N 249 
LYS C     O      doub N N 250 
LYS C     OXT    sing N N 251 
LYS CB    CG     sing N N 252 
LYS CB    HB2    sing N N 253 
LYS CB    HB3    sing N N 254 
LYS CG    CD     sing N N 255 
LYS CG    HG2    sing N N 256 
LYS CG    HG3    sing N N 257 
LYS CD    CE     sing N N 258 
LYS CD    HD2    sing N N 259 
LYS CD    HD3    sing N N 260 
LYS CE    NZ     sing N N 261 
LYS CE    HE2    sing N N 262 
LYS CE    HE3    sing N N 263 
LYS NZ    HZ1    sing N N 264 
LYS NZ    HZ2    sing N N 265 
LYS NZ    HZ3    sing N N 266 
LYS OXT   HXT    sing N N 267 
MET N     CA     sing N N 268 
MET N     H      sing N N 269 
MET N     H2     sing N N 270 
MET CA    C      sing N N 271 
MET CA    CB     sing N N 272 
MET CA    HA     sing N N 273 
MET C     O      doub N N 274 
MET C     OXT    sing N N 275 
MET CB    CG     sing N N 276 
MET CB    HB2    sing N N 277 
MET CB    HB3    sing N N 278 
MET CG    SD     sing N N 279 
MET CG    HG2    sing N N 280 
MET CG    HG3    sing N N 281 
MET SD    CE     sing N N 282 
MET CE    HE1    sing N N 283 
MET CE    HE2    sing N N 284 
MET CE    HE3    sing N N 285 
MET OXT   HXT    sing N N 286 
NDP PA    O1A    doub N N 287 
NDP PA    O2A    sing N N 288 
NDP PA    O5B    sing N N 289 
NDP PA    O3     sing N N 290 
NDP O2A   HOA2   sing N N 291 
NDP O5B   C5B    sing N N 292 
NDP C5B   C4B    sing N N 293 
NDP C5B   H51A   sing N N 294 
NDP C5B   H52A   sing N N 295 
NDP C4B   O4B    sing N N 296 
NDP C4B   C3B    sing N N 297 
NDP C4B   H4B    sing N N 298 
NDP O4B   C1B    sing N N 299 
NDP C3B   O3B    sing N N 300 
NDP C3B   C2B    sing N N 301 
NDP C3B   H3B    sing N N 302 
NDP O3B   HO3A   sing N N 303 
NDP C2B   O2B    sing N N 304 
NDP C2B   C1B    sing N N 305 
NDP C2B   H2B    sing N N 306 
NDP O2B   P2B    sing N N 307 
NDP C1B   N9A    sing N N 308 
NDP C1B   H1B    sing N N 309 
NDP N9A   C8A    sing Y N 310 
NDP N9A   C4A    sing Y N 311 
NDP C8A   N7A    doub Y N 312 
NDP C8A   H8A    sing N N 313 
NDP N7A   C5A    sing Y N 314 
NDP C5A   C6A    sing Y N 315 
NDP C5A   C4A    doub Y N 316 
NDP C6A   N6A    sing N N 317 
NDP C6A   N1A    doub Y N 318 
NDP N6A   H61A   sing N N 319 
NDP N6A   H62A   sing N N 320 
NDP N1A   C2A    sing Y N 321 
NDP C2A   N3A    doub Y N 322 
NDP C2A   H2A    sing N N 323 
NDP N3A   C4A    sing Y N 324 
NDP O3    PN     sing N N 325 
NDP PN    O1N    doub N N 326 
NDP PN    O2N    sing N N 327 
NDP PN    O5D    sing N N 328 
NDP O2N   H21N   sing N N 329 
NDP O5D   C5D    sing N N 330 
NDP C5D   C4D    sing N N 331 
NDP C5D   H51N   sing N N 332 
NDP C5D   H52N   sing N N 333 
NDP C4D   O4D    sing N N 334 
NDP C4D   C3D    sing N N 335 
NDP C4D   H4D    sing N N 336 
NDP O4D   C1D    sing N N 337 
NDP C3D   O3D    sing N N 338 
NDP C3D   C2D    sing N N 339 
NDP C3D   H3D    sing N N 340 
NDP O3D   HO3N   sing N N 341 
NDP C2D   O2D    sing N N 342 
NDP C2D   C1D    sing N N 343 
NDP C2D   H2D    sing N N 344 
NDP O2D   HO2N   sing N N 345 
NDP C1D   N1N    sing N N 346 
NDP C1D   H1D    sing N N 347 
NDP N1N   C2N    sing N N 348 
NDP N1N   C6N    sing N N 349 
NDP C2N   C3N    doub N N 350 
NDP C2N   H2N    sing N N 351 
NDP C3N   C7N    sing N N 352 
NDP C3N   C4N    sing N N 353 
NDP C7N   O7N    doub N N 354 
NDP C7N   N7N    sing N N 355 
NDP N7N   H71N   sing N N 356 
NDP N7N   H72N   sing N N 357 
NDP C4N   C5N    sing N N 358 
NDP C4N   H41N   sing N N 359 
NDP C4N   H42N   sing N N 360 
NDP C5N   C6N    doub N N 361 
NDP C5N   H5N    sing N N 362 
NDP C6N   H6N    sing N N 363 
NDP P2B   O1X    doub N N 364 
NDP P2B   O2X    sing N N 365 
NDP P2B   O3X    sing N N 366 
NDP O2X   HOP2   sing N N 367 
NDP O3X   HOP3   sing N N 368 
PHE N     CA     sing N N 369 
PHE N     H      sing N N 370 
PHE N     H2     sing N N 371 
PHE CA    C      sing N N 372 
PHE CA    CB     sing N N 373 
PHE CA    HA     sing N N 374 
PHE C     O      doub N N 375 
PHE C     OXT    sing N N 376 
PHE CB    CG     sing N N 377 
PHE CB    HB2    sing N N 378 
PHE CB    HB3    sing N N 379 
PHE CG    CD1    doub Y N 380 
PHE CG    CD2    sing Y N 381 
PHE CD1   CE1    sing Y N 382 
PHE CD1   HD1    sing N N 383 
PHE CD2   CE2    doub Y N 384 
PHE CD2   HD2    sing N N 385 
PHE CE1   CZ     doub Y N 386 
PHE CE1   HE1    sing N N 387 
PHE CE2   CZ     sing Y N 388 
PHE CE2   HE2    sing N N 389 
PHE CZ    HZ     sing N N 390 
PHE OXT   HXT    sing N N 391 
PRO N     CA     sing N N 392 
PRO N     CD     sing N N 393 
PRO N     H      sing N N 394 
PRO CA    C      sing N N 395 
PRO CA    CB     sing N N 396 
PRO CA    HA     sing N N 397 
PRO C     O      doub N N 398 
PRO C     OXT    sing N N 399 
PRO CB    CG     sing N N 400 
PRO CB    HB2    sing N N 401 
PRO CB    HB3    sing N N 402 
PRO CG    CD     sing N N 403 
PRO CG    HG2    sing N N 404 
PRO CG    HG3    sing N N 405 
PRO CD    HD2    sing N N 406 
PRO CD    HD3    sing N N 407 
PRO OXT   HXT    sing N N 408 
SER N     CA     sing N N 409 
SER N     H      sing N N 410 
SER N     H2     sing N N 411 
SER CA    C      sing N N 412 
SER CA    CB     sing N N 413 
SER CA    HA     sing N N 414 
SER C     O      doub N N 415 
SER C     OXT    sing N N 416 
SER CB    OG     sing N N 417 
SER CB    HB2    sing N N 418 
SER CB    HB3    sing N N 419 
SER OG    HG     sing N N 420 
SER OXT   HXT    sing N N 421 
THR N     CA     sing N N 422 
THR N     H      sing N N 423 
THR N     H2     sing N N 424 
THR CA    C      sing N N 425 
THR CA    CB     sing N N 426 
THR CA    HA     sing N N 427 
THR C     O      doub N N 428 
THR C     OXT    sing N N 429 
THR CB    OG1    sing N N 430 
THR CB    CG2    sing N N 431 
THR CB    HB     sing N N 432 
THR OG1   HG1    sing N N 433 
THR CG2   HG21   sing N N 434 
THR CG2   HG22   sing N N 435 
THR CG2   HG23   sing N N 436 
THR OXT   HXT    sing N N 437 
TRP N     CA     sing N N 438 
TRP N     H      sing N N 439 
TRP N     H2     sing N N 440 
TRP CA    C      sing N N 441 
TRP CA    CB     sing N N 442 
TRP CA    HA     sing N N 443 
TRP C     O      doub N N 444 
TRP C     OXT    sing N N 445 
TRP CB    CG     sing N N 446 
TRP CB    HB2    sing N N 447 
TRP CB    HB3    sing N N 448 
TRP CG    CD1    doub Y N 449 
TRP CG    CD2    sing Y N 450 
TRP CD1   NE1    sing Y N 451 
TRP CD1   HD1    sing N N 452 
TRP CD2   CE2    doub Y N 453 
TRP CD2   CE3    sing Y N 454 
TRP NE1   CE2    sing Y N 455 
TRP NE1   HE1    sing N N 456 
TRP CE2   CZ2    sing Y N 457 
TRP CE3   CZ3    doub Y N 458 
TRP CE3   HE3    sing N N 459 
TRP CZ2   CH2    doub Y N 460 
TRP CZ2   HZ2    sing N N 461 
TRP CZ3   CH2    sing Y N 462 
TRP CZ3   HZ3    sing N N 463 
TRP CH2   HH2    sing N N 464 
TRP OXT   HXT    sing N N 465 
TYR N     CA     sing N N 466 
TYR N     H      sing N N 467 
TYR N     H2     sing N N 468 
TYR CA    C      sing N N 469 
TYR CA    CB     sing N N 470 
TYR CA    HA     sing N N 471 
TYR C     O      doub N N 472 
TYR C     OXT    sing N N 473 
TYR CB    CG     sing N N 474 
TYR CB    HB2    sing N N 475 
TYR CB    HB3    sing N N 476 
TYR CG    CD1    doub Y N 477 
TYR CG    CD2    sing Y N 478 
TYR CD1   CE1    sing Y N 479 
TYR CD1   HD1    sing N N 480 
TYR CD2   CE2    doub Y N 481 
TYR CD2   HD2    sing N N 482 
TYR CE1   CZ     doub Y N 483 
TYR CE1   HE1    sing N N 484 
TYR CE2   CZ     sing Y N 485 
TYR CE2   HE2    sing N N 486 
TYR CZ    OH     sing N N 487 
TYR OH    HH     sing N N 488 
TYR OXT   HXT    sing N N 489 
VAL N     CA     sing N N 490 
VAL N     H      sing N N 491 
VAL N     H2     sing N N 492 
VAL CA    C      sing N N 493 
VAL CA    CB     sing N N 494 
VAL CA    HA     sing N N 495 
VAL C     O      doub N N 496 
VAL C     OXT    sing N N 497 
VAL CB    CG1    sing N N 498 
VAL CB    CG2    sing N N 499 
VAL CB    HB     sing N N 500 
VAL CG1   HG11   sing N N 501 
VAL CG1   HG12   sing N N 502 
VAL CG1   HG13   sing N N 503 
VAL CG2   HG21   sing N N 504 
VAL CG2   HG22   sing N N 505 
VAL CG2   HG23   sing N N 506 
VAL OXT   HXT    sing N N 507 
# 
loop_
_pdbx_entity_nonpoly.entity_id 
_pdbx_entity_nonpoly.name 
_pdbx_entity_nonpoly.comp_id 
2 'NADPH DIHYDRO-NICOTINAMIDE-ADENINE-DINUCLEOTIDE PHOSPHATE'                   NDP 
3 
;2,4-DIAMINO-5-[3',4'-DIMETHOXY-5'-(5-CARBOXYL-1-PENTYNYL)]BENZYL PYRIMIDINE
;
DH3 
4 water                                                                         HOH 
# 
_pdbx_initial_refinement_model.id               1 
_pdbx_initial_refinement_model.entity_id_list   ? 
_pdbx_initial_refinement_model.type             'experimental model' 
_pdbx_initial_refinement_model.source_name      PDB 
_pdbx_initial_refinement_model.accession_code   1U70 
_pdbx_initial_refinement_model.details          'PDB ENTRY 1U70' 
# 
